data_5W18
#
_entry.id   5W18
#
_cell.length_a   94.923
_cell.length_b   126.376
_cell.length_c   146.057
_cell.angle_alpha   90.000
_cell.angle_beta   93.420
_cell.angle_gamma   90.000
#
_symmetry.space_group_name_H-M   'P 1 21 1'
#
loop_
_entity.id
_entity.type
_entity.pdbx_description
1 polymer 'ATP-dependent Clp protease proteolytic subunit'
2 polymer 9V7-PHE-SER-PRO-YCP-ALA-MP8
3 water water
#
loop_
_entity_poly.entity_id
_entity_poly.type
_entity_poly.pdbx_seq_one_letter_code
_entity_poly.pdbx_strand_id
1 'polypeptide(L)'
;MNLIPTVIETTNRGERAYDIYSRLLKDRIIMLGSQIDDNVANSIVSQLLFLQAQDSEKDIYLYINSPGGSVTAGFAIYDT
IQHIKPDVQTICIGMAASMGSFLLAAGAKGKRFALPNAEVMIHQPLGGAQGQATEIEIAANHILKTREKLNRILSERTGQ
SIEKIQKDTDRDNFLTAEEAKEYGLIDEVMVPETKLEHHHHHH
;
A,B,C,D,E,F,G,I,K,L,M,N,S,T
2 'polypeptide(L)' (9V7)FSP(YCP)A(MP8) H,J,O,P,Q,R,U,V,X,Y,Z,a,b,c
#
# COMPACT_ATOMS: atom_id res chain seq x y z
N ILE A 4 -22.60 -18.88 -15.08
CA ILE A 4 -24.08 -18.89 -15.54
C ILE A 4 -24.13 -19.98 -16.62
N PRO A 5 -24.84 -21.10 -16.37
CA PRO A 5 -24.96 -22.13 -17.44
C PRO A 5 -25.98 -21.72 -18.55
N THR A 6 -25.93 -22.51 -19.61
CA THR A 6 -26.61 -22.36 -20.90
C THR A 6 -27.60 -23.54 -21.06
N VAL A 7 -28.76 -23.32 -21.76
CA VAL A 7 -29.76 -24.40 -21.99
C VAL A 7 -29.60 -24.77 -23.45
N TYR A 18 -29.03 -20.78 -25.11
CA TYR A 18 -29.05 -19.45 -24.54
C TYR A 18 -28.75 -19.46 -23.00
N ASP A 19 -28.22 -18.38 -22.40
CA ASP A 19 -27.95 -18.37 -20.97
C ASP A 19 -29.32 -18.33 -20.18
N ILE A 20 -29.28 -18.80 -18.93
CA ILE A 20 -30.47 -19.06 -18.15
C ILE A 20 -31.36 -17.80 -17.99
N TYR A 21 -30.73 -16.64 -17.81
CA TYR A 21 -31.50 -15.41 -17.64
C TYR A 21 -32.22 -14.96 -18.92
N SER A 22 -31.54 -15.12 -20.07
CA SER A 22 -32.17 -14.87 -21.34
C SER A 22 -33.34 -15.82 -21.61
N ARG A 23 -33.19 -17.08 -21.21
CA ARG A 23 -34.28 -18.01 -21.35
C ARG A 23 -35.47 -17.60 -20.46
N LEU A 24 -35.22 -17.13 -19.26
CA LEU A 24 -36.29 -16.69 -18.40
C LEU A 24 -36.97 -15.43 -18.91
N LEU A 25 -36.21 -14.55 -19.57
CA LEU A 25 -36.74 -13.33 -20.14
C LEU A 25 -37.74 -13.62 -21.27
N LYS A 26 -37.54 -14.71 -22.00
CA LYS A 26 -38.51 -15.17 -22.96
C LYS A 26 -39.87 -15.56 -22.33
N ASP A 27 -39.88 -15.96 -21.04
CA ASP A 27 -41.11 -16.18 -20.30
C ASP A 27 -41.57 -14.97 -19.51
N ARG A 28 -40.97 -13.81 -19.78
CA ARG A 28 -41.36 -12.54 -19.18
C ARG A 28 -40.95 -12.40 -17.70
N ILE A 29 -39.92 -13.15 -17.31
CA ILE A 29 -39.33 -13.07 -16.02
C ILE A 29 -38.07 -12.20 -16.08
N ILE A 30 -38.02 -11.21 -15.24
CA ILE A 30 -36.89 -10.34 -15.08
C ILE A 30 -36.26 -10.62 -13.69
N MET A 31 -34.95 -10.80 -13.66
CA MET A 31 -34.22 -11.02 -12.44
C MET A 31 -33.56 -9.76 -11.89
N LEU A 32 -33.99 -9.30 -10.69
CA LEU A 32 -33.33 -8.23 -9.97
C LEU A 32 -32.58 -8.92 -8.82
N GLY A 33 -31.34 -9.35 -9.10
CA GLY A 33 -30.59 -10.22 -8.24
C GLY A 33 -29.27 -9.68 -7.75
N SER A 34 -29.13 -8.37 -7.66
CA SER A 34 -27.89 -7.78 -7.22
C SER A 34 -28.14 -6.42 -6.59
N GLN A 35 -27.09 -5.83 -6.08
CA GLN A 35 -27.12 -4.44 -5.66
C GLN A 35 -27.64 -3.55 -6.83
N ILE A 36 -28.47 -2.60 -6.53
CA ILE A 36 -29.06 -1.72 -7.51
C ILE A 36 -28.19 -0.51 -7.79
N ASP A 37 -27.57 -0.47 -8.93
CA ASP A 37 -26.84 0.72 -9.39
C ASP A 37 -27.46 1.12 -10.73
N ASP A 38 -26.90 2.11 -11.38
CA ASP A 38 -27.38 2.57 -12.66
C ASP A 38 -27.39 1.53 -13.79
N ASN A 39 -26.38 0.68 -13.91
CA ASN A 39 -26.37 -0.38 -14.92
C ASN A 39 -27.51 -1.36 -14.74
N VAL A 40 -27.78 -1.77 -13.50
CA VAL A 40 -28.84 -2.67 -13.20
C VAL A 40 -30.19 -2.01 -13.54
N ALA A 41 -30.37 -0.77 -13.12
CA ALA A 41 -31.60 -0.08 -13.44
C ALA A 41 -31.83 0.10 -14.91
N ASN A 42 -30.78 0.44 -15.65
CA ASN A 42 -30.94 0.63 -17.10
C ASN A 42 -31.36 -0.68 -17.82
N SER A 43 -30.78 -1.78 -17.37
CA SER A 43 -31.07 -3.09 -17.88
C SER A 43 -32.52 -3.48 -17.55
N ILE A 44 -32.97 -3.27 -16.32
CA ILE A 44 -34.31 -3.70 -15.93
C ILE A 44 -35.35 -2.82 -16.66
N VAL A 45 -35.10 -1.51 -16.75
CA VAL A 45 -35.95 -0.60 -17.46
C VAL A 45 -36.12 -1.07 -18.93
N SER A 46 -35.00 -1.37 -19.56
CA SER A 46 -35.00 -1.78 -20.92
C SER A 46 -35.79 -3.09 -21.13
N GLN A 47 -35.63 -4.02 -20.21
CA GLN A 47 -36.30 -5.28 -20.23
C GLN A 47 -37.83 -5.06 -20.07
N LEU A 48 -38.22 -4.22 -19.13
CA LEU A 48 -39.62 -3.91 -18.96
C LEU A 48 -40.27 -3.32 -20.22
N LEU A 49 -39.58 -2.39 -20.86
CA LEU A 49 -40.10 -1.75 -22.05
C LEU A 49 -40.17 -2.72 -23.24
N PHE A 50 -39.16 -3.56 -23.35
CA PHE A 50 -39.08 -4.56 -24.39
C PHE A 50 -40.24 -5.55 -24.24
N LEU A 51 -40.50 -6.01 -23.01
CA LEU A 51 -41.59 -6.92 -22.78
C LEU A 51 -42.94 -6.29 -23.09
N GLN A 52 -43.15 -5.04 -22.69
CA GLN A 52 -44.37 -4.32 -23.04
C GLN A 52 -44.54 -4.23 -24.57
N ALA A 53 -43.48 -3.94 -25.30
CA ALA A 53 -43.55 -3.89 -26.77
C ALA A 53 -43.86 -5.25 -27.41
N GLN A 54 -43.41 -6.35 -26.83
CA GLN A 54 -43.74 -7.65 -27.32
C GLN A 54 -45.20 -8.00 -27.04
N ASP A 55 -45.73 -7.59 -25.90
CA ASP A 55 -47.10 -7.88 -25.52
C ASP A 55 -47.50 -6.95 -24.38
N SER A 56 -48.44 -6.05 -24.67
CA SER A 56 -48.84 -5.07 -23.67
C SER A 56 -49.85 -5.61 -22.60
N GLU A 57 -50.49 -6.74 -22.91
CA GLU A 57 -51.46 -7.33 -21.97
C GLU A 57 -50.93 -8.34 -20.96
N LYS A 58 -49.97 -9.16 -21.33
CA LYS A 58 -49.47 -10.22 -20.42
C LYS A 58 -48.63 -9.72 -19.25
N ASP A 59 -48.82 -10.35 -18.11
CA ASP A 59 -48.10 -10.07 -16.90
C ASP A 59 -46.58 -10.26 -17.15
N ILE A 60 -45.81 -9.48 -16.37
CA ILE A 60 -44.37 -9.58 -16.28
C ILE A 60 -44.08 -9.99 -14.83
N TYR A 61 -42.98 -10.71 -14.63
CA TYR A 61 -42.64 -11.22 -13.31
C TYR A 61 -41.24 -10.72 -12.94
N LEU A 62 -41.15 -9.91 -11.88
CA LEU A 62 -39.93 -9.41 -11.34
C LEU A 62 -39.52 -10.17 -10.07
N TYR A 63 -38.49 -10.98 -10.19
CA TYR A 63 -37.95 -11.78 -9.09
C TYR A 63 -36.87 -10.95 -8.39
N ILE A 64 -36.96 -10.84 -7.09
CA ILE A 64 -36.14 -9.91 -6.35
C ILE A 64 -35.34 -10.66 -5.31
N ASN A 65 -34.00 -10.54 -5.42
CA ASN A 65 -33.07 -10.93 -4.39
C ASN A 65 -31.95 -9.89 -4.37
N SER A 66 -32.15 -8.82 -3.61
CA SER A 66 -31.34 -7.64 -3.69
C SER A 66 -31.23 -6.96 -2.33
N PRO A 67 -30.01 -6.48 -1.98
CA PRO A 67 -29.83 -5.66 -0.76
C PRO A 67 -30.19 -4.21 -0.96
N GLY A 68 -30.70 -3.82 -2.13
CA GLY A 68 -30.94 -2.43 -2.41
C GLY A 68 -29.81 -1.76 -3.15
N GLY A 69 -29.66 -0.46 -2.97
CA GLY A 69 -28.66 0.35 -3.61
C GLY A 69 -29.18 1.74 -3.89
N SER A 70 -28.82 2.29 -5.04
CA SER A 70 -29.10 3.68 -5.40
C SER A 70 -30.63 3.96 -5.48
N VAL A 71 -31.05 5.00 -4.80
CA VAL A 71 -32.40 5.43 -4.76
C VAL A 71 -32.92 5.93 -6.14
N THR A 72 -32.09 6.71 -6.82
CA THR A 72 -32.48 7.21 -8.12
C THR A 72 -32.57 6.04 -9.13
N ALA A 73 -31.65 5.08 -9.01
CA ALA A 73 -31.71 3.93 -9.87
C ALA A 73 -32.99 3.11 -9.60
N GLY A 74 -33.32 2.95 -8.33
CA GLY A 74 -34.54 2.30 -7.96
C GLY A 74 -35.79 3.01 -8.44
N PHE A 75 -35.76 4.33 -8.45
CA PHE A 75 -36.88 5.07 -8.94
C PHE A 75 -37.03 4.99 -10.45
N ALA A 76 -35.94 4.84 -11.19
CA ALA A 76 -36.04 4.57 -12.62
C ALA A 76 -36.88 3.30 -12.89
N ILE A 77 -36.62 2.27 -12.08
CA ILE A 77 -37.31 1.01 -12.18
C ILE A 77 -38.76 1.20 -11.75
N TYR A 78 -38.96 1.86 -10.60
CA TYR A 78 -40.28 2.10 -10.07
C TYR A 78 -41.16 2.82 -11.08
N ASP A 79 -40.67 3.92 -11.63
CA ASP A 79 -41.46 4.72 -12.55
C ASP A 79 -41.79 3.95 -13.85
N THR A 80 -40.87 3.09 -14.27
CA THR A 80 -41.07 2.32 -15.45
C THR A 80 -42.14 1.28 -15.19
N ILE A 81 -42.08 0.60 -14.04
CA ILE A 81 -43.11 -0.30 -13.66
C ILE A 81 -44.51 0.38 -13.71
N GLN A 82 -44.63 1.56 -13.12
CA GLN A 82 -45.95 2.18 -13.07
C GLN A 82 -46.37 2.69 -14.45
N HIS A 83 -45.43 3.03 -15.32
CA HIS A 83 -45.78 3.55 -16.60
C HIS A 83 -46.36 2.55 -17.58
N ILE A 84 -45.83 1.36 -17.62
CA ILE A 84 -46.21 0.37 -18.62
C ILE A 84 -47.58 -0.23 -18.26
N LYS A 85 -48.23 -0.78 -19.29
CA LYS A 85 -49.58 -1.33 -19.17
C LYS A 85 -49.63 -2.69 -18.46
N PRO A 86 -48.75 -3.64 -18.81
CA PRO A 86 -48.82 -4.89 -18.09
C PRO A 86 -48.62 -4.77 -16.57
N ASP A 87 -49.34 -5.58 -15.84
CA ASP A 87 -49.06 -5.82 -14.48
C ASP A 87 -47.64 -6.43 -14.28
N VAL A 88 -46.90 -5.92 -13.31
CA VAL A 88 -45.62 -6.46 -12.91
C VAL A 88 -45.78 -7.10 -11.55
N GLN A 89 -45.75 -8.41 -11.53
CA GLN A 89 -45.74 -9.17 -10.32
C GLN A 89 -44.35 -9.06 -9.71
N THR A 90 -44.26 -9.03 -8.38
CA THR A 90 -43.00 -9.05 -7.69
C THR A 90 -42.95 -10.25 -6.78
N ILE A 91 -41.82 -10.92 -6.79
CA ILE A 91 -41.60 -12.11 -5.99
C ILE A 91 -40.24 -11.99 -5.28
N CYS A 92 -40.27 -11.89 -3.96
CA CYS A 92 -39.08 -11.89 -3.17
C CYS A 92 -38.61 -13.28 -2.87
N ILE A 93 -37.44 -13.60 -3.36
CA ILE A 93 -36.76 -14.89 -3.03
C ILE A 93 -35.54 -14.50 -2.25
N GLY A 94 -35.24 -15.14 -1.17
CA GLY A 94 -34.04 -14.63 -0.39
C GLY A 94 -34.17 -13.32 0.39
N MET A 95 -33.88 -12.18 -0.23
CA MET A 95 -33.80 -10.90 0.49
C MET A 95 -34.30 -9.74 -0.37
N ALA A 96 -35.06 -8.87 0.24
CA ALA A 96 -35.37 -7.59 -0.38
C ALA A 96 -35.16 -6.55 0.71
N ALA A 97 -34.05 -5.83 0.61
CA ALA A 97 -33.72 -4.78 1.57
C ALA A 97 -33.65 -3.40 0.93
N SER A 98 -34.02 -2.38 1.71
CA SER A 98 -33.93 -0.96 1.27
C SER A 98 -34.77 -0.74 0.02
N MET A 99 -34.13 -0.29 -1.05
CA MET A 99 -34.80 -0.09 -2.32
C MET A 99 -35.39 -1.37 -2.93
N GLY A 100 -34.76 -2.50 -2.63
CA GLY A 100 -35.30 -3.80 -3.01
C GLY A 100 -36.66 -4.04 -2.41
N SER A 101 -36.82 -3.70 -1.15
CA SER A 101 -38.16 -3.86 -0.52
C SER A 101 -39.15 -2.82 -1.03
N PHE A 102 -38.65 -1.63 -1.39
CA PHE A 102 -39.48 -0.60 -1.97
C PHE A 102 -40.04 -1.11 -3.32
N LEU A 103 -39.16 -1.72 -4.11
CA LEU A 103 -39.58 -2.29 -5.37
C LEU A 103 -40.48 -3.50 -5.23
N LEU A 104 -40.23 -4.35 -4.24
CA LEU A 104 -41.10 -5.46 -3.93
C LEU A 104 -42.56 -4.92 -3.73
N ALA A 105 -42.66 -3.86 -2.93
CA ALA A 105 -43.92 -3.24 -2.62
C ALA A 105 -44.63 -2.54 -3.80
N ALA A 106 -43.86 -2.27 -4.83
CA ALA A 106 -44.29 -1.58 -6.01
C ALA A 106 -44.96 -2.48 -7.08
N GLY A 107 -45.00 -3.76 -6.87
CA GLY A 107 -45.65 -4.65 -7.79
C GLY A 107 -47.17 -4.40 -7.85
N ALA A 108 -47.79 -5.00 -8.83
CA ALA A 108 -49.23 -4.84 -9.02
C ALA A 108 -49.98 -5.39 -7.80
N LYS A 109 -50.98 -4.63 -7.36
CA LYS A 109 -51.76 -4.92 -6.15
C LYS A 109 -52.40 -6.31 -6.32
N GLY A 110 -52.23 -7.19 -5.36
CA GLY A 110 -52.65 -8.57 -5.44
C GLY A 110 -51.59 -9.54 -5.96
N LYS A 111 -50.49 -9.04 -6.53
CA LYS A 111 -49.48 -9.86 -7.16
C LYS A 111 -48.04 -9.60 -6.65
N ARG A 112 -47.93 -9.29 -5.34
CA ARG A 112 -46.69 -9.15 -4.65
C ARG A 112 -46.56 -10.31 -3.69
N PHE A 113 -45.50 -11.08 -3.85
CA PHE A 113 -45.27 -12.31 -3.15
C PHE A 113 -43.89 -12.38 -2.52
N ALA A 114 -43.76 -13.24 -1.54
CA ALA A 114 -42.49 -13.66 -1.05
C ALA A 114 -42.57 -15.12 -0.68
N LEU A 115 -41.41 -15.77 -0.80
CA LEU A 115 -41.24 -17.11 -0.37
C LEU A 115 -41.13 -17.14 1.16
N PRO A 116 -41.45 -18.29 1.81
CA PRO A 116 -41.67 -18.25 3.28
C PRO A 116 -40.50 -17.83 4.12
N ASN A 117 -39.29 -18.12 3.66
CA ASN A 117 -38.10 -17.83 4.42
C ASN A 117 -37.36 -16.59 3.95
N ALA A 118 -37.97 -15.86 3.03
CA ALA A 118 -37.41 -14.64 2.55
C ALA A 118 -37.37 -13.57 3.61
N GLU A 119 -36.42 -12.69 3.50
CA GLU A 119 -36.17 -11.63 4.46
C GLU A 119 -36.46 -10.28 3.77
N VAL A 120 -37.24 -9.45 4.43
CA VAL A 120 -37.57 -8.11 3.96
C VAL A 120 -37.05 -7.12 4.97
N MET A 121 -36.37 -6.08 4.51
CA MET A 121 -35.87 -5.04 5.41
C MET A 121 -36.19 -3.65 4.93
N ILE A 122 -36.67 -2.81 5.84
CA ILE A 122 -36.98 -1.42 5.55
C ILE A 122 -36.18 -0.51 6.46
N HIS A 123 -35.73 0.62 5.93
CA HIS A 123 -34.97 1.60 6.69
C HIS A 123 -34.92 2.95 5.99
N GLN A 124 -34.32 3.94 6.59
CA GLN A 124 -34.21 5.22 5.96
C GLN A 124 -33.03 5.27 4.99
N PRO A 125 -33.10 6.17 4.02
CA PRO A 125 -32.01 6.32 3.07
C PRO A 125 -30.69 6.78 3.70
N LEU A 126 -29.59 6.36 3.06
CA LEU A 126 -28.24 6.59 3.51
C LEU A 126 -27.53 7.61 2.61
N GLY A 127 -26.64 8.40 3.20
CA GLY A 127 -25.83 9.32 2.42
C GLY A 127 -24.72 9.95 3.15
N GLY A 128 -24.30 11.05 2.62
CA GLY A 128 -23.07 11.73 3.06
C GLY A 128 -23.05 13.12 2.53
N ALA A 129 -22.26 13.99 3.17
CA ALA A 129 -22.11 15.38 2.71
C ALA A 129 -20.83 15.87 3.34
N GLN A 130 -20.08 16.62 2.58
CA GLN A 130 -18.81 17.14 2.97
C GLN A 130 -18.73 18.58 2.44
N GLY A 131 -18.19 19.51 3.20
CA GLY A 131 -17.91 20.85 2.69
C GLY A 131 -18.37 22.00 3.60
N GLN A 132 -18.74 23.11 2.96
CA GLN A 132 -19.23 24.28 3.65
C GLN A 132 -20.61 24.01 4.30
N ALA A 133 -20.91 24.73 5.36
CA ALA A 133 -22.21 24.67 6.04
C ALA A 133 -23.42 24.70 5.08
N THR A 134 -23.38 25.65 4.17
CA THR A 134 -24.37 25.77 3.13
C THR A 134 -24.49 24.53 2.23
N GLU A 135 -23.36 23.89 1.89
CA GLU A 135 -23.40 22.67 1.09
C GLU A 135 -24.00 21.54 1.90
N ILE A 136 -23.69 21.47 3.18
CA ILE A 136 -24.21 20.43 3.99
C ILE A 136 -25.75 20.58 4.15
N GLU A 137 -26.20 21.83 4.22
CA GLU A 137 -27.58 22.15 4.33
C GLU A 137 -28.35 21.67 3.08
N ILE A 138 -27.81 21.98 1.90
CA ILE A 138 -28.38 21.52 0.65
C ILE A 138 -28.48 20.01 0.60
N ALA A 139 -27.42 19.32 0.95
CA ALA A 139 -27.42 17.86 0.95
C ALA A 139 -28.43 17.28 1.96
N ALA A 140 -28.52 17.87 3.13
CA ALA A 140 -29.47 17.47 4.14
C ALA A 140 -30.92 17.65 3.67
N ASN A 141 -31.26 18.84 3.16
CA ASN A 141 -32.57 19.10 2.56
C ASN A 141 -32.92 18.09 1.47
N HIS A 142 -31.97 17.79 0.60
CA HIS A 142 -32.24 16.86 -0.45
C HIS A 142 -32.52 15.44 0.08
N ILE A 143 -31.68 14.95 1.01
CA ILE A 143 -31.89 13.60 1.48
C ILE A 143 -33.22 13.52 2.32
N LEU A 144 -33.57 14.56 3.06
CA LEU A 144 -34.84 14.60 3.78
C LEU A 144 -36.05 14.59 2.84
N LYS A 145 -35.98 15.33 1.75
CA LYS A 145 -37.02 15.33 0.72
C LYS A 145 -37.12 13.93 0.02
N THR A 146 -36.00 13.27 -0.20
CA THR A 146 -35.98 11.94 -0.78
C THR A 146 -36.69 10.98 0.20
N ARG A 147 -36.41 11.10 1.48
CA ARG A 147 -37.06 10.27 2.46
C ARG A 147 -38.58 10.48 2.53
N GLU A 148 -39.01 11.74 2.50
CA GLU A 148 -40.45 12.04 2.47
C GLU A 148 -41.13 11.41 1.27
N LYS A 149 -40.46 11.48 0.11
CA LYS A 149 -40.99 10.91 -1.12
C LYS A 149 -41.12 9.36 -1.01
N LEU A 150 -40.08 8.70 -0.50
CA LEU A 150 -40.12 7.26 -0.30
C LEU A 150 -41.24 6.89 0.67
N ASN A 151 -41.32 7.59 1.78
CA ASN A 151 -42.30 7.31 2.79
C ASN A 151 -43.75 7.50 2.30
N ARG A 152 -43.96 8.55 1.54
CA ARG A 152 -45.26 8.81 1.01
C ARG A 152 -45.71 7.69 0.08
N ILE A 153 -44.82 7.29 -0.83
CA ILE A 153 -45.14 6.20 -1.75
C ILE A 153 -45.38 4.90 -1.02
N LEU A 154 -44.53 4.58 -0.04
CA LEU A 154 -44.69 3.37 0.73
C LEU A 154 -46.01 3.34 1.50
N SER A 155 -46.40 4.49 1.99
CA SER A 155 -47.70 4.66 2.64
C SER A 155 -48.85 4.24 1.69
N GLU A 156 -48.85 4.80 0.50
CA GLU A 156 -49.84 4.48 -0.49
C GLU A 156 -49.84 3.01 -0.88
N ARG A 157 -48.67 2.44 -1.06
CA ARG A 157 -48.52 1.04 -1.44
C ARG A 157 -48.81 0.04 -0.36
N THR A 158 -48.54 0.35 0.90
CA THR A 158 -48.83 -0.57 1.99
C THR A 158 -50.13 -0.33 2.75
N GLY A 159 -50.77 0.82 2.59
CA GLY A 159 -51.89 1.18 3.41
C GLY A 159 -51.54 1.64 4.81
N GLN A 160 -50.27 1.73 5.20
CA GLN A 160 -49.88 2.25 6.49
C GLN A 160 -49.84 3.75 6.45
N SER A 161 -50.11 4.39 7.61
CA SER A 161 -49.95 5.83 7.68
C SER A 161 -48.44 6.26 7.53
N ILE A 162 -48.28 7.51 7.10
CA ILE A 162 -47.02 8.11 6.97
C ILE A 162 -46.25 8.13 8.32
N GLU A 163 -46.98 8.39 9.39
CA GLU A 163 -46.39 8.45 10.72
C GLU A 163 -45.82 7.06 11.14
N LYS A 164 -46.59 5.99 10.85
CA LYS A 164 -46.13 4.69 11.16
C LYS A 164 -44.86 4.29 10.31
N ILE A 165 -44.86 4.65 9.02
CA ILE A 165 -43.74 4.38 8.15
C ILE A 165 -42.47 5.09 8.67
N GLN A 166 -42.64 6.36 9.05
CA GLN A 166 -41.53 7.19 9.53
C GLN A 166 -40.89 6.52 10.78
N LYS A 167 -41.72 6.12 11.72
CA LYS A 167 -41.23 5.46 12.89
C LYS A 167 -40.58 4.07 12.64
N ASP A 168 -41.18 3.29 11.77
CA ASP A 168 -40.76 1.96 11.52
C ASP A 168 -39.53 1.88 10.59
N THR A 169 -39.21 2.94 9.88
CA THR A 169 -38.03 2.99 9.03
C THR A 169 -36.86 3.77 9.66
N ASP A 170 -37.03 4.20 10.89
CA ASP A 170 -36.05 5.03 11.55
C ASP A 170 -34.71 4.32 11.70
N ARG A 171 -34.76 3.04 12.03
CA ARG A 171 -33.65 2.14 12.02
C ARG A 171 -34.00 0.90 11.22
N ASP A 172 -33.00 0.07 10.98
CA ASP A 172 -33.14 -1.17 10.30
C ASP A 172 -34.24 -2.01 10.93
N ASN A 173 -35.19 -2.41 10.12
CA ASN A 173 -36.31 -3.18 10.55
C ASN A 173 -36.47 -4.40 9.63
N PHE A 174 -36.13 -5.54 10.17
CA PHE A 174 -36.21 -6.84 9.50
C PHE A 174 -37.59 -7.48 9.67
N LEU A 175 -38.21 -7.86 8.58
CA LEU A 175 -39.50 -8.53 8.59
C LEU A 175 -39.37 -9.91 8.00
N THR A 176 -40.06 -10.85 8.62
CA THR A 176 -40.35 -12.14 7.97
C THR A 176 -41.33 -11.92 6.81
N ALA A 177 -41.44 -12.92 5.97
CA ALA A 177 -42.38 -12.89 4.84
C ALA A 177 -43.82 -12.67 5.35
N GLU A 178 -44.18 -13.39 6.42
CA GLU A 178 -45.49 -13.25 7.01
C GLU A 178 -45.71 -11.84 7.54
N GLU A 179 -44.70 -11.31 8.20
CA GLU A 179 -44.73 -9.94 8.69
C GLU A 179 -44.85 -8.90 7.58
N ALA A 180 -44.15 -9.13 6.49
CA ALA A 180 -44.20 -8.25 5.33
C ALA A 180 -45.64 -8.22 4.73
N LYS A 181 -46.30 -9.37 4.78
CA LYS A 181 -47.67 -9.45 4.37
C LYS A 181 -48.63 -8.68 5.30
N GLU A 182 -48.49 -8.88 6.61
CA GLU A 182 -49.20 -8.11 7.59
C GLU A 182 -48.98 -6.63 7.43
N TYR A 183 -47.78 -6.22 7.10
CA TYR A 183 -47.46 -4.84 6.92
C TYR A 183 -48.08 -4.22 5.65
N GLY A 184 -48.40 -5.04 4.65
CA GLY A 184 -48.81 -4.54 3.35
C GLY A 184 -47.72 -4.34 2.29
N LEU A 185 -46.51 -4.80 2.57
CA LEU A 185 -45.42 -4.78 1.57
C LEU A 185 -45.63 -5.85 0.47
N ILE A 186 -46.26 -6.97 0.82
CA ILE A 186 -46.66 -7.99 -0.13
C ILE A 186 -48.10 -8.38 0.14
N ASP A 187 -48.70 -9.14 -0.75
CA ASP A 187 -50.10 -9.65 -0.63
C ASP A 187 -50.16 -11.07 -0.14
N GLU A 188 -49.20 -11.93 -0.53
CA GLU A 188 -49.21 -13.32 -0.13
C GLU A 188 -47.82 -13.88 0.08
N VAL A 189 -47.72 -14.82 0.96
CA VAL A 189 -46.62 -15.67 1.15
C VAL A 189 -46.88 -16.87 0.25
N MET A 190 -46.00 -17.17 -0.71
CA MET A 190 -46.21 -18.33 -1.54
C MET A 190 -45.91 -19.57 -0.81
N VAL A 191 -46.88 -20.44 -0.62
CA VAL A 191 -46.63 -21.65 0.21
C VAL A 191 -46.38 -22.83 -0.74
N PRO A 192 -45.59 -23.82 -0.30
CA PRO A 192 -45.12 -24.85 -1.22
C PRO A 192 -46.18 -25.80 -1.67
N ILE B 4 -12.63 -25.28 -17.64
CA ILE B 4 -13.88 -26.13 -17.75
C ILE B 4 -14.00 -26.56 -19.21
N PRO B 5 -13.81 -27.88 -19.49
CA PRO B 5 -13.83 -28.34 -20.87
C PRO B 5 -15.28 -28.42 -21.47
N THR B 6 -15.27 -28.65 -22.78
CA THR B 6 -16.45 -28.66 -23.66
C THR B 6 -16.67 -30.14 -24.20
N VAL B 7 -17.92 -30.52 -24.43
CA VAL B 7 -18.21 -31.80 -25.15
C VAL B 7 -18.36 -31.67 -26.66
N TYR B 18 -21.46 -27.72 -25.91
CA TYR B 18 -21.84 -27.53 -24.48
C TYR B 18 -20.61 -27.53 -23.49
N ASP B 19 -20.52 -26.61 -22.50
CA ASP B 19 -19.63 -26.79 -21.36
C ASP B 19 -20.21 -27.93 -20.43
N ILE B 20 -19.33 -28.49 -19.60
CA ILE B 20 -19.66 -29.74 -18.89
C ILE B 20 -20.88 -29.56 -17.94
N TYR B 21 -20.99 -28.42 -17.31
CA TYR B 21 -22.12 -28.13 -16.42
C TYR B 21 -23.46 -28.01 -17.16
N SER B 22 -23.45 -27.38 -18.31
CA SER B 22 -24.64 -27.36 -19.17
C SER B 22 -25.04 -28.73 -19.66
N ARG B 23 -24.06 -29.59 -19.95
CA ARG B 23 -24.37 -30.96 -20.32
C ARG B 23 -25.03 -31.69 -19.14
N LEU B 24 -24.53 -31.48 -17.93
CA LEU B 24 -25.12 -32.12 -16.79
C LEU B 24 -26.56 -31.59 -16.48
N LEU B 25 -26.77 -30.32 -16.74
CA LEU B 25 -28.07 -29.70 -16.56
C LEU B 25 -29.13 -30.32 -17.47
N LYS B 26 -28.75 -30.75 -18.66
CA LYS B 26 -29.64 -31.52 -19.51
C LYS B 26 -30.09 -32.85 -18.89
N ASP B 27 -29.29 -33.44 -18.00
CA ASP B 27 -29.69 -34.61 -17.22
C ASP B 27 -30.30 -34.28 -15.87
N ARG B 28 -30.62 -33.00 -15.66
CA ARG B 28 -31.30 -32.53 -14.45
C ARG B 28 -30.39 -32.50 -13.20
N ILE B 29 -29.10 -32.40 -13.44
CA ILE B 29 -28.11 -32.25 -12.41
C ILE B 29 -27.72 -30.78 -12.28
N ILE B 30 -27.82 -30.27 -11.06
CA ILE B 30 -27.40 -28.93 -10.74
C ILE B 30 -26.17 -29.04 -9.81
N MET B 31 -25.13 -28.28 -10.11
CA MET B 31 -23.94 -28.23 -9.27
C MET B 31 -23.90 -27.04 -8.32
N LEU B 32 -23.91 -27.30 -7.01
CA LEU B 32 -23.62 -26.30 -5.98
C LEU B 32 -22.23 -26.55 -5.50
N GLY B 33 -21.25 -25.94 -6.17
CA GLY B 33 -19.83 -26.29 -6.00
C GLY B 33 -18.96 -25.12 -5.56
N SER B 34 -19.53 -24.14 -4.90
CA SER B 34 -18.78 -23.00 -4.44
C SER B 34 -19.44 -22.38 -3.23
N GLN B 35 -18.80 -21.37 -2.71
CA GLN B 35 -19.38 -20.49 -1.72
C GLN B 35 -20.77 -20.01 -2.20
N ILE B 36 -21.71 -19.96 -1.29
CA ILE B 36 -23.08 -19.52 -1.61
C ILE B 36 -23.17 -18.01 -1.45
N ASP B 37 -23.24 -17.27 -2.54
CA ASP B 37 -23.55 -15.86 -2.50
C ASP B 37 -24.82 -15.66 -3.33
N ASP B 38 -25.23 -14.42 -3.53
CA ASP B 38 -26.39 -14.11 -4.30
C ASP B 38 -26.38 -14.59 -5.76
N ASN B 39 -25.26 -14.46 -6.46
CA ASN B 39 -25.14 -14.94 -7.84
C ASN B 39 -25.37 -16.44 -7.95
N VAL B 40 -24.77 -17.20 -7.04
CA VAL B 40 -24.93 -18.63 -7.02
C VAL B 40 -26.38 -19.00 -6.74
N ALA B 41 -26.97 -18.36 -5.75
CA ALA B 41 -28.36 -18.64 -5.44
C ALA B 41 -29.30 -18.29 -6.58
N ASN B 42 -29.07 -17.18 -7.24
CA ASN B 42 -29.95 -16.81 -8.35
C ASN B 42 -29.89 -17.81 -9.52
N SER B 43 -28.68 -18.29 -9.79
CA SER B 43 -28.43 -19.27 -10.80
C SER B 43 -29.10 -20.61 -10.44
N ILE B 44 -28.97 -21.07 -9.20
CA ILE B 44 -29.50 -22.36 -8.81
C ILE B 44 -31.03 -22.29 -8.80
N VAL B 45 -31.59 -21.18 -8.29
CA VAL B 45 -33.03 -20.96 -8.30
C VAL B 45 -33.55 -21.06 -9.74
N SER B 46 -32.91 -20.36 -10.63
CA SER B 46 -33.32 -20.31 -12.00
C SER B 46 -33.26 -21.71 -12.66
N GLN B 47 -32.22 -22.47 -12.35
CA GLN B 47 -32.04 -23.80 -12.83
C GLN B 47 -33.15 -24.72 -12.31
N LEU B 48 -33.47 -24.62 -11.01
CA LEU B 48 -34.53 -25.38 -10.45
C LEU B 48 -35.90 -25.11 -11.14
N LEU B 49 -36.21 -23.85 -11.37
CA LEU B 49 -37.45 -23.46 -11.98
C LEU B 49 -37.53 -23.91 -13.46
N PHE B 50 -36.41 -23.79 -14.15
CA PHE B 50 -36.30 -24.18 -15.53
C PHE B 50 -36.52 -25.69 -15.65
N LEU B 51 -35.90 -26.48 -14.78
CA LEU B 51 -36.09 -27.90 -14.79
C LEU B 51 -37.53 -28.31 -14.49
N GLN B 52 -38.16 -27.67 -13.50
CA GLN B 52 -39.57 -27.90 -13.23
C GLN B 52 -40.45 -27.60 -14.45
N ALA B 53 -40.18 -26.50 -15.16
CA ALA B 53 -40.94 -26.17 -16.38
C ALA B 53 -40.74 -27.17 -17.50
N GLN B 54 -39.56 -27.77 -17.62
CA GLN B 54 -39.35 -28.80 -18.61
C GLN B 54 -40.05 -30.10 -18.25
N ASP B 55 -40.11 -30.43 -16.97
CA ASP B 55 -40.75 -31.66 -16.50
C ASP B 55 -41.00 -31.54 -15.03
N SER B 56 -42.26 -31.48 -14.62
CA SER B 56 -42.64 -31.27 -13.24
C SER B 56 -42.63 -32.56 -12.41
N GLU B 57 -42.41 -33.70 -13.00
CA GLU B 57 -42.46 -34.99 -12.28
C GLU B 57 -41.11 -35.64 -12.08
N LYS B 58 -40.17 -35.53 -13.01
CA LYS B 58 -38.85 -36.15 -12.82
C LYS B 58 -37.96 -35.49 -11.76
N ASP B 59 -37.26 -36.31 -11.02
CA ASP B 59 -36.34 -35.89 -10.01
C ASP B 59 -35.27 -34.95 -10.61
N ILE B 60 -34.79 -34.07 -9.73
CA ILE B 60 -33.66 -33.18 -9.95
C ILE B 60 -32.58 -33.62 -8.98
N TYR B 61 -31.32 -33.43 -9.36
CA TYR B 61 -30.20 -33.87 -8.54
C TYR B 61 -29.30 -32.67 -8.25
N LEU B 62 -29.18 -32.32 -6.96
CA LEU B 62 -28.35 -31.23 -6.51
C LEU B 62 -27.07 -31.80 -5.86
N TYR B 63 -25.96 -31.65 -6.55
CA TYR B 63 -24.66 -32.10 -6.07
C TYR B 63 -24.01 -30.98 -5.28
N ILE B 64 -23.53 -31.27 -4.09
CA ILE B 64 -23.10 -30.23 -3.18
C ILE B 64 -21.66 -30.46 -2.79
N ASN B 65 -20.85 -29.45 -3.07
CA ASN B 65 -19.49 -29.33 -2.55
C ASN B 65 -19.24 -27.86 -2.24
N SER B 66 -19.63 -27.45 -1.04
CA SER B 66 -19.72 -26.07 -0.68
C SER B 66 -19.41 -25.83 0.77
N PRO B 67 -18.64 -24.75 1.08
CA PRO B 67 -18.39 -24.35 2.50
C PRO B 67 -19.52 -23.54 3.06
N GLY B 68 -20.62 -23.32 2.35
CA GLY B 68 -21.67 -22.46 2.83
C GLY B 68 -21.54 -21.03 2.29
N GLY B 69 -22.11 -20.09 3.00
CA GLY B 69 -22.07 -18.70 2.64
C GLY B 69 -23.27 -17.94 3.17
N SER B 70 -23.81 -17.04 2.37
CA SER B 70 -24.89 -16.18 2.78
C SER B 70 -26.20 -17.02 3.13
N VAL B 71 -26.75 -16.72 4.28
CA VAL B 71 -27.91 -17.35 4.79
C VAL B 71 -29.17 -17.05 3.94
N THR B 72 -29.31 -15.78 3.56
CA THR B 72 -30.46 -15.40 2.75
C THR B 72 -30.36 -16.04 1.36
N ALA B 73 -29.14 -16.12 0.82
CA ALA B 73 -28.96 -16.76 -0.44
C ALA B 73 -29.29 -18.26 -0.35
N GLY B 74 -28.86 -18.88 0.73
CA GLY B 74 -29.20 -20.26 0.97
C GLY B 74 -30.69 -20.51 1.14
N PHE B 75 -31.38 -19.57 1.75
CA PHE B 75 -32.81 -19.71 1.90
C PHE B 75 -33.55 -19.51 0.58
N ALA B 76 -33.04 -18.72 -0.33
CA ALA B 76 -33.60 -18.64 -1.66
C ALA B 76 -33.63 -20.03 -2.33
N ILE B 77 -32.52 -20.75 -2.19
CA ILE B 77 -32.40 -22.09 -2.72
C ILE B 77 -33.32 -23.03 -1.99
N TYR B 78 -33.30 -22.97 -0.66
CA TYR B 78 -34.13 -23.81 0.16
C TYR B 78 -35.60 -23.68 -0.19
N ASP B 79 -36.09 -22.46 -0.24
CA ASP B 79 -37.49 -22.23 -0.49
C ASP B 79 -37.90 -22.65 -1.89
N THR B 80 -36.99 -22.53 -2.84
CA THR B 80 -37.25 -22.92 -4.20
C THR B 80 -37.35 -24.44 -4.26
N ILE B 81 -36.42 -25.13 -3.61
CA ILE B 81 -36.52 -26.56 -3.51
C ILE B 81 -37.89 -27.00 -2.96
N GLN B 82 -38.34 -26.40 -1.86
CA GLN B 82 -39.59 -26.84 -1.26
C GLN B 82 -40.80 -26.44 -2.12
N HIS B 83 -40.70 -25.37 -2.89
CA HIS B 83 -41.79 -24.93 -3.67
C HIS B 83 -42.15 -25.80 -4.89
N ILE B 84 -41.14 -26.28 -5.60
CA ILE B 84 -41.35 -26.98 -6.84
C ILE B 84 -41.86 -28.40 -6.56
N LYS B 85 -42.51 -28.97 -7.57
CA LYS B 85 -43.12 -30.29 -7.49
C LYS B 85 -42.09 -31.44 -7.53
N PRO B 86 -41.14 -31.43 -8.44
CA PRO B 86 -40.17 -32.50 -8.41
C PRO B 86 -39.40 -32.66 -7.10
N ASP B 87 -39.13 -33.90 -6.75
CA ASP B 87 -38.17 -34.19 -5.72
C ASP B 87 -36.76 -33.71 -6.12
N VAL B 88 -36.07 -33.06 -5.18
CA VAL B 88 -34.69 -32.69 -5.33
C VAL B 88 -33.84 -33.57 -4.45
N GLN B 89 -33.10 -34.47 -5.09
CA GLN B 89 -32.14 -35.28 -4.39
C GLN B 89 -30.92 -34.39 -4.07
N THR B 90 -30.29 -34.65 -2.94
CA THR B 90 -29.05 -33.97 -2.59
C THR B 90 -27.96 -34.98 -2.40
N ILE B 91 -26.82 -34.68 -2.94
CA ILE B 91 -25.64 -35.55 -2.87
C ILE B 91 -24.41 -34.73 -2.47
N CYS B 92 -23.90 -34.99 -1.29
CA CYS B 92 -22.69 -34.35 -0.84
C CYS B 92 -21.47 -35.07 -1.31
N ILE B 93 -20.68 -34.39 -2.09
CA ILE B 93 -19.37 -34.92 -2.57
C ILE B 93 -18.35 -34.00 -1.96
N GLY B 94 -17.30 -34.51 -1.39
CA GLY B 94 -16.34 -33.51 -0.74
C GLY B 94 -16.81 -32.88 0.61
N MET B 95 -17.53 -31.77 0.56
CA MET B 95 -17.83 -31.00 1.78
C MET B 95 -19.17 -30.32 1.70
N ALA B 96 -19.90 -30.37 2.79
CA ALA B 96 -21.08 -29.55 2.95
C ALA B 96 -20.99 -28.94 4.33
N ALA B 97 -20.64 -27.68 4.39
CA ALA B 97 -20.52 -26.95 5.64
C ALA B 97 -21.50 -25.78 5.75
N SER B 98 -21.95 -25.48 6.98
CA SER B 98 -22.85 -24.36 7.26
C SER B 98 -24.13 -24.47 6.45
N MET B 99 -24.42 -23.47 5.64
CA MET B 99 -25.58 -23.48 4.78
C MET B 99 -25.59 -24.64 3.75
N GLY B 100 -24.39 -25.07 3.34
CA GLY B 100 -24.25 -26.25 2.51
C GLY B 100 -24.81 -27.48 3.15
N SER B 101 -24.54 -27.65 4.43
CA SER B 101 -25.11 -28.81 5.15
C SER B 101 -26.60 -28.66 5.39
N PHE B 102 -27.04 -27.40 5.56
CA PHE B 102 -28.46 -27.11 5.71
C PHE B 102 -29.19 -27.52 4.42
N LEU B 103 -28.60 -27.17 3.29
CA LEU B 103 -29.16 -27.55 1.99
C LEU B 103 -29.10 -29.03 1.72
N LEU B 104 -28.02 -29.69 2.12
CA LEU B 104 -27.93 -31.12 2.02
C LEU B 104 -29.14 -31.78 2.73
N ALA B 105 -29.42 -31.31 3.94
CA ALA B 105 -30.51 -31.80 4.75
C ALA B 105 -31.91 -31.50 4.21
N ALA B 106 -31.99 -30.54 3.31
CA ALA B 106 -33.20 -30.06 2.72
C ALA B 106 -33.69 -30.88 1.48
N GLY B 107 -32.93 -31.86 1.06
CA GLY B 107 -33.33 -32.69 -0.04
C GLY B 107 -34.57 -33.52 0.30
N ALA B 108 -35.17 -34.11 -0.72
CA ALA B 108 -36.33 -34.96 -0.52
C ALA B 108 -36.02 -36.11 0.41
N LYS B 109 -36.93 -36.37 1.34
CA LYS B 109 -36.78 -37.38 2.39
C LYS B 109 -36.58 -38.74 1.69
N GLY B 110 -35.55 -39.48 2.05
CA GLY B 110 -35.16 -40.70 1.40
C GLY B 110 -34.13 -40.54 0.28
N LYS B 111 -33.86 -39.31 -0.17
CA LYS B 111 -32.99 -39.05 -1.29
C LYS B 111 -31.86 -38.02 -0.99
N ARG B 112 -31.36 -38.04 0.24
CA ARG B 112 -30.24 -37.26 0.67
C ARG B 112 -29.08 -38.22 0.91
N PHE B 113 -27.99 -37.97 0.21
CA PHE B 113 -26.85 -38.84 0.18
C PHE B 113 -25.55 -38.11 0.43
N ALA B 114 -24.56 -38.84 0.84
CA ALA B 114 -23.19 -38.40 0.79
C ALA B 114 -22.30 -39.55 0.42
N LEU B 115 -21.23 -39.20 -0.23
CA LEU B 115 -20.16 -40.13 -0.56
C LEU B 115 -19.34 -40.43 0.71
N PRO B 116 -18.67 -41.59 0.77
CA PRO B 116 -18.15 -42.08 2.06
C PRO B 116 -17.18 -41.22 2.79
N ASN B 117 -16.37 -40.48 2.03
CA ASN B 117 -15.33 -39.67 2.64
C ASN B 117 -15.70 -38.19 2.68
N ALA B 118 -16.93 -37.86 2.34
CA ALA B 118 -17.41 -36.53 2.43
C ALA B 118 -17.48 -36.02 3.85
N GLU B 119 -17.33 -34.74 3.99
CA GLU B 119 -17.31 -34.07 5.29
C GLU B 119 -18.53 -33.17 5.41
N VAL B 120 -19.23 -33.29 6.53
CA VAL B 120 -20.40 -32.47 6.80
C VAL B 120 -20.10 -31.67 8.06
N MET B 121 -20.34 -30.37 8.02
CA MET B 121 -20.13 -29.54 9.18
C MET B 121 -21.32 -28.65 9.49
N ILE B 122 -21.70 -28.60 10.76
CA ILE B 122 -22.79 -27.76 11.24
C ILE B 122 -22.27 -26.83 12.31
N HIS B 123 -22.84 -25.62 12.34
CA HIS B 123 -22.45 -24.60 13.31
C HIS B 123 -23.44 -23.45 13.36
N GLN B 124 -23.26 -22.51 14.23
CA GLN B 124 -24.15 -21.36 14.29
C GLN B 124 -23.78 -20.32 13.24
N PRO B 125 -24.76 -19.51 12.84
CA PRO B 125 -24.45 -18.42 11.89
C PRO B 125 -23.51 -17.37 12.44
N LEU B 126 -22.75 -16.76 11.54
CA LEU B 126 -21.74 -15.76 11.83
C LEU B 126 -22.16 -14.38 11.31
N GLY B 127 -21.71 -13.33 11.94
CA GLY B 127 -21.99 -11.96 11.50
C GLY B 127 -21.21 -10.94 12.28
N GLY B 128 -21.71 -9.74 12.20
CA GLY B 128 -20.98 -8.58 12.72
C GLY B 128 -21.91 -7.41 12.87
N ALA B 129 -21.54 -6.46 13.72
CA ALA B 129 -22.35 -5.28 13.97
C ALA B 129 -21.49 -4.25 14.60
N GLN B 130 -21.66 -3.03 14.17
CA GLN B 130 -20.82 -1.91 14.53
C GLN B 130 -21.74 -0.72 14.67
N GLY B 131 -21.55 0.14 15.67
CA GLY B 131 -22.35 1.38 15.78
C GLY B 131 -22.87 1.64 17.18
N GLN B 132 -24.01 2.29 17.24
CA GLN B 132 -24.69 2.59 18.49
C GLN B 132 -25.22 1.32 19.15
N ALA B 133 -25.34 1.36 20.47
CA ALA B 133 -25.95 0.25 21.26
C ALA B 133 -27.25 -0.28 20.67
N THR B 134 -28.14 0.63 20.31
CA THR B 134 -29.36 0.31 19.63
C THR B 134 -29.19 -0.44 18.32
N GLU B 135 -28.21 -0.05 17.52
CA GLU B 135 -27.91 -0.74 16.26
C GLU B 135 -27.39 -2.14 16.55
N ILE B 136 -26.55 -2.27 17.56
CA ILE B 136 -26.03 -3.55 17.90
C ILE B 136 -27.12 -4.51 18.38
N GLU B 137 -28.08 -3.95 19.11
CA GLU B 137 -29.19 -4.69 19.60
C GLU B 137 -30.04 -5.26 18.44
N ILE B 138 -30.35 -4.41 17.47
CA ILE B 138 -31.07 -4.83 16.29
C ILE B 138 -30.35 -5.95 15.56
N ALA B 139 -29.04 -5.78 15.33
CA ALA B 139 -28.27 -6.81 14.66
C ALA B 139 -28.24 -8.15 15.43
N ALA B 140 -28.08 -8.06 16.76
CA ALA B 140 -28.09 -9.22 17.61
C ALA B 140 -29.44 -9.97 17.55
N ASN B 141 -30.54 -9.23 17.73
CA ASN B 141 -31.89 -9.80 17.60
C ASN B 141 -32.10 -10.48 16.26
N HIS B 142 -31.65 -9.84 15.18
CA HIS B 142 -31.82 -10.43 13.89
C HIS B 142 -31.03 -11.73 13.74
N ILE B 143 -29.75 -11.75 14.15
CA ILE B 143 -28.98 -12.96 13.95
C ILE B 143 -29.51 -14.09 14.88
N LEU B 144 -29.99 -13.77 16.08
CA LEU B 144 -30.62 -14.77 16.94
C LEU B 144 -31.89 -15.37 16.36
N LYS B 145 -32.74 -14.53 15.76
CA LYS B 145 -33.93 -15.00 15.06
C LYS B 145 -33.57 -15.88 13.83
N THR B 146 -32.51 -15.53 13.11
CA THR B 146 -32.03 -16.31 11.97
C THR B 146 -31.60 -17.69 12.52
N ARG B 147 -30.89 -17.73 13.63
CA ARG B 147 -30.47 -18.97 14.19
C ARG B 147 -31.63 -19.88 14.63
N GLU B 148 -32.62 -19.28 15.27
CA GLU B 148 -33.83 -20.02 15.65
C GLU B 148 -34.52 -20.63 14.44
N LYS B 149 -34.60 -19.87 13.36
CA LYS B 149 -35.23 -20.34 12.13
C LYS B 149 -34.45 -21.53 11.54
N LEU B 150 -33.12 -21.43 11.46
CA LEU B 150 -32.30 -22.50 10.98
C LEU B 150 -32.48 -23.76 11.84
N ASN B 151 -32.41 -23.58 13.15
CA ASN B 151 -32.49 -24.69 14.06
C ASN B 151 -33.84 -25.39 14.02
N ARG B 152 -34.90 -24.60 13.90
CA ARG B 152 -36.21 -25.18 13.85
C ARG B 152 -36.35 -26.05 12.62
N ILE B 153 -35.92 -25.54 11.47
CA ILE B 153 -36.01 -26.31 10.25
C ILE B 153 -35.14 -27.56 10.30
N LEU B 154 -33.95 -27.43 10.82
CA LEU B 154 -33.06 -28.59 10.94
C LEU B 154 -33.65 -29.69 11.85
N SER B 155 -34.31 -29.24 12.90
CA SER B 155 -35.05 -30.13 13.79
C SER B 155 -36.08 -30.98 13.00
N GLU B 156 -36.92 -30.31 12.23
CA GLU B 156 -37.90 -30.97 11.43
C GLU B 156 -37.31 -31.90 10.40
N ARG B 157 -36.25 -31.47 9.75
CA ARG B 157 -35.57 -32.28 8.73
C ARG B 157 -34.77 -33.44 9.24
N THR B 158 -34.18 -33.35 10.43
CA THR B 158 -33.40 -34.44 10.98
C THR B 158 -34.11 -35.31 12.01
N GLY B 159 -35.23 -34.88 12.55
CA GLY B 159 -35.84 -35.56 13.69
C GLY B 159 -35.20 -35.31 15.02
N GLN B 160 -34.15 -34.49 15.12
CA GLN B 160 -33.57 -34.17 16.44
C GLN B 160 -34.36 -33.05 17.08
N SER B 161 -34.36 -33.00 18.40
CA SER B 161 -34.94 -31.86 19.10
C SER B 161 -34.19 -30.53 18.86
N ILE B 162 -34.93 -29.44 18.99
CA ILE B 162 -34.35 -28.12 18.89
C ILE B 162 -33.25 -27.90 19.91
N GLU B 163 -33.43 -28.41 21.11
CA GLU B 163 -32.41 -28.27 22.16
C GLU B 163 -31.12 -28.98 21.77
N LYS B 164 -31.23 -30.19 21.22
CA LYS B 164 -30.07 -30.91 20.80
C LYS B 164 -29.33 -30.17 19.61
N ILE B 165 -30.09 -29.64 18.65
CA ILE B 165 -29.55 -28.91 17.55
C ILE B 165 -28.76 -27.66 18.08
N GLN B 166 -29.37 -26.96 19.01
CA GLN B 166 -28.79 -25.77 19.65
C GLN B 166 -27.41 -26.10 20.27
N LYS B 167 -27.38 -27.14 21.05
CA LYS B 167 -26.16 -27.59 21.66
C LYS B 167 -25.08 -28.06 20.65
N ASP B 168 -25.49 -28.81 19.66
CA ASP B 168 -24.60 -29.45 18.72
C ASP B 168 -24.09 -28.44 17.64
N THR B 169 -24.73 -27.28 17.49
CA THR B 169 -24.27 -26.27 16.59
C THR B 169 -23.56 -25.08 17.27
N ASP B 170 -23.35 -25.20 18.54
CA ASP B 170 -22.79 -24.13 19.34
C ASP B 170 -21.38 -23.75 18.88
N ARG B 171 -20.61 -24.78 18.54
CA ARG B 171 -19.30 -24.69 17.95
C ARG B 171 -19.27 -25.55 16.70
N ASP B 172 -18.22 -25.40 15.91
CA ASP B 172 -18.03 -26.18 14.72
C ASP B 172 -18.08 -27.65 15.08
N ASN B 173 -18.93 -28.38 14.38
CA ASN B 173 -19.15 -29.77 14.58
C ASN B 173 -19.01 -30.51 13.23
N PHE B 174 -17.90 -31.21 13.10
CA PHE B 174 -17.56 -32.01 11.92
C PHE B 174 -18.13 -33.43 12.03
N LEU B 175 -18.89 -33.84 11.03
CA LEU B 175 -19.44 -35.19 10.97
C LEU B 175 -18.89 -35.92 9.78
N THR B 176 -18.60 -37.18 9.96
CA THR B 176 -18.40 -38.09 8.85
C THR B 176 -19.75 -38.34 8.15
N ALA B 177 -19.67 -38.90 6.97
CA ALA B 177 -20.89 -39.23 6.21
C ALA B 177 -21.79 -40.18 7.02
N GLU B 178 -21.17 -41.20 7.65
CA GLU B 178 -21.90 -42.15 8.47
C GLU B 178 -22.57 -41.44 9.64
N GLU B 179 -21.84 -40.55 10.27
CA GLU B 179 -22.38 -39.77 11.37
C GLU B 179 -23.53 -38.85 10.96
N ALA B 180 -23.40 -38.26 9.77
CA ALA B 180 -24.44 -37.41 9.24
C ALA B 180 -25.74 -38.21 9.00
N LYS B 181 -25.58 -39.46 8.59
CA LYS B 181 -26.70 -40.33 8.46
C LYS B 181 -27.38 -40.68 9.79
N GLU B 182 -26.58 -41.07 10.78
CA GLU B 182 -27.07 -41.28 12.12
C GLU B 182 -27.76 -40.05 12.69
N TYR B 183 -27.27 -38.86 12.38
CA TYR B 183 -27.86 -37.66 12.85
C TYR B 183 -29.21 -37.32 12.19
N GLY B 184 -29.46 -37.84 11.00
CA GLY B 184 -30.64 -37.48 10.21
C GLY B 184 -30.44 -36.35 9.19
N LEU B 185 -29.20 -35.90 8.98
CA LEU B 185 -28.91 -34.93 7.93
C LEU B 185 -28.96 -35.52 6.50
N ILE B 186 -28.66 -36.80 6.38
CA ILE B 186 -28.81 -37.55 5.13
C ILE B 186 -29.49 -38.88 5.44
N ASP B 187 -29.91 -39.59 4.39
CA ASP B 187 -30.57 -40.91 4.50
C ASP B 187 -29.62 -42.06 4.25
N GLU B 188 -28.66 -41.90 3.35
CA GLU B 188 -27.75 -42.96 2.96
C GLU B 188 -26.37 -42.45 2.65
N VAL B 189 -25.39 -43.30 2.97
CA VAL B 189 -24.04 -43.11 2.56
C VAL B 189 -23.95 -43.91 1.26
N MET B 190 -23.62 -43.29 0.14
CA MET B 190 -23.46 -44.04 -1.12
C MET B 190 -22.23 -44.87 -1.08
N VAL B 191 -22.38 -46.15 -1.32
CA VAL B 191 -21.27 -47.10 -1.20
C VAL B 191 -20.88 -47.51 -2.58
N PRO B 192 -19.59 -47.67 -2.85
CA PRO B 192 -19.15 -48.07 -4.22
C PRO B 192 -19.45 -49.55 -4.49
N GLU B 193 -20.05 -50.00 -5.65
CA GLU B 193 -20.19 -51.50 -6.13
C GLU B 193 -18.92 -52.08 -6.76
N ILE C 4 -3.50 -21.47 -24.77
CA ILE C 4 -4.05 -22.89 -24.90
C ILE C 4 -4.54 -23.01 -26.37
N PRO C 5 -3.85 -23.86 -27.17
CA PRO C 5 -4.17 -24.00 -28.57
C PRO C 5 -5.48 -24.78 -28.85
N THR C 6 -5.95 -24.63 -30.10
CA THR C 6 -7.19 -25.23 -30.59
C THR C 6 -6.80 -26.28 -31.69
N VAL C 7 -7.41 -27.47 -31.61
CA VAL C 7 -7.10 -28.58 -32.59
C VAL C 7 -8.29 -28.57 -33.61
N TYR C 18 -12.34 -27.47 -31.25
CA TYR C 18 -12.07 -28.02 -29.95
C TYR C 18 -10.78 -27.40 -29.31
N ASP C 19 -10.73 -26.97 -28.05
CA ASP C 19 -9.45 -26.75 -27.35
C ASP C 19 -8.80 -28.14 -27.02
N ILE C 20 -7.49 -28.12 -26.75
CA ILE C 20 -6.70 -29.35 -26.69
C ILE C 20 -7.21 -30.30 -25.58
N TYR C 21 -7.61 -29.74 -24.45
CA TYR C 21 -8.13 -30.53 -23.33
C TYR C 21 -9.47 -31.19 -23.67
N SER C 22 -10.35 -30.49 -24.34
CA SER C 22 -11.58 -31.07 -24.83
C SER C 22 -11.36 -32.17 -25.83
N ARG C 23 -10.36 -32.01 -26.69
CA ARG C 23 -10.00 -33.07 -27.63
C ARG C 23 -9.52 -34.32 -26.86
N LEU C 24 -8.72 -34.13 -25.83
CA LEU C 24 -8.26 -35.26 -25.06
C LEU C 24 -9.41 -35.95 -24.26
N LEU C 25 -10.37 -35.16 -23.82
CA LEU C 25 -11.53 -35.66 -23.12
C LEU C 25 -12.38 -36.59 -23.98
N LYS C 26 -12.43 -36.34 -25.28
CA LYS C 26 -13.04 -37.26 -26.22
C LYS C 26 -12.37 -38.63 -26.26
N ASP C 27 -11.08 -38.71 -25.94
CA ASP C 27 -10.37 -40.00 -25.77
C ASP C 27 -10.34 -40.49 -24.35
N ARG C 28 -11.16 -39.89 -23.48
CA ARG C 28 -11.34 -40.32 -22.09
C ARG C 28 -10.14 -39.99 -21.17
N ILE C 29 -9.40 -38.96 -21.58
CA ILE C 29 -8.31 -38.44 -20.81
C ILE C 29 -8.77 -37.20 -20.05
N ILE C 30 -8.57 -37.22 -18.76
CA ILE C 30 -8.84 -36.09 -17.89
C ILE C 30 -7.50 -35.56 -17.36
N MET C 31 -7.31 -34.27 -17.47
CA MET C 31 -6.10 -33.64 -16.95
C MET C 31 -6.28 -32.97 -15.57
N LEU C 32 -5.57 -33.46 -14.55
CA LEU C 32 -5.44 -32.80 -13.25
C LEU C 32 -4.09 -32.14 -13.19
N GLY C 33 -4.07 -30.87 -13.66
CA GLY C 33 -2.81 -30.16 -13.94
C GLY C 33 -2.59 -28.89 -13.15
N SER C 34 -3.24 -28.77 -11.99
CA SER C 34 -3.12 -27.56 -11.19
C SER C 34 -3.32 -27.91 -9.73
N GLN C 35 -3.16 -26.92 -8.89
CA GLN C 35 -3.58 -26.96 -7.53
C GLN C 35 -5.03 -27.46 -7.42
N ILE C 36 -5.32 -28.30 -6.47
CA ILE C 36 -6.66 -28.84 -6.26
C ILE C 36 -7.48 -27.95 -5.38
N ASP C 37 -8.43 -27.21 -5.92
CA ASP C 37 -9.40 -26.48 -5.14
C ASP C 37 -10.78 -27.03 -5.54
N ASP C 38 -11.83 -26.42 -5.00
CA ASP C 38 -13.17 -26.88 -5.30
C ASP C 38 -13.57 -26.79 -6.80
N ASN C 39 -13.19 -25.76 -7.54
CA ASN C 39 -13.50 -25.67 -8.96
C ASN C 39 -12.87 -26.81 -9.76
N VAL C 40 -11.63 -27.13 -9.47
CA VAL C 40 -10.94 -28.21 -10.13
C VAL C 40 -11.63 -29.54 -9.79
N ALA C 41 -11.92 -29.76 -8.54
CA ALA C 41 -12.62 -30.96 -8.16
C ALA C 41 -13.99 -31.12 -8.78
N ASN C 42 -14.74 -30.04 -8.85
CA ASN C 42 -16.08 -30.11 -9.46
C ASN C 42 -16.01 -30.47 -10.96
N SER C 43 -15.03 -29.90 -11.64
CA SER C 43 -14.77 -30.16 -13.03
C SER C 43 -14.36 -31.61 -13.24
N ILE C 44 -13.44 -32.14 -12.43
CA ILE C 44 -12.96 -33.49 -12.63
C ILE C 44 -14.06 -34.48 -12.30
N VAL C 45 -14.82 -34.23 -11.24
CA VAL C 45 -15.96 -35.07 -10.86
C VAL C 45 -16.95 -35.15 -12.04
N SER C 46 -17.27 -34.00 -12.59
CA SER C 46 -18.21 -33.92 -13.66
C SER C 46 -17.72 -34.69 -14.91
N GLN C 47 -16.43 -34.57 -15.20
CA GLN C 47 -15.82 -35.25 -16.29
C GLN C 47 -15.89 -36.77 -16.09
N LEU C 48 -15.55 -37.22 -14.88
CA LEU C 48 -15.63 -38.62 -14.56
C LEU C 48 -17.07 -39.20 -14.77
N LEU C 49 -18.07 -38.48 -14.29
CA LEU C 49 -19.43 -38.91 -14.40
C LEU C 49 -19.95 -38.92 -15.87
N PHE C 50 -19.54 -37.91 -16.60
CA PHE C 50 -19.86 -37.76 -18.00
C PHE C 50 -19.26 -38.94 -18.78
N LEU C 51 -18.01 -39.27 -18.54
CA LEU C 51 -17.37 -40.36 -19.20
C LEU C 51 -18.03 -41.70 -18.89
N GLN C 52 -18.36 -41.93 -17.62
CA GLN C 52 -19.09 -43.13 -17.23
C GLN C 52 -20.45 -43.22 -17.98
N ALA C 53 -21.18 -42.11 -18.11
CA ALA C 53 -22.44 -42.10 -18.84
C ALA C 53 -22.29 -42.37 -20.34
N GLN C 54 -21.19 -41.95 -20.94
CA GLN C 54 -20.92 -42.26 -22.34
C GLN C 54 -20.56 -43.73 -22.53
N ASP C 55 -19.84 -44.32 -21.57
CA ASP C 55 -19.45 -45.71 -21.66
C ASP C 55 -18.99 -46.17 -20.28
N SER C 56 -19.74 -47.11 -19.69
CA SER C 56 -19.46 -47.54 -18.34
C SER C 56 -18.38 -48.62 -18.26
N GLU C 57 -17.90 -49.14 -19.37
CA GLU C 57 -16.87 -50.19 -19.36
C GLU C 57 -15.48 -49.75 -19.76
N LYS C 58 -15.31 -48.77 -20.67
CA LYS C 58 -13.97 -48.35 -21.07
C LYS C 58 -13.20 -47.57 -20.00
N ASP C 59 -11.90 -47.83 -19.93
CA ASP C 59 -11.02 -47.16 -19.02
C ASP C 59 -11.06 -45.64 -19.27
N ILE C 60 -10.78 -44.92 -18.18
CA ILE C 60 -10.57 -43.49 -18.14
C ILE C 60 -9.14 -43.28 -17.73
N TYR C 61 -8.52 -42.20 -18.19
CA TYR C 61 -7.12 -41.91 -17.90
C TYR C 61 -7.02 -40.56 -17.23
N LEU C 62 -6.52 -40.54 -15.98
CA LEU C 62 -6.31 -39.33 -15.21
C LEU C 62 -4.82 -39.02 -15.17
N TYR C 63 -4.43 -37.97 -15.90
CA TYR C 63 -3.06 -37.48 -15.95
C TYR C 63 -2.86 -36.46 -14.83
N ILE C 64 -1.82 -36.63 -14.05
CA ILE C 64 -1.64 -35.84 -12.84
C ILE C 64 -0.33 -35.10 -12.89
N ASN C 65 -0.42 -33.78 -12.79
CA ASN C 65 0.70 -32.88 -12.54
C ASN C 65 0.21 -31.78 -11.63
N SER C 66 0.30 -32.05 -10.32
CA SER C 66 -0.35 -31.24 -9.32
C SER C 66 0.44 -31.20 -8.03
N PRO C 67 0.56 -30.02 -7.39
CA PRO C 67 1.15 -29.91 -6.05
C PRO C 67 0.20 -30.26 -4.95
N GLY C 68 -1.02 -30.69 -5.23
CA GLY C 68 -2.00 -30.94 -4.21
C GLY C 68 -2.94 -29.78 -4.00
N GLY C 69 -3.46 -29.62 -2.79
CA GLY C 69 -4.38 -28.57 -2.43
C GLY C 69 -5.41 -29.12 -1.42
N SER C 70 -6.66 -28.68 -1.56
CA SER C 70 -7.67 -28.97 -0.59
C SER C 70 -7.99 -30.47 -0.44
N VAL C 71 -8.00 -30.92 0.80
CA VAL C 71 -8.27 -32.32 1.11
C VAL C 71 -9.71 -32.72 0.78
N THR C 72 -10.66 -31.85 1.11
CA THR C 72 -12.05 -32.18 0.82
C THR C 72 -12.28 -32.20 -0.70
N ALA C 73 -11.63 -31.29 -1.41
CA ALA C 73 -11.74 -31.31 -2.85
C ALA C 73 -11.14 -32.59 -3.43
N GLY C 74 -9.99 -32.99 -2.91
CA GLY C 74 -9.38 -34.22 -3.30
C GLY C 74 -10.23 -35.44 -2.99
N PHE C 75 -10.94 -35.41 -1.88
CA PHE C 75 -11.79 -36.52 -1.56
C PHE C 75 -13.05 -36.58 -2.45
N ALA C 76 -13.54 -35.45 -2.93
CA ALA C 76 -14.59 -35.47 -3.91
C ALA C 76 -14.18 -36.28 -5.17
N ILE C 77 -12.94 -36.05 -5.60
CA ILE C 77 -12.39 -36.74 -6.74
C ILE C 77 -12.19 -38.20 -6.40
N TYR C 78 -11.57 -38.46 -5.25
CA TYR C 78 -11.32 -39.82 -4.82
C TYR C 78 -12.59 -40.65 -4.78
N ASP C 79 -13.63 -40.14 -4.12
CA ASP C 79 -14.85 -40.88 -3.96
C ASP C 79 -15.56 -41.12 -5.31
N THR C 80 -15.43 -40.17 -6.22
CA THR C 80 -16.02 -40.29 -7.50
C THR C 80 -15.31 -41.38 -8.29
N ILE C 81 -13.98 -41.36 -8.25
CA ILE C 81 -13.23 -42.44 -8.86
C ILE C 81 -13.70 -43.81 -8.34
N GLN C 82 -13.83 -43.99 -7.04
CA GLN C 82 -14.18 -45.30 -6.51
C GLN C 82 -15.64 -45.65 -6.83
N HIS C 83 -16.51 -44.66 -6.96
CA HIS C 83 -17.89 -44.94 -7.21
C HIS C 83 -18.23 -45.48 -8.62
N ILE C 84 -17.61 -44.94 -9.62
CA ILE C 84 -17.93 -45.24 -11.01
C ILE C 84 -17.37 -46.64 -11.38
N LYS C 85 -17.99 -47.24 -12.40
CA LYS C 85 -17.65 -48.58 -12.85
C LYS C 85 -16.33 -48.65 -13.63
N PRO C 86 -16.09 -47.75 -14.58
CA PRO C 86 -14.82 -47.85 -15.28
C PRO C 86 -13.59 -47.74 -14.37
N ASP C 87 -12.57 -48.50 -14.71
CA ASP C 87 -11.28 -48.30 -14.15
C ASP C 87 -10.72 -46.88 -14.54
N VAL C 88 -10.14 -46.20 -13.57
CA VAL C 88 -9.44 -44.96 -13.76
C VAL C 88 -7.97 -45.19 -13.60
N GLN C 89 -7.26 -45.16 -14.70
CA GLN C 89 -5.81 -45.21 -14.70
C GLN C 89 -5.28 -43.85 -14.23
N THR C 90 -4.18 -43.85 -13.50
CA THR C 90 -3.52 -42.64 -13.09
C THR C 90 -2.11 -42.63 -13.62
N ILE C 91 -1.71 -41.49 -14.15
CA ILE C 91 -0.40 -41.29 -14.72
C ILE C 91 0.20 -39.98 -14.19
N CYS C 92 1.25 -40.11 -13.40
CA CYS C 92 1.93 -38.95 -12.89
C CYS C 92 2.98 -38.48 -13.92
N ILE C 93 2.80 -37.29 -14.40
CA ILE C 93 3.75 -36.63 -15.29
C ILE C 93 4.26 -35.43 -14.50
N GLY C 94 5.50 -35.18 -14.47
CA GLY C 94 5.99 -34.04 -13.63
C GLY C 94 5.99 -34.21 -12.10
N MET C 95 4.88 -33.92 -11.43
CA MET C 95 4.78 -33.91 -9.99
C MET C 95 3.44 -34.36 -9.47
N ALA C 96 3.45 -35.16 -8.44
CA ALA C 96 2.24 -35.45 -7.70
C ALA C 96 2.62 -35.32 -6.24
N ALA C 97 2.20 -34.23 -5.63
CA ALA C 97 2.48 -33.94 -4.24
C ALA C 97 1.21 -33.84 -3.41
N SER C 98 1.30 -34.27 -2.14
CA SER C 98 0.21 -34.18 -1.15
C SER C 98 -1.01 -34.95 -1.67
N MET C 99 -2.13 -34.26 -1.82
CA MET C 99 -3.34 -34.84 -2.35
C MET C 99 -3.19 -35.37 -3.78
N GLY C 100 -2.32 -34.76 -4.56
CA GLY C 100 -1.97 -35.26 -5.88
C GLY C 100 -1.40 -36.65 -5.83
N SER C 101 -0.53 -36.89 -4.87
CA SER C 101 0.02 -38.25 -4.73
C SER C 101 -1.01 -39.23 -4.16
N PHE C 102 -1.91 -38.72 -3.33
CA PHE C 102 -2.98 -39.53 -2.79
C PHE C 102 -3.90 -40.00 -3.95
N LEU C 103 -4.19 -39.05 -4.87
CA LEU C 103 -4.99 -39.40 -6.03
C LEU C 103 -4.25 -40.31 -7.01
N LEU C 104 -2.94 -40.11 -7.19
CA LEU C 104 -2.16 -41.00 -7.99
C LEU C 104 -2.33 -42.46 -7.48
N ALA C 105 -2.22 -42.64 -6.16
CA ALA C 105 -2.35 -43.91 -5.53
C ALA C 105 -3.75 -44.54 -5.58
N ALA C 106 -4.74 -43.71 -5.87
CA ALA C 106 -6.11 -44.09 -5.92
C ALA C 106 -6.59 -44.69 -7.27
N GLY C 107 -5.70 -44.73 -8.26
CA GLY C 107 -6.04 -45.32 -9.51
C GLY C 107 -6.30 -46.82 -9.40
N ALA C 108 -6.87 -47.39 -10.45
CA ALA C 108 -7.17 -48.81 -10.49
C ALA C 108 -5.89 -49.62 -10.33
N LYS C 109 -5.99 -50.66 -9.49
CA LYS C 109 -4.79 -51.44 -9.10
C LYS C 109 -4.24 -52.09 -10.39
N GLY C 110 -2.95 -51.98 -10.62
CA GLY C 110 -2.31 -52.40 -11.87
C GLY C 110 -2.20 -51.33 -12.93
N LYS C 111 -2.89 -50.19 -12.77
CA LYS C 111 -2.90 -49.13 -13.79
C LYS C 111 -2.53 -47.73 -13.23
N ARG C 112 -1.60 -47.71 -12.29
CA ARG C 112 -1.04 -46.49 -11.73
C ARG C 112 0.40 -46.42 -12.20
N PHE C 113 0.71 -45.33 -12.89
CA PHE C 113 1.97 -45.13 -13.55
C PHE C 113 2.59 -43.78 -13.20
N ALA C 114 3.88 -43.71 -13.41
CA ALA C 114 4.57 -42.46 -13.46
C ALA C 114 5.67 -42.54 -14.48
N LEU C 115 5.92 -41.39 -15.08
CA LEU C 115 7.02 -41.21 -15.99
C LEU C 115 8.34 -41.17 -15.22
N PRO C 116 9.47 -41.50 -15.85
CA PRO C 116 10.68 -41.82 -15.08
C PRO C 116 11.24 -40.71 -14.22
N ASN C 117 11.08 -39.47 -14.65
CA ASN C 117 11.61 -38.35 -13.95
C ASN C 117 10.58 -37.59 -13.14
N ALA C 118 9.39 -38.13 -13.04
CA ALA C 118 8.35 -37.55 -12.28
C ALA C 118 8.66 -37.63 -10.77
N GLU C 119 8.14 -36.70 -10.05
CA GLU C 119 8.36 -36.58 -8.66
C GLU C 119 7.10 -36.82 -7.85
N VAL C 120 7.19 -37.64 -6.83
CA VAL C 120 6.08 -37.94 -5.97
C VAL C 120 6.44 -37.50 -4.56
N MET C 121 5.53 -36.79 -3.91
CA MET C 121 5.78 -36.35 -2.55
C MET C 121 4.61 -36.63 -1.63
N ILE C 122 4.91 -37.17 -0.44
CA ILE C 122 3.93 -37.43 0.57
C ILE C 122 4.28 -36.70 1.84
N HIS C 123 3.28 -36.22 2.55
CA HIS C 123 3.44 -35.49 3.80
C HIS C 123 2.14 -35.40 4.59
N GLN C 124 2.16 -34.82 5.75
CA GLN C 124 0.97 -34.64 6.53
C GLN C 124 0.16 -33.44 6.07
N PRO C 125 -1.15 -33.48 6.31
CA PRO C 125 -1.99 -32.32 5.99
C PRO C 125 -1.64 -31.06 6.78
N LEU C 126 -1.88 -29.92 6.15
CA LEU C 126 -1.59 -28.59 6.61
C LEU C 126 -2.89 -27.85 6.95
N GLY C 127 -2.84 -26.95 7.95
CA GLY C 127 -3.97 -26.13 8.31
C GLY C 127 -3.61 -25.07 9.30
N GLY C 128 -4.62 -24.62 10.01
CA GLY C 128 -4.51 -23.40 10.80
C GLY C 128 -5.65 -23.35 11.79
N ALA C 129 -5.47 -22.62 12.90
CA ALA C 129 -6.59 -22.43 13.82
C ALA C 129 -6.35 -21.12 14.56
N GLN C 130 -7.37 -20.35 14.73
CA GLN C 130 -7.36 -19.09 15.35
C GLN C 130 -8.55 -19.00 16.34
N GLY C 131 -8.31 -18.51 17.56
CA GLY C 131 -9.39 -18.27 18.48
C GLY C 131 -9.18 -18.74 19.90
N GLN C 132 -10.29 -19.06 20.56
CA GLN C 132 -10.30 -19.58 21.91
C GLN C 132 -9.66 -21.00 21.96
N ALA C 133 -9.11 -21.35 23.11
CA ALA C 133 -8.56 -22.69 23.37
C ALA C 133 -9.47 -23.85 22.88
N THR C 134 -10.72 -23.76 23.22
CA THR C 134 -11.73 -24.69 22.76
C THR C 134 -11.86 -24.77 21.23
N GLU C 135 -11.77 -23.63 20.54
CA GLU C 135 -11.81 -23.61 19.09
C GLU C 135 -10.56 -24.28 18.53
N ILE C 136 -9.42 -24.02 19.12
CA ILE C 136 -8.21 -24.61 18.67
C ILE C 136 -8.22 -26.14 18.85
N GLU C 137 -8.83 -26.60 19.94
CA GLU C 137 -8.98 -27.97 20.23
C GLU C 137 -9.82 -28.67 19.13
N ILE C 138 -10.96 -28.09 18.81
CA ILE C 138 -11.80 -28.57 17.73
C ILE C 138 -11.06 -28.68 16.42
N ALA C 139 -10.35 -27.63 16.05
CA ALA C 139 -9.57 -27.63 14.81
C ALA C 139 -8.46 -28.70 14.81
N ALA C 140 -7.78 -28.85 15.93
CA ALA C 140 -6.76 -29.86 16.08
C ALA C 140 -7.32 -31.28 15.94
N ASN C 141 -8.39 -31.59 16.67
CA ASN C 141 -9.10 -32.87 16.54
C ASN C 141 -9.52 -33.15 15.11
N HIS C 142 -10.05 -32.15 14.44
CA HIS C 142 -10.48 -32.35 13.10
C HIS C 142 -9.31 -32.66 12.15
N ILE C 143 -8.21 -31.89 12.22
CA ILE C 143 -7.13 -32.15 11.33
C ILE C 143 -6.45 -33.53 11.63
N LEU C 144 -6.37 -33.92 12.90
CA LEU C 144 -5.86 -35.23 13.26
C LEU C 144 -6.71 -36.39 12.73
N LYS C 145 -8.04 -36.25 12.81
CA LYS C 145 -8.97 -37.23 12.26
C LYS C 145 -8.83 -37.31 10.70
N THR C 146 -8.63 -36.16 10.04
CA THR C 146 -8.44 -36.11 8.62
C THR C 146 -7.15 -36.88 8.28
N ARG C 147 -6.09 -36.68 9.05
CA ARG C 147 -4.86 -37.37 8.80
C ARG C 147 -5.00 -38.91 8.97
N GLU C 148 -5.69 -39.35 10.01
CA GLU C 148 -5.93 -40.75 10.20
C GLU C 148 -6.69 -41.38 9.01
N LYS C 149 -7.68 -40.65 8.50
CA LYS C 149 -8.46 -41.10 7.38
C LYS C 149 -7.58 -41.22 6.08
N LEU C 150 -6.74 -40.22 5.82
CA LEU C 150 -5.83 -40.27 4.71
C LEU C 150 -4.88 -41.45 4.84
N ASN C 151 -4.30 -41.61 6.02
CA ASN C 151 -3.32 -42.65 6.25
C ASN C 151 -3.94 -44.06 6.11
N ARG C 152 -5.15 -44.24 6.60
CA ARG C 152 -5.79 -45.48 6.47
C ARG C 152 -5.99 -45.88 5.00
N ILE C 153 -6.50 -44.93 4.22
CA ILE C 153 -6.72 -45.19 2.82
C ILE C 153 -5.40 -45.46 2.08
N LEU C 154 -4.38 -44.68 2.37
CA LEU C 154 -3.10 -44.88 1.76
C LEU C 154 -2.49 -46.26 2.09
N SER C 155 -2.71 -46.68 3.32
CA SER C 155 -2.34 -48.01 3.76
C SER C 155 -2.95 -49.10 2.88
N GLU C 156 -4.26 -49.03 2.70
CA GLU C 156 -4.95 -50.00 1.89
C GLU C 156 -4.49 -50.00 0.44
N ARG C 157 -4.29 -48.79 -0.09
CA ARG C 157 -3.84 -48.65 -1.48
C ARG C 157 -2.42 -48.95 -1.76
N THR C 158 -1.52 -48.76 -0.81
CA THR C 158 -0.10 -49.10 -1.00
C THR C 158 0.35 -50.44 -0.43
N GLY C 159 -0.44 -51.08 0.44
CA GLY C 159 0.04 -52.22 1.17
C GLY C 159 0.98 -51.94 2.31
N GLN C 160 1.31 -50.71 2.62
CA GLN C 160 2.12 -50.39 3.80
C GLN C 160 1.25 -50.26 5.01
N SER C 161 1.81 -50.57 6.17
CA SER C 161 1.11 -50.36 7.44
C SER C 161 0.79 -48.86 7.71
N ILE C 162 -0.24 -48.64 8.49
CA ILE C 162 -0.61 -47.31 8.93
C ILE C 162 0.54 -46.67 9.73
N GLU C 163 1.22 -47.50 10.56
CA GLU C 163 2.33 -47.01 11.35
C GLU C 163 3.49 -46.51 10.44
N LYS C 164 3.80 -47.27 9.39
CA LYS C 164 4.82 -46.87 8.47
C LYS C 164 4.44 -45.55 7.71
N ILE C 165 3.17 -45.45 7.28
CA ILE C 165 2.68 -44.29 6.60
C ILE C 165 2.83 -43.02 7.54
N GLN C 166 2.45 -43.19 8.80
CA GLN C 166 2.52 -42.15 9.80
C GLN C 166 3.96 -41.61 9.94
N LYS C 167 4.90 -42.52 10.09
CA LYS C 167 6.26 -42.15 10.19
C LYS C 167 6.84 -41.45 8.91
N ASP C 168 6.49 -42.02 7.77
CA ASP C 168 7.01 -41.60 6.51
C ASP C 168 6.36 -40.29 5.97
N THR C 169 5.23 -39.89 6.50
CA THR C 169 4.55 -38.66 6.14
C THR C 169 4.75 -37.52 7.16
N ASP C 170 5.56 -37.77 8.16
CA ASP C 170 5.73 -36.84 9.24
C ASP C 170 6.32 -35.48 8.75
N ARG C 171 7.27 -35.59 7.84
CA ARG C 171 7.81 -34.50 7.08
C ARG C 171 7.72 -34.77 5.60
N ASP C 172 7.98 -33.78 4.81
CA ASP C 172 8.04 -33.89 3.37
C ASP C 172 8.97 -35.02 2.97
N ASN C 173 8.43 -35.95 2.20
CA ASN C 173 9.14 -37.11 1.75
C ASN C 173 8.99 -37.21 0.21
N PHE C 174 10.07 -36.90 -0.47
CA PHE C 174 10.22 -36.93 -1.90
C PHE C 174 10.62 -38.29 -2.41
N LEU C 175 9.84 -38.85 -3.33
CA LEU C 175 10.17 -40.14 -3.94
C LEU C 175 10.39 -39.97 -5.40
N THR C 176 11.38 -40.68 -5.92
CA THR C 176 11.50 -40.90 -7.35
C THR C 176 10.36 -41.84 -7.82
N ALA C 177 10.17 -41.88 -9.12
CA ALA C 177 9.17 -42.75 -9.71
C ALA C 177 9.41 -44.24 -9.30
N GLU C 178 10.68 -44.65 -9.37
CA GLU C 178 11.05 -46.00 -8.98
C GLU C 178 10.74 -46.25 -7.51
N GLU C 179 11.06 -45.30 -6.69
CA GLU C 179 10.76 -45.37 -5.25
C GLU C 179 9.26 -45.42 -4.97
N ALA C 180 8.49 -44.65 -5.71
CA ALA C 180 7.05 -44.65 -5.59
C ALA C 180 6.45 -46.04 -5.92
N LYS C 181 7.06 -46.69 -6.90
CA LYS C 181 6.70 -48.03 -7.23
C LYS C 181 7.03 -49.04 -6.11
N GLU C 182 8.24 -48.99 -5.61
CA GLU C 182 8.64 -49.77 -4.45
C GLU C 182 7.74 -49.54 -3.24
N TYR C 183 7.30 -48.33 -3.05
CA TYR C 183 6.44 -48.01 -1.97
C TYR C 183 5.00 -48.55 -2.12
N GLY C 184 4.56 -48.81 -3.35
CA GLY C 184 3.18 -49.16 -3.63
C GLY C 184 2.21 -48.01 -3.99
N LEU C 185 2.75 -46.80 -4.18
CA LEU C 185 1.96 -45.67 -4.66
C LEU C 185 1.59 -45.78 -6.15
N ILE C 186 2.44 -46.43 -6.94
CA ILE C 186 2.16 -46.75 -8.33
C ILE C 186 2.54 -48.20 -8.58
N ASP C 187 2.15 -48.74 -9.73
CA ASP C 187 2.45 -50.11 -10.15
C ASP C 187 3.64 -50.21 -11.10
N GLU C 188 3.80 -49.24 -11.99
CA GLU C 188 4.84 -49.31 -13.01
C GLU C 188 5.41 -47.92 -13.32
N VAL C 189 6.67 -47.89 -13.66
CA VAL C 189 7.31 -46.74 -14.19
C VAL C 189 7.17 -46.89 -15.68
N MET C 190 6.55 -45.93 -16.38
CA MET C 190 6.45 -46.05 -17.84
C MET C 190 7.81 -45.71 -18.42
N VAL C 191 8.46 -46.64 -19.08
CA VAL C 191 9.76 -46.42 -19.63
C VAL C 191 9.61 -46.13 -21.13
N PRO C 192 10.52 -45.34 -21.72
CA PRO C 192 10.36 -44.91 -23.08
C PRO C 192 10.48 -45.97 -24.11
N ILE D 4 -2.84 -11.39 -30.63
CA ILE D 4 -2.34 -12.26 -31.63
C ILE D 4 -3.35 -12.37 -32.80
N PRO D 5 -2.84 -12.24 -34.01
CA PRO D 5 -3.66 -12.28 -35.23
C PRO D 5 -4.18 -13.71 -35.57
N THR D 6 -5.24 -13.69 -36.42
CA THR D 6 -5.93 -14.87 -36.87
C THR D 6 -5.63 -15.10 -38.40
N VAL D 7 -5.54 -16.38 -38.81
CA VAL D 7 -5.26 -16.71 -40.23
C VAL D 7 -6.56 -16.92 -41.10
N TYR D 18 -8.96 -19.40 -36.20
CA TYR D 18 -7.63 -19.90 -36.23
C TYR D 18 -6.55 -18.88 -35.77
N ASP D 19 -6.12 -18.93 -34.54
CA ASP D 19 -4.97 -18.12 -34.07
C ASP D 19 -3.67 -18.73 -34.64
N ILE D 20 -2.63 -17.89 -34.78
CA ILE D 20 -1.39 -18.23 -35.47
C ILE D 20 -0.74 -19.52 -34.88
N TYR D 21 -0.79 -19.69 -33.56
CA TYR D 21 -0.19 -20.84 -32.91
C TYR D 21 -0.94 -22.15 -33.25
N SER D 22 -2.26 -22.10 -33.28
CA SER D 22 -3.07 -23.22 -33.72
C SER D 22 -2.81 -23.56 -35.18
N ARG D 23 -2.59 -22.56 -36.02
CA ARG D 23 -2.25 -22.82 -37.40
C ARG D 23 -0.87 -23.55 -37.49
N LEU D 24 0.08 -23.12 -36.68
CA LEU D 24 1.36 -23.79 -36.68
C LEU D 24 1.30 -25.24 -36.12
N LEU D 25 0.41 -25.46 -35.16
CA LEU D 25 0.19 -26.77 -34.59
C LEU D 25 -0.33 -27.78 -35.63
N LYS D 26 -1.10 -27.31 -36.59
CA LYS D 26 -1.49 -28.12 -37.73
C LYS D 26 -0.28 -28.60 -38.57
N ASP D 27 0.82 -27.87 -38.58
CA ASP D 27 2.08 -28.30 -39.20
C ASP D 27 3.03 -28.99 -38.23
N ARG D 28 2.54 -29.33 -37.05
CA ARG D 28 3.28 -30.10 -36.04
C ARG D 28 4.36 -29.26 -35.32
N ILE D 29 4.17 -27.96 -35.30
CA ILE D 29 5.00 -27.04 -34.59
C ILE D 29 4.34 -26.68 -33.26
N ILE D 30 5.09 -26.86 -32.19
CA ILE D 30 4.70 -26.47 -30.85
C ILE D 30 5.59 -25.31 -30.40
N MET D 31 4.97 -24.27 -29.88
CA MET D 31 5.68 -23.10 -29.38
C MET D 31 5.85 -23.11 -27.86
N LEU D 32 7.10 -23.19 -27.39
CA LEU D 32 7.44 -23.02 -25.98
C LEU D 32 8.07 -21.64 -25.87
N GLY D 33 7.22 -20.63 -25.67
CA GLY D 33 7.58 -19.25 -25.80
C GLY D 33 7.40 -18.40 -24.53
N SER D 34 7.45 -19.03 -23.36
CA SER D 34 7.28 -18.32 -22.13
C SER D 34 7.98 -19.04 -20.99
N GLN D 35 7.94 -18.43 -19.83
CA GLN D 35 8.32 -19.09 -18.61
C GLN D 35 7.59 -20.45 -18.45
N ILE D 36 8.28 -21.45 -18.03
CA ILE D 36 7.72 -22.80 -17.89
C ILE D 36 7.09 -22.96 -16.50
N ASP D 37 5.78 -23.01 -16.44
CA ASP D 37 5.07 -23.35 -15.23
C ASP D 37 4.23 -24.58 -15.54
N ASP D 38 3.41 -25.02 -14.61
CA ASP D 38 2.54 -26.14 -14.81
C ASP D 38 1.54 -26.02 -15.98
N ASN D 39 0.91 -24.89 -16.17
CA ASN D 39 -0.02 -24.67 -17.28
C ASN D 39 0.65 -24.83 -18.63
N VAL D 40 1.85 -24.27 -18.78
CA VAL D 40 2.61 -24.37 -20.00
C VAL D 40 2.99 -25.84 -20.24
N ALA D 41 3.48 -26.50 -19.23
CA ALA D 41 3.85 -27.91 -19.37
C ALA D 41 2.66 -28.79 -19.73
N ASN D 42 1.52 -28.55 -19.09
CA ASN D 42 0.35 -29.37 -19.38
C ASN D 42 -0.12 -29.20 -20.87
N SER D 43 -0.05 -27.98 -21.36
CA SER D 43 -0.39 -27.65 -22.69
C SER D 43 0.61 -28.32 -23.69
N ILE D 44 1.91 -28.24 -23.42
CA ILE D 44 2.88 -28.78 -24.33
C ILE D 44 2.80 -30.33 -24.35
N VAL D 45 2.62 -30.93 -23.17
CA VAL D 45 2.45 -32.35 -23.04
C VAL D 45 1.24 -32.81 -23.90
N SER D 46 0.14 -32.12 -23.74
CA SER D 46 -1.07 -32.45 -24.42
C SER D 46 -0.89 -32.35 -25.97
N GLN D 47 -0.18 -31.31 -26.40
CA GLN D 47 0.10 -31.11 -27.78
C GLN D 47 0.99 -32.23 -28.34
N LEU D 48 2.03 -32.61 -27.59
CA LEU D 48 2.88 -33.70 -27.98
C LEU D 48 2.09 -35.02 -28.17
N LEU D 49 1.21 -35.34 -27.22
CA LEU D 49 0.45 -36.55 -27.27
C LEU D 49 -0.57 -36.56 -28.45
N PHE D 50 -1.18 -35.39 -28.65
CA PHE D 50 -2.13 -35.17 -29.70
C PHE D 50 -1.44 -35.39 -31.07
N LEU D 51 -0.26 -34.81 -31.25
CA LEU D 51 0.45 -34.95 -32.47
C LEU D 51 0.88 -36.42 -32.72
N GLN D 52 1.35 -37.10 -31.70
CA GLN D 52 1.67 -38.51 -31.81
C GLN D 52 0.42 -39.34 -32.25
N ALA D 53 -0.74 -39.04 -31.68
CA ALA D 53 -1.97 -39.73 -32.07
C ALA D 53 -2.39 -39.47 -33.52
N GLN D 54 -2.14 -38.26 -34.02
CA GLN D 54 -2.41 -37.96 -35.41
C GLN D 54 -1.46 -38.67 -36.36
N ASP D 55 -0.20 -38.79 -35.97
CA ASP D 55 0.81 -39.42 -36.81
C ASP D 55 2.00 -39.79 -35.94
N SER D 56 2.23 -41.10 -35.80
CA SER D 56 3.32 -41.53 -34.92
C SER D 56 4.73 -41.48 -35.58
N GLU D 57 4.78 -41.42 -36.88
CA GLU D 57 6.06 -41.36 -37.63
C GLU D 57 6.67 -39.99 -37.91
N LYS D 58 5.87 -39.01 -38.23
CA LYS D 58 6.38 -37.67 -38.60
C LYS D 58 6.95 -36.87 -37.41
N ASP D 59 8.02 -36.15 -37.75
CA ASP D 59 8.68 -35.26 -36.85
C ASP D 59 7.70 -34.22 -36.30
N ILE D 60 8.01 -33.82 -35.05
CA ILE D 60 7.38 -32.70 -34.36
C ILE D 60 8.47 -31.67 -34.18
N TYR D 61 8.09 -30.40 -34.17
CA TYR D 61 9.04 -29.30 -34.05
C TYR D 61 8.68 -28.47 -32.81
N LEU D 62 9.59 -28.43 -31.82
CA LEU D 62 9.45 -27.64 -30.65
C LEU D 62 10.35 -26.39 -30.75
N TYR D 63 9.71 -25.25 -30.92
CA TYR D 63 10.37 -23.96 -31.01
C TYR D 63 10.48 -23.38 -29.60
N ILE D 64 11.68 -22.96 -29.23
CA ILE D 64 11.93 -22.58 -27.86
C ILE D 64 12.42 -21.15 -27.80
N ASN D 65 11.68 -20.35 -27.05
CA ASN D 65 12.09 -19.02 -26.62
C ASN D 65 11.62 -18.80 -25.19
N SER D 66 12.42 -19.26 -24.24
CA SER D 66 12.02 -19.41 -22.86
C SER D 66 13.17 -19.15 -21.89
N PRO D 67 12.90 -18.42 -20.79
CA PRO D 67 13.88 -18.26 -19.70
C PRO D 67 13.92 -19.44 -18.76
N GLY D 68 13.18 -20.50 -19.00
CA GLY D 68 13.11 -21.60 -18.06
C GLY D 68 11.89 -21.47 -17.12
N GLY D 69 12.02 -22.02 -15.93
CA GLY D 69 11.01 -22.05 -14.94
C GLY D 69 11.03 -23.34 -14.12
N SER D 70 9.86 -23.87 -13.79
CA SER D 70 9.74 -25.01 -12.90
C SER D 70 10.40 -26.28 -13.49
N VAL D 71 11.23 -26.90 -12.69
CA VAL D 71 11.98 -28.09 -13.08
C VAL D 71 11.03 -29.30 -13.23
N THR D 72 10.07 -29.45 -12.34
CA THR D 72 9.15 -30.56 -12.45
C THR D 72 8.24 -30.37 -13.72
N ALA D 73 7.87 -29.13 -14.01
CA ALA D 73 7.12 -28.87 -15.19
C ALA D 73 7.96 -29.19 -16.46
N GLY D 74 9.22 -28.78 -16.42
CA GLY D 74 10.13 -29.11 -17.49
C GLY D 74 10.34 -30.62 -17.67
N PHE D 75 10.35 -31.35 -16.58
CA PHE D 75 10.50 -32.78 -16.67
C PHE D 75 9.25 -33.47 -17.21
N ALA D 76 8.08 -32.92 -16.97
CA ALA D 76 6.87 -33.42 -17.62
C ALA D 76 7.02 -33.38 -19.16
N ILE D 77 7.56 -32.26 -19.66
CA ILE D 77 7.79 -32.06 -21.05
C ILE D 77 8.88 -33.03 -21.54
N TYR D 78 9.99 -33.06 -20.80
CA TYR D 78 11.09 -33.92 -21.14
C TYR D 78 10.67 -35.38 -21.27
N ASP D 79 9.98 -35.89 -20.27
CA ASP D 79 9.60 -37.29 -20.26
C ASP D 79 8.59 -37.61 -21.37
N THR D 80 7.75 -36.65 -21.70
CA THR D 80 6.79 -36.83 -22.75
C THR D 80 7.52 -36.91 -24.09
N ILE D 81 8.47 -36.00 -24.30
CA ILE D 81 9.28 -36.07 -25.49
C ILE D 81 9.93 -37.46 -25.63
N GLN D 82 10.55 -37.98 -24.57
CA GLN D 82 11.25 -39.24 -24.69
C GLN D 82 10.27 -40.41 -24.86
N HIS D 83 9.06 -40.30 -24.33
CA HIS D 83 8.13 -41.37 -24.41
C HIS D 83 7.53 -41.64 -25.82
N ILE D 84 7.21 -40.59 -26.54
CA ILE D 84 6.51 -40.69 -27.79
C ILE D 84 7.48 -41.18 -28.90
N LYS D 85 6.90 -41.76 -29.94
CA LYS D 85 7.65 -42.34 -31.05
C LYS D 85 8.27 -41.30 -31.99
N PRO D 86 7.51 -40.28 -32.41
CA PRO D 86 8.13 -39.31 -33.29
C PRO D 86 9.38 -38.61 -32.67
N ASP D 87 10.33 -38.34 -33.52
CA ASP D 87 11.38 -37.44 -33.22
C ASP D 87 10.81 -36.01 -32.96
N VAL D 88 11.30 -35.37 -31.91
CA VAL D 88 10.99 -34.01 -31.59
C VAL D 88 12.24 -33.19 -31.83
N GLN D 89 12.21 -32.40 -32.90
CA GLN D 89 13.23 -31.46 -33.19
C GLN D 89 13.07 -30.29 -32.22
N THR D 90 14.19 -29.69 -31.82
CA THR D 90 14.19 -28.51 -31.02
C THR D 90 14.90 -27.41 -31.75
N ILE D 91 14.31 -26.23 -31.71
CA ILE D 91 14.85 -25.06 -32.37
C ILE D 91 14.81 -23.87 -31.41
N CYS D 92 15.98 -23.39 -31.01
CA CYS D 92 16.07 -22.25 -30.15
C CYS D 92 16.05 -20.97 -31.00
N ILE D 93 15.04 -20.17 -30.81
CA ILE D 93 14.93 -18.87 -31.43
C ILE D 93 14.99 -17.86 -30.28
N GLY D 94 15.78 -16.87 -30.36
CA GLY D 94 15.90 -15.97 -29.17
C GLY D 94 16.71 -16.45 -27.96
N MET D 95 16.06 -17.16 -27.03
CA MET D 95 16.70 -17.54 -25.76
C MET D 95 16.25 -18.90 -25.28
N ALA D 96 17.16 -19.69 -24.80
CA ALA D 96 16.85 -20.90 -24.07
C ALA D 96 17.73 -20.89 -22.85
N ALA D 97 17.15 -20.57 -21.71
CA ALA D 97 17.84 -20.52 -20.44
C ALA D 97 17.30 -21.53 -19.44
N SER D 98 18.18 -22.05 -18.59
CA SER D 98 17.84 -22.97 -17.49
C SER D 98 17.18 -24.22 -18.05
N MET D 99 15.96 -24.48 -17.61
CA MET D 99 15.17 -25.61 -18.08
C MET D 99 14.87 -25.54 -19.62
N GLY D 100 14.79 -24.32 -20.15
CA GLY D 100 14.67 -24.13 -21.57
C GLY D 100 15.85 -24.69 -22.35
N SER D 101 17.04 -24.47 -21.82
CA SER D 101 18.24 -25.05 -22.46
C SER D 101 18.32 -26.56 -22.26
N PHE D 102 17.80 -27.03 -21.13
CA PHE D 102 17.72 -28.45 -20.84
C PHE D 102 16.81 -29.12 -21.90
N LEU D 103 15.68 -28.48 -22.16
CA LEU D 103 14.76 -28.97 -23.16
C LEU D 103 15.29 -28.85 -24.59
N LEU D 104 16.01 -27.79 -24.89
CA LEU D 104 16.68 -27.65 -26.15
C LEU D 104 17.59 -28.90 -26.41
N ALA D 105 18.37 -29.25 -25.40
CA ALA D 105 19.28 -30.37 -25.45
C ALA D 105 18.60 -31.76 -25.53
N ALA D 106 17.32 -31.80 -25.19
CA ALA D 106 16.56 -32.99 -25.13
C ALA D 106 15.89 -33.39 -26.49
N GLY D 107 16.07 -32.60 -27.51
CA GLY D 107 15.56 -32.94 -28.80
C GLY D 107 16.24 -34.17 -29.40
N ALA D 108 15.66 -34.71 -30.44
CA ALA D 108 16.21 -35.87 -31.11
C ALA D 108 17.64 -35.58 -31.61
N LYS D 109 18.54 -36.51 -31.39
CA LYS D 109 19.96 -36.35 -31.70
C LYS D 109 20.06 -36.14 -33.24
N GLY D 110 20.77 -35.12 -33.67
CA GLY D 110 20.84 -34.67 -35.02
C GLY D 110 19.86 -33.61 -35.41
N LYS D 111 18.84 -33.33 -34.58
CA LYS D 111 17.79 -32.38 -34.89
C LYS D 111 17.53 -31.32 -33.81
N ARG D 112 18.63 -30.87 -33.17
CA ARG D 112 18.63 -29.80 -32.21
C ARG D 112 19.36 -28.64 -32.88
N PHE D 113 18.67 -27.51 -32.98
CA PHE D 113 19.11 -26.35 -33.69
C PHE D 113 18.99 -25.08 -32.86
N ALA D 114 19.74 -24.08 -33.26
CA ALA D 114 19.52 -22.74 -32.86
C ALA D 114 19.80 -21.81 -34.01
N LEU D 115 19.11 -20.70 -34.00
CA LEU D 115 19.36 -19.61 -34.88
C LEU D 115 20.64 -18.85 -34.42
N PRO D 116 21.33 -18.17 -35.36
CA PRO D 116 22.71 -17.74 -35.08
C PRO D 116 22.93 -16.84 -33.90
N ASN D 117 22.00 -16.00 -33.62
CA ASN D 117 22.08 -14.98 -32.59
C ASN D 117 21.30 -15.35 -31.35
N ALA D 118 20.79 -16.58 -31.29
CA ALA D 118 20.13 -17.08 -30.14
C ALA D 118 21.09 -17.23 -28.97
N GLU D 119 20.55 -17.07 -27.80
CA GLU D 119 21.30 -17.11 -26.57
C GLU D 119 20.89 -18.40 -25.77
N VAL D 120 21.88 -19.16 -25.35
CA VAL D 120 21.69 -20.34 -24.59
C VAL D 120 22.36 -20.15 -23.25
N MET D 121 21.64 -20.40 -22.16
CA MET D 121 22.22 -20.25 -20.85
C MET D 121 21.98 -21.47 -19.98
N ILE D 122 23.05 -21.92 -19.33
CA ILE D 122 23.00 -23.05 -18.41
C ILE D 122 23.49 -22.59 -17.04
N HIS D 123 22.86 -23.16 -16.02
CA HIS D 123 23.14 -22.89 -14.63
C HIS D 123 22.56 -23.92 -13.71
N GLN D 124 22.80 -23.84 -12.43
CA GLN D 124 22.23 -24.75 -11.48
C GLN D 124 20.79 -24.35 -11.12
N PRO D 125 20.01 -25.32 -10.69
CA PRO D 125 18.64 -25.02 -10.25
C PRO D 125 18.55 -24.11 -9.03
N LEU D 126 17.47 -23.35 -8.98
CA LEU D 126 17.18 -22.34 -8.00
C LEU D 126 16.01 -22.80 -7.09
N GLY D 127 16.02 -22.38 -5.83
CA GLY D 127 14.96 -22.66 -4.90
C GLY D 127 15.13 -21.92 -3.60
N GLY D 128 14.53 -22.46 -2.60
CA GLY D 128 14.27 -21.72 -1.35
C GLY D 128 13.82 -22.66 -0.28
N ALA D 129 14.06 -22.33 0.97
CA ALA D 129 13.59 -23.13 2.10
C ALA D 129 13.70 -22.23 3.32
N GLN D 130 12.66 -22.29 4.11
CA GLN D 130 12.53 -21.52 5.31
C GLN D 130 11.93 -22.45 6.35
N GLY D 131 12.36 -22.39 7.59
CA GLY D 131 11.76 -23.17 8.69
C GLY D 131 12.80 -23.79 9.60
N GLN D 132 12.47 -24.94 10.15
CA GLN D 132 13.34 -25.69 11.02
C GLN D 132 14.56 -26.24 10.31
N ALA D 133 15.66 -26.41 11.03
CA ALA D 133 16.88 -27.03 10.48
C ALA D 133 16.63 -28.31 9.68
N THR D 134 15.86 -29.19 10.25
CA THR D 134 15.39 -30.39 9.60
C THR D 134 14.63 -30.16 8.28
N GLU D 135 13.79 -29.15 8.23
CA GLU D 135 13.08 -28.79 7.00
C GLU D 135 14.05 -28.28 5.97
N ILE D 136 15.01 -27.48 6.39
CA ILE D 136 15.96 -26.96 5.47
C ILE D 136 16.86 -28.08 4.87
N GLU D 137 17.17 -29.07 5.71
CA GLU D 137 17.93 -30.18 5.33
C GLU D 137 17.22 -31.00 4.23
N ILE D 138 15.94 -31.28 4.45
CA ILE D 138 15.13 -31.96 3.45
C ILE D 138 15.11 -31.22 2.15
N ALA D 139 14.87 -29.91 2.19
CA ALA D 139 14.84 -29.09 0.97
C ALA D 139 16.21 -29.08 0.26
N ALA D 140 17.28 -28.99 1.01
CA ALA D 140 18.61 -29.02 0.46
C ALA D 140 18.92 -30.37 -0.24
N ASN D 141 18.67 -31.48 0.45
CA ASN D 141 18.80 -32.81 -0.13
C ASN D 141 17.98 -32.95 -1.42
N HIS D 142 16.76 -32.47 -1.42
CA HIS D 142 15.95 -32.57 -2.58
C HIS D 142 16.52 -31.76 -3.77
N ILE D 143 16.90 -30.50 -3.53
CA ILE D 143 17.39 -29.72 -4.62
C ILE D 143 18.77 -30.28 -5.14
N LEU D 144 19.61 -30.80 -4.26
CA LEU D 144 20.85 -31.46 -4.67
C LEU D 144 20.62 -32.70 -5.54
N LYS D 145 19.64 -33.52 -5.17
CA LYS D 145 19.23 -34.70 -5.94
C LYS D 145 18.68 -34.27 -7.34
N THR D 146 17.91 -33.19 -7.38
CA THR D 146 17.39 -32.65 -8.61
C THR D 146 18.56 -32.22 -9.51
N ARG D 147 19.54 -31.55 -8.94
CA ARG D 147 20.69 -31.13 -9.69
C ARG D 147 21.50 -32.32 -10.27
N GLU D 148 21.70 -33.33 -9.48
CA GLU D 148 22.39 -34.54 -9.95
C GLU D 148 21.63 -35.18 -11.13
N LYS D 149 20.33 -35.23 -11.04
CA LYS D 149 19.50 -35.76 -12.10
C LYS D 149 19.62 -34.95 -13.40
N LEU D 150 19.56 -33.62 -13.30
CA LEU D 150 19.73 -32.74 -14.41
C LEU D 150 21.11 -32.95 -15.06
N ASN D 151 22.13 -32.96 -14.24
CA ASN D 151 23.48 -33.09 -14.70
C ASN D 151 23.76 -34.41 -15.38
N ARG D 152 23.23 -35.48 -14.83
CA ARG D 152 23.41 -36.78 -15.40
C ARG D 152 22.81 -36.83 -16.81
N ILE D 153 21.58 -36.34 -16.94
CA ILE D 153 20.94 -36.34 -18.22
C ILE D 153 21.66 -35.45 -19.23
N LEU D 154 22.09 -34.28 -18.80
CA LEU D 154 22.81 -33.37 -19.67
C LEU D 154 24.14 -33.98 -20.16
N SER D 155 24.80 -34.73 -19.27
CA SER D 155 25.98 -35.47 -19.62
C SER D 155 25.72 -36.43 -20.79
N GLU D 156 24.69 -37.25 -20.66
CA GLU D 156 24.33 -38.20 -21.69
C GLU D 156 23.98 -37.53 -23.00
N ARG D 157 23.23 -36.45 -22.92
CA ARG D 157 22.79 -35.73 -24.10
C ARG D 157 23.83 -34.90 -24.79
N THR D 158 24.79 -34.36 -24.04
CA THR D 158 25.87 -33.57 -24.65
C THR D 158 27.19 -34.29 -24.90
N GLY D 159 27.40 -35.47 -24.30
CA GLY D 159 28.71 -36.08 -24.34
C GLY D 159 29.72 -35.52 -23.41
N GLN D 160 29.44 -34.52 -22.62
CA GLN D 160 30.43 -33.98 -21.63
C GLN D 160 30.33 -34.83 -20.37
N SER D 161 31.44 -34.90 -19.64
CA SER D 161 31.42 -35.56 -18.34
C SER D 161 30.53 -34.86 -17.29
N ILE D 162 30.05 -35.61 -16.32
CA ILE D 162 29.28 -35.06 -15.24
C ILE D 162 30.07 -33.98 -14.48
N GLU D 163 31.36 -34.23 -14.29
CA GLU D 163 32.21 -33.27 -13.61
C GLU D 163 32.31 -31.95 -14.36
N LYS D 164 32.46 -32.02 -15.68
CA LYS D 164 32.54 -30.81 -16.49
C LYS D 164 31.16 -30.03 -16.43
N ILE D 165 30.04 -30.75 -16.50
CA ILE D 165 28.74 -30.15 -16.42
C ILE D 165 28.56 -29.41 -15.06
N GLN D 166 28.97 -30.09 -13.99
CA GLN D 166 28.91 -29.56 -12.63
C GLN D 166 29.66 -28.21 -12.54
N LYS D 167 30.88 -28.19 -13.03
CA LYS D 167 31.67 -27.01 -13.01
C LYS D 167 31.12 -25.86 -13.90
N ASP D 168 30.63 -26.21 -15.08
CA ASP D 168 30.19 -25.25 -16.07
C ASP D 168 28.80 -24.71 -15.75
N THR D 169 28.03 -25.36 -14.89
CA THR D 169 26.73 -24.87 -14.47
C THR D 169 26.73 -24.23 -13.08
N ASP D 170 27.90 -24.09 -12.49
CA ASP D 170 28.01 -23.60 -11.13
C ASP D 170 27.49 -22.17 -11.00
N ARG D 171 27.79 -21.36 -12.01
CA ARG D 171 27.23 -20.05 -12.19
C ARG D 171 26.60 -19.92 -13.57
N ASP D 172 25.88 -18.87 -13.78
CA ASP D 172 25.31 -18.52 -15.05
C ASP D 172 26.38 -18.55 -16.14
N ASN D 173 26.12 -19.32 -17.16
CA ASN D 173 27.02 -19.54 -18.24
C ASN D 173 26.23 -19.31 -19.56
N PHE D 174 26.52 -18.19 -20.18
CA PHE D 174 25.96 -17.77 -21.44
C PHE D 174 26.74 -18.31 -22.63
N LEU D 175 26.06 -19.00 -23.53
CA LEU D 175 26.67 -19.54 -24.73
C LEU D 175 26.03 -18.91 -25.94
N THR D 176 26.86 -18.64 -26.92
CA THR D 176 26.38 -18.39 -28.27
C THR D 176 25.83 -19.71 -28.86
N ALA D 177 25.10 -19.58 -29.95
CA ALA D 177 24.60 -20.74 -30.66
C ALA D 177 25.76 -21.68 -31.09
N GLU D 178 26.82 -21.08 -31.61
CA GLU D 178 28.02 -21.83 -32.01
C GLU D 178 28.62 -22.54 -30.81
N GLU D 179 28.72 -21.86 -29.72
CA GLU D 179 29.23 -22.45 -28.47
C GLU D 179 28.37 -23.58 -27.96
N ALA D 180 27.07 -23.43 -28.05
CA ALA D 180 26.12 -24.47 -27.67
C ALA D 180 26.31 -25.73 -28.52
N LYS D 181 26.61 -25.53 -29.80
CA LYS D 181 26.94 -26.61 -30.67
C LYS D 181 28.25 -27.34 -30.30
N GLU D 182 29.30 -26.56 -30.07
CA GLU D 182 30.57 -27.08 -29.55
C GLU D 182 30.39 -27.83 -28.26
N TYR D 183 29.50 -27.38 -27.39
CA TYR D 183 29.26 -28.04 -26.15
C TYR D 183 28.50 -29.34 -26.28
N GLY D 184 27.76 -29.54 -27.37
CA GLY D 184 26.85 -30.69 -27.52
C GLY D 184 25.41 -30.47 -27.07
N LEU D 185 25.02 -29.25 -26.74
CA LEU D 185 23.63 -28.91 -26.41
C LEU D 185 22.72 -28.89 -27.67
N ILE D 186 23.28 -28.55 -28.81
CA ILE D 186 22.61 -28.60 -30.11
C ILE D 186 23.54 -29.26 -31.12
N ASP D 187 23.01 -29.62 -32.28
CA ASP D 187 23.76 -30.24 -33.38
C ASP D 187 24.18 -29.28 -34.47
N GLU D 188 23.35 -28.27 -34.75
CA GLU D 188 23.59 -27.32 -35.81
C GLU D 188 23.10 -25.94 -35.47
N VAL D 189 23.81 -24.97 -35.96
CA VAL D 189 23.41 -23.60 -35.99
C VAL D 189 22.74 -23.44 -37.32
N MET D 190 21.50 -23.03 -37.38
CA MET D 190 20.85 -22.72 -38.69
C MET D 190 21.42 -21.47 -39.26
N VAL D 191 22.01 -21.55 -40.43
CA VAL D 191 22.71 -20.39 -41.02
C VAL D 191 21.85 -19.96 -42.16
N PRO D 192 21.69 -18.63 -42.33
CA PRO D 192 20.82 -18.13 -43.43
C PRO D 192 21.57 -18.29 -44.77
N GLU D 193 20.88 -18.67 -45.87
CA GLU D 193 21.49 -18.58 -47.35
C GLU D 193 21.39 -17.21 -48.00
N PRO E 5 -11.01 -2.28 -34.19
CA PRO E 5 -12.19 -2.52 -35.00
C PRO E 5 -12.02 -3.64 -36.08
N THR E 6 -13.17 -4.04 -36.59
CA THR E 6 -13.41 -5.27 -37.39
C THR E 6 -13.85 -4.80 -38.85
N VAL E 7 -13.42 -5.55 -39.89
CA VAL E 7 -13.87 -5.27 -41.26
C VAL E 7 -15.12 -6.05 -41.70
N TYR E 18 -12.98 -10.55 -38.82
CA TYR E 18 -11.68 -10.11 -39.22
C TYR E 18 -11.26 -8.76 -38.53
N ASP E 19 -10.42 -8.82 -37.54
CA ASP E 19 -9.82 -7.60 -36.96
C ASP E 19 -8.80 -6.99 -37.98
N ILE E 20 -8.56 -5.69 -37.85
CA ILE E 20 -7.79 -4.93 -38.82
C ILE E 20 -6.38 -5.52 -39.06
N TYR E 21 -5.73 -5.98 -38.00
CA TYR E 21 -4.40 -6.56 -38.12
C TYR E 21 -4.38 -7.89 -38.87
N SER E 22 -5.36 -8.73 -38.62
CA SER E 22 -5.55 -9.95 -39.38
C SER E 22 -5.84 -9.69 -40.84
N ARG E 23 -6.61 -8.66 -41.13
CA ARG E 23 -6.86 -8.28 -42.51
C ARG E 23 -5.55 -7.83 -43.18
N LEU E 24 -4.72 -7.07 -42.48
CA LEU E 24 -3.46 -6.65 -43.05
C LEU E 24 -2.48 -7.83 -43.26
N LEU E 25 -2.55 -8.80 -42.37
CA LEU E 25 -1.73 -9.99 -42.47
C LEU E 25 -2.02 -10.82 -43.72
N LYS E 26 -3.27 -10.80 -44.17
CA LYS E 26 -3.64 -11.38 -45.44
C LYS E 26 -2.94 -10.71 -46.63
N ASP E 27 -2.58 -9.41 -46.52
CA ASP E 27 -1.78 -8.72 -47.52
C ASP E 27 -0.29 -8.73 -47.21
N ARG E 28 0.14 -9.58 -46.27
CA ARG E 28 1.53 -9.81 -45.96
C ARG E 28 2.19 -8.67 -45.17
N ILE E 29 1.37 -7.91 -44.47
CA ILE E 29 1.79 -6.85 -43.61
C ILE E 29 1.77 -7.34 -42.17
N ILE E 30 2.91 -7.21 -41.50
CA ILE E 30 3.06 -7.51 -40.10
C ILE E 30 3.27 -6.19 -39.34
N MET E 31 2.52 -6.01 -38.26
CA MET E 31 2.64 -4.82 -37.43
C MET E 31 3.50 -5.06 -36.18
N LEU E 32 4.64 -4.36 -36.08
CA LEU E 32 5.43 -4.31 -34.86
C LEU E 32 5.20 -2.97 -34.23
N GLY E 33 4.15 -2.91 -33.40
CA GLY E 33 3.58 -1.64 -32.93
C GLY E 33 3.60 -1.50 -31.41
N SER E 34 4.50 -2.17 -30.71
CA SER E 34 4.59 -2.10 -29.31
C SER E 34 6.01 -2.40 -28.85
N GLN E 35 6.20 -2.28 -27.56
CA GLN E 35 7.38 -2.78 -26.90
C GLN E 35 7.68 -4.21 -27.29
N ILE E 36 8.92 -4.53 -27.54
CA ILE E 36 9.33 -5.89 -27.97
C ILE E 36 9.60 -6.74 -26.71
N ASP E 37 8.72 -7.65 -26.38
CA ASP E 37 8.96 -8.63 -25.37
C ASP E 37 8.86 -10.01 -26.04
N ASP E 38 8.96 -11.06 -25.28
CA ASP E 38 8.90 -12.40 -25.81
C ASP E 38 7.58 -12.76 -26.55
N ASN E 39 6.42 -12.34 -26.03
CA ASN E 39 5.15 -12.60 -26.69
C ASN E 39 5.08 -11.95 -28.08
N VAL E 40 5.53 -10.71 -28.19
CA VAL E 40 5.55 -10.00 -29.42
C VAL E 40 6.50 -10.69 -30.41
N ALA E 41 7.68 -11.05 -29.96
CA ALA E 41 8.61 -11.73 -30.83
C ALA E 41 8.11 -13.08 -31.29
N ASN E 42 7.48 -13.84 -30.42
CA ASN E 42 6.94 -15.13 -30.83
C ASN E 42 5.84 -15.02 -31.91
N SER E 43 5.00 -14.01 -31.75
CA SER E 43 3.94 -13.70 -32.67
C SER E 43 4.55 -13.28 -34.04
N ILE E 44 5.55 -12.40 -34.04
CA ILE E 44 6.10 -11.88 -35.28
C ILE E 44 6.85 -13.00 -36.01
N VAL E 45 7.61 -13.80 -35.25
CA VAL E 45 8.33 -14.95 -35.80
C VAL E 45 7.31 -15.90 -36.50
N SER E 46 6.24 -16.20 -35.81
CA SER E 46 5.25 -17.08 -36.31
C SER E 46 4.59 -16.55 -37.59
N GLN E 47 4.32 -15.26 -37.61
CA GLN E 47 3.75 -14.58 -38.74
C GLN E 47 4.71 -14.64 -39.95
N LEU E 48 5.99 -14.38 -39.71
CA LEU E 48 6.99 -14.47 -40.74
C LEU E 48 7.06 -15.87 -41.39
N LEU E 49 7.05 -16.90 -40.54
CA LEU E 49 7.14 -18.26 -41.01
C LEU E 49 5.86 -18.70 -41.77
N PHE E 50 4.72 -18.25 -41.27
CA PHE E 50 3.44 -18.51 -41.86
C PHE E 50 3.37 -17.88 -43.25
N LEU E 51 3.81 -16.63 -43.38
CA LEU E 51 3.81 -15.96 -44.64
C LEU E 51 4.73 -16.63 -45.65
N GLN E 52 5.94 -17.03 -45.22
CA GLN E 52 6.83 -17.77 -46.08
C GLN E 52 6.17 -19.09 -46.58
N ALA E 53 5.48 -19.82 -45.70
CA ALA E 53 4.79 -21.03 -46.09
C ALA E 53 3.64 -20.80 -47.08
N GLN E 54 2.94 -19.69 -46.98
CA GLN E 54 1.92 -19.35 -47.95
C GLN E 54 2.50 -18.96 -49.29
N ASP E 55 3.62 -18.28 -49.30
CA ASP E 55 4.26 -17.83 -50.54
C ASP E 55 5.71 -17.49 -50.24
N SER E 56 6.64 -18.24 -50.76
CA SER E 56 8.04 -18.08 -50.45
C SER E 56 8.72 -17.01 -51.29
N GLU E 57 8.04 -16.47 -52.31
CA GLU E 57 8.63 -15.47 -53.19
C GLU E 57 8.16 -14.04 -52.95
N LYS E 58 6.90 -13.80 -52.60
CA LYS E 58 6.45 -12.43 -52.39
C LYS E 58 6.98 -11.77 -51.12
N ASP E 59 7.23 -10.47 -51.27
CA ASP E 59 7.69 -9.61 -50.24
C ASP E 59 6.69 -9.65 -49.06
N ILE E 60 7.29 -9.42 -47.88
CA ILE E 60 6.59 -9.22 -46.62
C ILE E 60 6.89 -7.81 -46.21
N TYR E 61 5.95 -7.17 -45.50
CA TYR E 61 6.10 -5.79 -45.09
C TYR E 61 5.99 -5.73 -43.56
N LEU E 62 7.07 -5.31 -42.89
CA LEU E 62 7.11 -5.11 -41.48
C LEU E 62 7.03 -3.61 -41.15
N TYR E 63 5.88 -3.21 -40.61
CA TYR E 63 5.63 -1.84 -40.22
C TYR E 63 6.06 -1.68 -38.76
N ILE E 64 6.86 -0.65 -38.48
CA ILE E 64 7.49 -0.56 -37.18
C ILE E 64 7.10 0.76 -36.54
N ASN E 65 6.51 0.65 -35.36
CA ASN E 65 6.30 1.78 -34.46
C ASN E 65 6.52 1.25 -33.03
N SER E 66 7.77 1.26 -32.60
CA SER E 66 8.19 0.56 -31.42
C SER E 66 9.32 1.29 -30.71
N PRO E 67 9.27 1.37 -29.35
CA PRO E 67 10.39 1.89 -28.56
C PRO E 67 11.48 0.89 -28.32
N GLY E 68 11.40 -0.32 -28.89
CA GLY E 68 12.39 -1.34 -28.60
C GLY E 68 11.90 -2.28 -27.49
N GLY E 69 12.85 -2.88 -26.78
CA GLY E 69 12.57 -3.79 -25.71
C GLY E 69 13.68 -4.87 -25.64
N SER E 70 13.28 -6.11 -25.38
CA SER E 70 14.21 -7.18 -25.14
C SER E 70 15.12 -7.49 -26.33
N VAL E 71 16.41 -7.54 -26.09
CA VAL E 71 17.40 -7.84 -27.10
C VAL E 71 17.27 -9.26 -27.66
N THR E 72 17.06 -10.24 -26.77
CA THR E 72 16.94 -11.61 -27.25
C THR E 72 15.62 -11.76 -28.07
N ALA E 73 14.56 -11.07 -27.64
CA ALA E 73 13.34 -11.11 -28.38
C ALA E 73 13.53 -10.46 -29.78
N GLY E 74 14.23 -9.35 -29.80
CA GLY E 74 14.55 -8.72 -31.04
C GLY E 74 15.40 -9.53 -31.97
N PHE E 75 16.32 -10.28 -31.39
CA PHE E 75 17.15 -11.15 -32.22
C PHE E 75 16.37 -12.35 -32.76
N ALA E 76 15.37 -12.82 -32.06
CA ALA E 76 14.50 -13.85 -32.61
C ALA E 76 13.86 -13.37 -33.93
N ILE E 77 13.41 -12.11 -33.92
CA ILE E 77 12.81 -11.50 -35.08
C ILE E 77 13.86 -11.30 -36.16
N TYR E 78 15.00 -10.75 -35.78
CA TYR E 78 16.09 -10.53 -36.69
C TYR E 78 16.51 -11.79 -37.42
N ASP E 79 16.77 -12.85 -36.66
CA ASP E 79 17.26 -14.08 -37.24
C ASP E 79 16.21 -14.73 -38.16
N THR E 80 14.92 -14.55 -37.81
CA THR E 80 13.87 -15.10 -38.60
C THR E 80 13.78 -14.36 -39.92
N ILE E 81 13.87 -13.04 -39.86
CA ILE E 81 13.93 -12.25 -41.07
C ILE E 81 15.05 -12.74 -41.99
N GLN E 82 16.25 -12.93 -41.46
CA GLN E 82 17.36 -13.31 -42.33
C GLN E 82 17.21 -14.75 -42.84
N HIS E 83 16.55 -15.61 -42.08
CA HIS E 83 16.40 -16.98 -42.46
C HIS E 83 15.48 -17.27 -43.66
N ILE E 84 14.36 -16.60 -43.70
CA ILE E 84 13.32 -16.87 -44.67
C ILE E 84 13.74 -16.30 -46.07
N LYS E 85 13.15 -16.87 -47.10
CA LYS E 85 13.44 -16.53 -48.49
C LYS E 85 12.83 -15.19 -48.93
N PRO E 86 11.59 -14.90 -48.63
CA PRO E 86 11.10 -13.60 -49.03
C PRO E 86 11.86 -12.41 -48.44
N ASP E 87 12.01 -11.37 -49.23
CA ASP E 87 12.42 -10.09 -48.75
C ASP E 87 11.41 -9.53 -47.72
N VAL E 88 11.95 -8.99 -46.62
CA VAL E 88 11.13 -8.31 -45.64
C VAL E 88 11.46 -6.83 -45.73
N GLN E 89 10.51 -6.07 -46.26
CA GLN E 89 10.61 -4.64 -46.26
C GLN E 89 10.33 -4.13 -44.83
N THR E 90 11.00 -3.06 -44.44
CA THR E 90 10.74 -2.42 -43.19
C THR E 90 10.34 -1.00 -43.43
N ILE E 91 9.31 -0.58 -42.70
CA ILE E 91 8.78 0.76 -42.81
C ILE E 91 8.56 1.32 -41.42
N CYS E 92 9.34 2.37 -41.08
CA CYS E 92 9.19 3.03 -39.82
C CYS E 92 8.12 4.10 -39.92
N ILE E 93 7.06 3.94 -39.16
CA ILE E 93 5.99 4.91 -39.05
C ILE E 93 6.04 5.37 -37.60
N GLY E 94 6.01 6.62 -37.35
CA GLY E 94 6.17 7.05 -35.92
C GLY E 94 7.58 6.98 -35.29
N MET E 95 7.93 5.84 -34.70
CA MET E 95 9.18 5.72 -33.92
C MET E 95 9.80 4.36 -34.09
N ALA E 96 11.10 4.33 -34.24
CA ALA E 96 11.85 3.10 -34.13
C ALA E 96 13.04 3.41 -33.26
N ALA E 97 12.98 2.95 -32.02
CA ALA E 97 14.06 3.16 -31.05
C ALA E 97 14.67 1.87 -30.57
N SER E 98 15.96 1.91 -30.28
CA SER E 98 16.74 0.76 -29.72
C SER E 98 16.66 -0.41 -30.67
N MET E 99 16.13 -1.54 -30.19
CA MET E 99 15.94 -2.73 -30.95
C MET E 99 14.98 -2.51 -32.17
N GLY E 100 14.03 -1.61 -32.03
CA GLY E 100 13.18 -1.22 -33.12
C GLY E 100 13.94 -0.63 -34.28
N SER E 101 14.92 0.20 -33.98
CA SER E 101 15.76 0.75 -35.05
C SER E 101 16.72 -0.30 -35.62
N PHE E 102 17.13 -1.23 -34.79
CA PHE E 102 17.98 -2.33 -35.21
C PHE E 102 17.20 -3.18 -36.25
N LEU E 103 15.92 -3.44 -35.92
CA LEU E 103 15.07 -4.17 -36.84
C LEU E 103 14.74 -3.40 -38.12
N LEU E 104 14.52 -2.09 -37.99
CA LEU E 104 14.33 -1.27 -39.14
C LEU E 104 15.53 -1.44 -40.14
N ALA E 105 16.73 -1.39 -39.61
CA ALA E 105 17.94 -1.54 -40.37
C ALA E 105 18.19 -2.93 -40.96
N ALA E 106 17.48 -3.90 -40.44
CA ALA E 106 17.61 -5.28 -40.82
C ALA E 106 16.73 -5.69 -42.04
N GLY E 107 15.93 -4.79 -42.56
CA GLY E 107 15.13 -5.08 -43.70
C GLY E 107 15.97 -5.34 -44.95
N ALA E 108 15.34 -5.87 -45.98
CA ALA E 108 16.03 -6.17 -47.20
C ALA E 108 16.65 -4.87 -47.81
N LYS E 109 17.86 -5.00 -48.28
CA LYS E 109 18.66 -3.89 -48.78
C LYS E 109 17.90 -3.25 -49.96
N GLY E 110 17.69 -1.96 -49.97
CA GLY E 110 16.86 -1.28 -50.93
C GLY E 110 15.39 -1.12 -50.54
N LYS E 111 14.92 -1.81 -49.50
CA LYS E 111 13.54 -1.80 -49.09
C LYS E 111 13.30 -1.46 -47.58
N ARG E 112 14.13 -0.56 -47.07
CA ARG E 112 14.02 -0.02 -45.74
C ARG E 112 13.62 1.44 -45.88
N PHE E 113 12.49 1.78 -45.30
CA PHE E 113 11.86 3.05 -45.43
C PHE E 113 11.50 3.67 -44.08
N ALA E 114 11.32 4.98 -44.10
CA ALA E 114 10.64 5.67 -43.04
C ALA E 114 9.84 6.79 -43.61
N LEU E 115 8.76 7.08 -42.92
CA LEU E 115 7.94 8.22 -43.22
C LEU E 115 8.63 9.51 -42.76
N PRO E 116 8.30 10.67 -43.38
CA PRO E 116 9.17 11.86 -43.21
C PRO E 116 9.36 12.38 -41.82
N ASN E 117 8.34 12.23 -40.98
CA ASN E 117 8.42 12.76 -39.63
C ASN E 117 8.67 11.69 -38.58
N ALA E 118 8.97 10.50 -39.02
CA ALA E 118 9.29 9.40 -38.14
C ALA E 118 10.61 9.65 -37.44
N GLU E 119 10.70 9.11 -36.24
CA GLU E 119 11.84 9.31 -35.38
C GLU E 119 12.60 7.98 -35.23
N VAL E 120 13.91 8.02 -35.42
CA VAL E 120 14.75 6.85 -35.28
C VAL E 120 15.75 7.15 -34.16
N MET E 121 15.89 6.22 -33.22
CA MET E 121 16.87 6.38 -32.17
C MET E 121 17.75 5.18 -31.98
N ILE E 122 19.03 5.41 -31.83
CA ILE E 122 20.03 4.36 -31.59
C ILE E 122 20.74 4.63 -30.29
N HIS E 123 21.06 3.57 -29.56
CA HIS E 123 21.80 3.63 -28.32
C HIS E 123 22.36 2.26 -27.91
N GLN E 124 23.10 2.22 -26.84
CA GLN E 124 23.63 1.00 -26.35
C GLN E 124 22.60 0.24 -25.48
N PRO E 125 22.78 -1.09 -25.42
CA PRO E 125 21.88 -1.90 -24.63
C PRO E 125 21.93 -1.64 -23.12
N LEU E 126 20.80 -1.86 -22.47
CA LEU E 126 20.56 -1.61 -21.08
C LEU E 126 20.42 -2.93 -20.30
N GLY E 127 20.78 -2.97 -19.03
CA GLY E 127 20.62 -4.12 -18.20
C GLY E 127 20.95 -3.78 -16.73
N GLY E 128 21.08 -4.85 -15.98
CA GLY E 128 21.28 -4.77 -14.58
C GLY E 128 21.91 -6.04 -14.04
N ALA E 129 22.45 -5.96 -12.82
CA ALA E 129 23.17 -7.07 -12.23
C ALA E 129 23.29 -6.80 -10.77
N GLN E 130 23.04 -7.83 -9.97
CA GLN E 130 23.00 -7.73 -8.55
C GLN E 130 23.69 -8.97 -8.01
N GLY E 131 24.51 -8.87 -6.97
CA GLY E 131 25.05 -10.06 -6.31
C GLY E 131 26.54 -10.02 -6.03
N GLN E 132 27.15 -11.19 -6.07
CA GLN E 132 28.58 -11.33 -5.84
C GLN E 132 29.37 -10.71 -7.01
N ALA E 133 30.60 -10.29 -6.70
CA ALA E 133 31.54 -9.80 -7.71
C ALA E 133 31.62 -10.65 -8.98
N THR E 134 31.76 -11.92 -8.79
CA THR E 134 31.75 -12.91 -9.83
C THR E 134 30.48 -12.87 -10.72
N GLU E 135 29.30 -12.71 -10.09
CA GLU E 135 28.08 -12.62 -10.83
C GLU E 135 28.01 -11.33 -11.63
N ILE E 136 28.51 -10.24 -11.05
CA ILE E 136 28.51 -9.00 -11.75
C ILE E 136 29.44 -9.04 -12.97
N GLU E 137 30.54 -9.74 -12.82
CA GLU E 137 31.50 -9.91 -13.88
C GLU E 137 30.87 -10.66 -15.06
N ILE E 138 30.19 -11.77 -14.76
CA ILE E 138 29.48 -12.52 -15.77
C ILE E 138 28.46 -11.66 -16.51
N ALA E 139 27.66 -10.93 -15.77
CA ALA E 139 26.64 -10.08 -16.38
C ALA E 139 27.28 -8.96 -17.25
N ALA E 140 28.38 -8.36 -16.78
CA ALA E 140 29.08 -7.37 -17.53
C ALA E 140 29.66 -7.92 -18.86
N ASN E 141 30.36 -9.05 -18.78
CA ASN E 141 30.87 -9.74 -19.96
C ASN E 141 29.76 -10.05 -20.96
N HIS E 142 28.63 -10.52 -20.48
CA HIS E 142 27.55 -10.85 -21.34
C HIS E 142 26.99 -9.58 -22.06
N ILE E 143 26.73 -8.50 -21.30
CA ILE E 143 26.16 -7.37 -21.94
C ILE E 143 27.18 -6.69 -22.93
N LEU E 144 28.49 -6.73 -22.62
CA LEU E 144 29.50 -6.24 -23.52
C LEU E 144 29.57 -7.03 -24.84
N LYS E 145 29.47 -8.37 -24.75
CA LYS E 145 29.43 -9.21 -25.90
C LYS E 145 28.15 -8.93 -26.77
N THR E 146 27.00 -8.70 -26.10
CA THR E 146 25.79 -8.39 -26.78
C THR E 146 25.97 -7.07 -27.56
N ARG E 147 26.59 -6.07 -26.92
CA ARG E 147 26.79 -4.81 -27.57
C ARG E 147 27.70 -4.91 -28.80
N GLU E 148 28.80 -5.66 -28.67
CA GLU E 148 29.67 -5.84 -29.81
C GLU E 148 28.95 -6.48 -30.99
N LYS E 149 28.12 -7.46 -30.71
CA LYS E 149 27.33 -8.15 -31.71
C LYS E 149 26.33 -7.19 -32.42
N LEU E 150 25.62 -6.38 -31.65
CA LEU E 150 24.72 -5.40 -32.21
C LEU E 150 25.48 -4.42 -33.11
N ASN E 151 26.58 -3.90 -32.60
CA ASN E 151 27.37 -2.96 -33.31
C ASN E 151 27.96 -3.48 -34.61
N ARG E 152 28.42 -4.71 -34.57
CA ARG E 152 28.99 -5.30 -35.75
C ARG E 152 27.92 -5.44 -36.83
N ILE E 153 26.74 -5.93 -36.48
CA ILE E 153 25.68 -6.09 -37.41
C ILE E 153 25.24 -4.75 -37.99
N LEU E 154 25.11 -3.75 -37.14
CA LEU E 154 24.73 -2.43 -37.60
C LEU E 154 25.76 -1.83 -38.57
N SER E 155 27.02 -2.09 -38.30
CA SER E 155 28.11 -1.73 -39.19
C SER E 155 27.91 -2.31 -40.61
N GLU E 156 27.68 -3.61 -40.67
CA GLU E 156 27.48 -4.28 -41.93
C GLU E 156 26.28 -3.78 -42.69
N ARG E 157 25.18 -3.55 -41.95
CA ARG E 157 23.92 -3.10 -42.55
C ARG E 157 23.92 -1.65 -42.92
N THR E 158 24.63 -0.78 -42.22
CA THR E 158 24.69 0.62 -42.60
C THR E 158 25.90 1.09 -43.43
N GLY E 159 26.95 0.27 -43.53
CA GLY E 159 28.17 0.70 -44.12
C GLY E 159 29.03 1.59 -43.27
N GLN E 160 28.68 1.92 -42.07
CA GLN E 160 29.55 2.71 -41.17
C GLN E 160 30.55 1.79 -40.50
N SER E 161 31.69 2.33 -40.13
CA SER E 161 32.65 1.58 -39.33
C SER E 161 32.14 1.22 -37.91
N ILE E 162 32.71 0.15 -37.37
CA ILE E 162 32.39 -0.26 -36.02
C ILE E 162 32.71 0.84 -35.01
N GLU E 163 33.81 1.53 -35.22
CA GLU E 163 34.23 2.62 -34.34
C GLU E 163 33.20 3.77 -34.36
N LYS E 164 32.72 4.12 -35.53
CA LYS E 164 31.73 5.15 -35.65
C LYS E 164 30.37 4.73 -34.96
N ILE E 165 29.95 3.48 -35.13
CA ILE E 165 28.77 2.97 -34.50
C ILE E 165 28.91 3.03 -32.94
N GLN E 166 30.07 2.62 -32.45
CA GLN E 166 30.37 2.63 -31.03
C GLN E 166 30.21 4.04 -30.43
N LYS E 167 30.80 5.01 -31.11
CA LYS E 167 30.71 6.37 -30.70
C LYS E 167 29.29 6.96 -30.75
N ASP E 168 28.59 6.65 -31.82
CA ASP E 168 27.29 7.21 -32.12
C ASP E 168 26.18 6.53 -31.29
N THR E 169 26.42 5.37 -30.71
CA THR E 169 25.46 4.71 -29.85
C THR E 169 25.76 4.83 -28.36
N ASP E 170 26.78 5.60 -28.04
CA ASP E 170 27.22 5.69 -26.65
C ASP E 170 26.17 6.24 -25.72
N ARG E 171 25.44 7.22 -26.21
CA ARG E 171 24.24 7.76 -25.61
C ARG E 171 23.14 7.80 -26.63
N ASP E 172 21.95 8.10 -26.16
CA ASP E 172 20.77 8.24 -26.97
C ASP E 172 21.05 9.22 -28.12
N ASN E 173 20.83 8.77 -29.31
CA ASN E 173 21.04 9.49 -30.52
C ASN E 173 19.79 9.43 -31.41
N PHE E 174 19.09 10.54 -31.46
CA PHE E 174 17.88 10.75 -32.24
C PHE E 174 18.21 11.18 -33.70
N LEU E 175 17.70 10.45 -34.67
CA LEU E 175 17.81 10.80 -36.06
C LEU E 175 16.45 11.11 -36.65
N THR E 176 16.44 12.12 -37.51
CA THR E 176 15.34 12.29 -38.45
C THR E 176 15.37 11.18 -39.50
N ALA E 177 14.27 11.05 -40.21
CA ALA E 177 14.19 10.06 -41.29
C ALA E 177 15.31 10.30 -42.35
N GLU E 178 15.50 11.56 -42.72
CA GLU E 178 16.53 11.94 -43.68
C GLU E 178 17.91 11.58 -43.13
N GLU E 179 18.14 11.87 -41.89
CA GLU E 179 19.40 11.51 -41.24
C GLU E 179 19.64 10.01 -41.18
N ALA E 180 18.57 9.25 -40.91
CA ALA E 180 18.65 7.81 -40.86
C ALA E 180 19.05 7.24 -42.26
N LYS E 181 18.54 7.90 -43.31
CA LYS E 181 18.92 7.55 -44.62
C LYS E 181 20.41 7.85 -44.96
N GLU E 182 20.86 9.05 -44.62
CA GLU E 182 22.25 9.40 -44.72
C GLU E 182 23.16 8.47 -43.93
N TYR E 183 22.71 8.02 -42.78
CA TYR E 183 23.48 7.12 -41.99
C TYR E 183 23.56 5.69 -42.57
N GLY E 184 22.61 5.29 -43.40
CA GLY E 184 22.50 3.92 -43.88
C GLY E 184 21.57 2.99 -43.09
N LEU E 185 20.83 3.51 -42.13
CA LEU E 185 19.81 2.74 -41.40
C LEU E 185 18.57 2.41 -42.25
N ILE E 186 18.23 3.29 -43.20
CA ILE E 186 17.20 3.05 -44.19
C ILE E 186 17.72 3.43 -45.55
N ASP E 187 16.99 3.09 -46.61
CA ASP E 187 17.34 3.41 -48.01
C ASP E 187 16.61 4.61 -48.54
N GLU E 188 15.34 4.81 -48.13
CA GLU E 188 14.55 5.91 -48.62
C GLU E 188 13.62 6.45 -47.58
N VAL E 189 13.38 7.75 -47.70
CA VAL E 189 12.37 8.44 -46.94
C VAL E 189 11.16 8.38 -47.86
N MET E 190 10.06 7.82 -47.44
CA MET E 190 8.82 7.85 -48.25
C MET E 190 8.26 9.21 -48.33
N VAL E 191 8.05 9.69 -49.51
CA VAL E 191 7.62 11.10 -49.73
C VAL E 191 6.15 11.01 -50.15
N PRO E 192 5.35 11.96 -49.65
CA PRO E 192 3.90 11.89 -50.01
C PRO E 192 3.74 12.32 -51.45
N ILE F 4 -20.03 -0.17 -26.55
CA ILE F 4 -20.43 -0.01 -28.00
C ILE F 4 -21.59 -1.01 -28.13
N PRO F 5 -22.79 -0.52 -28.55
CA PRO F 5 -23.81 -1.42 -29.12
C PRO F 5 -23.44 -1.92 -30.57
N THR F 6 -24.25 -2.87 -31.01
CA THR F 6 -24.20 -3.64 -32.23
C THR F 6 -25.35 -3.26 -33.21
N VAL F 7 -25.05 -3.22 -34.51
CA VAL F 7 -26.09 -2.83 -35.55
C VAL F 7 -26.85 -4.07 -36.12
N TYR F 18 -21.96 -6.30 -36.72
CA TYR F 18 -20.98 -5.21 -36.60
C TYR F 18 -21.16 -4.33 -35.27
N ASP F 19 -20.10 -4.00 -34.55
CA ASP F 19 -20.11 -2.90 -33.59
C ASP F 19 -20.17 -1.53 -34.34
N ILE F 20 -20.61 -0.49 -33.62
CA ILE F 20 -20.97 0.79 -34.25
C ILE F 20 -19.77 1.42 -34.99
N TYR F 21 -18.57 1.30 -34.44
CA TYR F 21 -17.38 1.85 -35.07
C TYR F 21 -17.01 1.10 -36.38
N SER F 22 -17.14 -0.21 -36.38
CA SER F 22 -16.98 -0.97 -37.60
C SER F 22 -18.01 -0.63 -38.67
N ARG F 23 -19.24 -0.36 -38.25
CA ARG F 23 -20.26 0.06 -39.19
C ARG F 23 -19.88 1.44 -39.79
N LEU F 24 -19.37 2.36 -38.97
CA LEU F 24 -18.98 3.64 -39.50
C LEU F 24 -17.75 3.54 -40.43
N LEU F 25 -16.85 2.61 -40.15
CA LEU F 25 -15.69 2.38 -40.98
C LEU F 25 -16.06 1.93 -42.38
N LYS F 26 -17.15 1.19 -42.52
CA LYS F 26 -17.71 0.87 -43.83
C LYS F 26 -18.12 2.09 -44.63
N ASP F 27 -18.48 3.20 -43.98
CA ASP F 27 -18.74 4.48 -44.66
C ASP F 27 -17.52 5.38 -44.70
N ARG F 28 -16.34 4.85 -44.39
CA ARG F 28 -15.07 5.55 -44.48
C ARG F 28 -14.86 6.60 -43.36
N ILE F 29 -15.55 6.40 -42.25
CA ILE F 29 -15.40 7.21 -41.08
C ILE F 29 -14.48 6.50 -40.08
N ILE F 30 -13.45 7.21 -39.65
CA ILE F 30 -12.54 6.74 -38.64
C ILE F 30 -12.72 7.60 -37.38
N MET F 31 -12.84 6.95 -36.24
CA MET F 31 -12.99 7.65 -34.97
C MET F 31 -11.66 7.76 -34.19
N LEU F 32 -11.17 8.98 -33.98
CA LEU F 32 -10.08 9.27 -33.07
C LEU F 32 -10.68 9.88 -31.83
N GLY F 33 -11.08 9.02 -30.89
CA GLY F 33 -11.90 9.35 -29.76
C GLY F 33 -11.31 9.09 -28.41
N SER F 34 -9.99 9.07 -28.30
CA SER F 34 -9.32 8.77 -27.06
C SER F 34 -7.95 9.43 -27.06
N GLN F 35 -7.29 9.32 -25.94
CA GLN F 35 -5.88 9.63 -25.81
C GLN F 35 -5.08 8.92 -26.93
N ILE F 36 -4.14 9.60 -27.53
CA ILE F 36 -3.33 9.05 -28.60
C ILE F 36 -2.11 8.35 -28.03
N ASP F 37 -2.10 7.03 -28.04
CA ASP F 37 -0.93 6.27 -27.73
C ASP F 37 -0.57 5.43 -28.94
N ASP F 38 0.43 4.57 -28.81
CA ASP F 38 0.83 3.72 -29.92
C ASP F 38 -0.26 2.77 -30.48
N ASN F 39 -1.06 2.15 -29.64
CA ASN F 39 -2.16 1.29 -30.10
C ASN F 39 -3.19 2.04 -30.93
N VAL F 40 -3.56 3.23 -30.50
CA VAL F 40 -4.49 4.06 -31.20
C VAL F 40 -3.90 4.46 -32.56
N ALA F 41 -2.66 4.91 -32.57
CA ALA F 41 -2.02 5.25 -33.81
C ALA F 41 -1.89 4.09 -34.78
N ASN F 42 -1.55 2.93 -34.28
CA ASN F 42 -1.43 1.76 -35.18
C ASN F 42 -2.77 1.38 -35.84
N SER F 43 -3.84 1.47 -35.04
CA SER F 43 -5.18 1.20 -35.48
C SER F 43 -5.60 2.24 -36.54
N ILE F 44 -5.36 3.52 -36.30
CA ILE F 44 -5.82 4.56 -37.22
C ILE F 44 -5.01 4.47 -38.52
N VAL F 45 -3.71 4.25 -38.41
CA VAL F 45 -2.84 4.07 -39.58
C VAL F 45 -3.39 2.90 -40.44
N SER F 46 -3.67 1.80 -39.81
CA SER F 46 -4.14 0.64 -40.48
C SER F 46 -5.49 0.89 -41.20
N GLN F 47 -6.38 1.60 -40.52
CA GLN F 47 -7.65 1.97 -41.04
C GLN F 47 -7.50 2.88 -42.28
N LEU F 48 -6.61 3.89 -42.18
CA LEU F 48 -6.34 4.75 -43.29
C LEU F 48 -5.84 3.99 -44.54
N LEU F 49 -4.90 3.07 -44.33
CA LEU F 49 -4.33 2.31 -45.42
C LEU F 49 -5.36 1.34 -46.06
N PHE F 50 -6.17 0.74 -45.20
CA PHE F 50 -7.20 -0.17 -45.60
C PHE F 50 -8.24 0.58 -46.47
N LEU F 51 -8.64 1.76 -46.04
CA LEU F 51 -9.58 2.54 -46.79
C LEU F 51 -9.02 2.97 -48.15
N GLN F 52 -7.77 3.40 -48.18
CA GLN F 52 -7.11 3.72 -49.45
C GLN F 52 -7.09 2.49 -50.40
N ALA F 53 -6.80 1.30 -49.88
CA ALA F 53 -6.81 0.09 -50.68
C ALA F 53 -8.21 -0.28 -51.23
N GLN F 54 -9.26 0.01 -50.48
CA GLN F 54 -10.61 -0.22 -50.94
C GLN F 54 -11.00 0.77 -52.02
N ASP F 55 -10.56 2.02 -51.91
CA ASP F 55 -10.88 3.04 -52.88
C ASP F 55 -9.93 4.21 -52.68
N SER F 56 -9.08 4.45 -53.67
CA SER F 56 -8.07 5.49 -53.57
C SER F 56 -8.59 6.90 -53.85
N GLU F 57 -9.76 7.02 -54.50
CA GLU F 57 -10.33 8.33 -54.85
C GLU F 57 -11.29 8.94 -53.78
N LYS F 58 -12.10 8.14 -53.13
CA LYS F 58 -13.08 8.67 -52.20
C LYS F 58 -12.54 9.23 -50.88
N ASP F 59 -13.15 10.31 -50.43
CA ASP F 59 -12.82 10.94 -49.18
C ASP F 59 -12.94 9.96 -48.00
N ILE F 60 -12.11 10.22 -47.00
CA ILE F 60 -12.15 9.56 -45.71
C ILE F 60 -12.48 10.65 -44.69
N TYR F 61 -13.13 10.27 -43.60
CA TYR F 61 -13.57 11.22 -42.61
C TYR F 61 -13.01 10.82 -41.25
N LEU F 62 -12.16 11.68 -40.67
CA LEU F 62 -11.59 11.49 -39.38
C LEU F 62 -12.29 12.38 -38.34
N TYR F 63 -13.05 11.75 -37.48
CA TYR F 63 -13.77 12.43 -36.39
C TYR F 63 -12.86 12.47 -35.17
N ILE F 64 -12.71 13.63 -34.57
CA ILE F 64 -11.74 13.82 -33.51
C ILE F 64 -12.42 14.31 -32.26
N ASN F 65 -12.24 13.52 -31.19
CA ASN F 65 -12.56 13.92 -29.83
C ASN F 65 -11.49 13.34 -28.92
N SER F 66 -10.41 14.09 -28.76
CA SER F 66 -9.18 13.60 -28.19
C SER F 66 -8.44 14.67 -27.41
N PRO F 67 -7.92 14.32 -26.22
CA PRO F 67 -7.04 15.27 -25.47
C PRO F 67 -5.61 15.25 -25.96
N GLY F 68 -5.28 14.51 -27.01
CA GLY F 68 -3.92 14.39 -27.46
C GLY F 68 -3.22 13.17 -26.90
N GLY F 69 -1.92 13.24 -26.83
CA GLY F 69 -1.10 12.15 -26.31
C GLY F 69 0.27 12.15 -26.97
N SER F 70 0.77 10.99 -27.29
CA SER F 70 2.12 10.82 -27.81
C SER F 70 2.35 11.49 -29.13
N VAL F 71 3.42 12.27 -29.19
CA VAL F 71 3.78 13.03 -30.38
C VAL F 71 4.21 12.08 -31.53
N THR F 72 4.99 11.06 -31.21
CA THR F 72 5.44 10.14 -32.23
C THR F 72 4.22 9.32 -32.77
N ALA F 73 3.30 8.97 -31.89
CA ALA F 73 2.11 8.30 -32.31
C ALA F 73 1.26 9.20 -33.22
N GLY F 74 1.14 10.45 -32.84
CA GLY F 74 0.47 11.42 -33.66
C GLY F 74 1.09 11.63 -35.01
N PHE F 75 2.41 11.59 -35.06
CA PHE F 75 3.10 11.75 -36.32
C PHE F 75 2.92 10.52 -37.22
N ALA F 76 2.80 9.34 -36.66
CA ALA F 76 2.47 8.19 -37.46
C ALA F 76 1.13 8.41 -38.26
N ILE F 77 0.16 8.97 -37.55
CA ILE F 77 -1.12 9.27 -38.11
C ILE F 77 -0.99 10.39 -39.14
N TYR F 78 -0.30 11.46 -38.76
CA TYR F 78 -0.09 12.57 -39.62
C TYR F 78 0.54 12.17 -40.95
N ASP F 79 1.65 11.43 -40.87
CA ASP F 79 2.36 11.05 -42.07
C ASP F 79 1.54 10.13 -42.97
N THR F 80 0.71 9.29 -42.35
CA THR F 80 -0.10 8.40 -43.08
C THR F 80 -1.19 9.19 -43.82
N ILE F 81 -1.81 10.14 -43.13
CA ILE F 81 -2.75 11.02 -43.78
C ILE F 81 -2.13 11.68 -45.03
N GLN F 82 -0.93 12.24 -44.88
CA GLN F 82 -0.35 12.95 -46.02
C GLN F 82 0.08 11.98 -47.13
N HIS F 83 0.43 10.75 -46.78
CA HIS F 83 0.90 9.83 -47.77
C HIS F 83 -0.16 9.30 -48.75
N ILE F 84 -1.35 9.01 -48.24
CA ILE F 84 -2.38 8.39 -49.02
C ILE F 84 -3.02 9.41 -49.98
N LYS F 85 -3.62 8.87 -51.04
CA LYS F 85 -4.21 9.67 -52.12
C LYS F 85 -5.55 10.32 -51.71
N PRO F 86 -6.46 9.58 -51.09
CA PRO F 86 -7.70 10.24 -50.70
C PRO F 86 -7.49 11.44 -49.75
N ASP F 87 -8.31 12.44 -49.94
CA ASP F 87 -8.49 13.49 -48.99
C ASP F 87 -9.05 12.92 -47.65
N VAL F 88 -8.47 13.36 -46.54
CA VAL F 88 -8.95 13.07 -45.22
C VAL F 88 -9.54 14.31 -44.62
N GLN F 89 -10.85 14.32 -44.53
CA GLN F 89 -11.57 15.39 -43.84
C GLN F 89 -11.37 15.19 -42.33
N THR F 90 -11.28 16.26 -41.58
CA THR F 90 -11.23 16.22 -40.14
C THR F 90 -12.38 16.99 -39.56
N ILE F 91 -13.00 16.40 -38.56
CA ILE F 91 -14.15 16.98 -37.89
C ILE F 91 -13.95 16.88 -36.37
N CYS F 92 -13.79 18.02 -35.72
CA CYS F 92 -13.67 18.08 -34.30
C CYS F 92 -15.04 18.12 -33.66
N ILE F 93 -15.36 17.11 -32.88
CA ILE F 93 -16.57 17.05 -32.08
C ILE F 93 -16.13 17.09 -30.65
N GLY F 94 -16.71 17.85 -29.80
CA GLY F 94 -16.16 17.89 -28.40
C GLY F 94 -14.82 18.62 -28.18
N MET F 95 -13.69 17.92 -28.31
CA MET F 95 -12.38 18.46 -27.95
C MET F 95 -11.29 17.98 -28.87
N ALA F 96 -10.42 18.87 -29.26
CA ALA F 96 -9.18 18.50 -29.91
C ALA F 96 -8.09 19.29 -29.25
N ALA F 97 -7.33 18.63 -28.39
CA ALA F 97 -6.24 19.25 -27.64
C ALA F 97 -4.89 18.63 -28.01
N SER F 98 -3.84 19.46 -27.97
CA SER F 98 -2.44 19.05 -28.22
C SER F 98 -2.31 18.43 -29.59
N MET F 99 -1.87 17.17 -29.62
CA MET F 99 -1.74 16.44 -30.86
C MET F 99 -3.07 16.24 -31.61
N GLY F 100 -4.16 16.17 -30.86
CA GLY F 100 -5.50 16.16 -31.44
C GLY F 100 -5.77 17.38 -32.28
N SER F 101 -5.39 18.53 -31.78
CA SER F 101 -5.56 19.77 -32.57
C SER F 101 -4.58 19.83 -33.75
N PHE F 102 -3.40 19.25 -33.57
CA PHE F 102 -2.43 19.18 -34.64
C PHE F 102 -3.01 18.31 -35.78
N LEU F 103 -3.62 17.18 -35.41
CA LEU F 103 -4.26 16.32 -36.38
C LEU F 103 -5.51 16.94 -37.02
N LEU F 104 -6.30 17.67 -36.24
CA LEU F 104 -7.40 18.41 -36.79
C LEU F 104 -6.93 19.31 -37.95
N ALA F 105 -5.82 20.04 -37.69
CA ALA F 105 -5.25 20.95 -38.64
C ALA F 105 -4.63 20.27 -39.88
N ALA F 106 -4.36 18.99 -39.78
CA ALA F 106 -3.74 18.21 -40.79
C ALA F 106 -4.73 17.63 -41.87
N GLY F 107 -6.00 17.87 -41.73
CA GLY F 107 -6.94 17.44 -42.69
C GLY F 107 -6.77 18.16 -44.04
N ALA F 108 -7.39 17.64 -45.08
CA ALA F 108 -7.28 18.22 -46.40
C ALA F 108 -7.85 19.67 -46.36
N LYS F 109 -7.10 20.57 -47.02
CA LYS F 109 -7.37 22.00 -46.95
C LYS F 109 -8.78 22.21 -47.59
N GLY F 110 -9.64 22.95 -46.92
CA GLY F 110 -11.03 23.11 -47.26
C GLY F 110 -11.96 22.15 -46.59
N LYS F 111 -11.47 21.09 -45.95
CA LYS F 111 -12.30 20.05 -45.35
C LYS F 111 -11.95 19.74 -43.88
N ARG F 112 -11.59 20.79 -43.13
CA ARG F 112 -11.35 20.73 -41.71
C ARG F 112 -12.47 21.51 -41.05
N PHE F 113 -13.18 20.83 -40.17
CA PHE F 113 -14.36 21.33 -39.53
C PHE F 113 -14.34 21.16 -38.02
N ALA F 114 -15.13 21.95 -37.35
CA ALA F 114 -15.50 21.72 -35.99
C ALA F 114 -16.95 22.11 -35.78
N LEU F 115 -17.55 21.40 -34.85
CA LEU F 115 -18.86 21.71 -34.37
C LEU F 115 -18.85 22.95 -33.50
N PRO F 116 -19.99 23.67 -33.39
CA PRO F 116 -19.95 25.03 -32.81
C PRO F 116 -19.43 25.18 -31.42
N ASN F 117 -19.68 24.17 -30.60
CA ASN F 117 -19.31 24.24 -29.20
C ASN F 117 -18.07 23.42 -28.88
N ALA F 118 -17.40 22.91 -29.91
CA ALA F 118 -16.21 22.15 -29.74
C ALA F 118 -15.07 23.05 -29.23
N GLU F 119 -14.17 22.43 -28.51
CA GLU F 119 -13.06 23.11 -27.88
C GLU F 119 -11.75 22.66 -28.55
N VAL F 120 -10.92 23.60 -28.93
CA VAL F 120 -9.64 23.34 -29.54
C VAL F 120 -8.57 23.93 -28.63
N MET F 121 -7.55 23.15 -28.31
CA MET F 121 -6.47 23.64 -27.47
C MET F 121 -5.10 23.34 -28.06
N ILE F 122 -4.25 24.35 -28.04
CA ILE F 122 -2.86 24.23 -28.49
C ILE F 122 -1.94 24.59 -27.36
N HIS F 123 -0.82 23.88 -27.29
CA HIS F 123 0.23 24.09 -26.29
C HIS F 123 1.53 23.44 -26.71
N GLN F 124 2.58 23.60 -25.94
CA GLN F 124 3.84 23.00 -26.29
C GLN F 124 3.87 21.57 -25.79
N PRO F 125 4.74 20.75 -26.43
CA PRO F 125 4.93 19.38 -25.96
C PRO F 125 5.50 19.28 -24.56
N LEU F 126 5.13 18.19 -23.90
CA LEU F 126 5.46 17.83 -22.53
C LEU F 126 6.42 16.62 -22.56
N GLY F 127 7.29 16.49 -21.56
CA GLY F 127 8.18 15.40 -21.41
C GLY F 127 8.87 15.42 -20.06
N GLY F 128 9.97 14.67 -20.04
CA GLY F 128 10.80 14.56 -18.89
C GLY F 128 12.19 14.15 -19.26
N ALA F 129 13.08 14.21 -18.28
CA ALA F 129 14.48 13.80 -18.45
C ALA F 129 15.04 13.65 -17.07
N GLN F 130 15.78 12.58 -16.88
CA GLN F 130 16.34 12.23 -15.63
C GLN F 130 17.76 11.73 -15.87
N GLY F 131 18.74 12.08 -15.08
CA GLY F 131 20.06 11.44 -15.12
C GLY F 131 21.22 12.40 -15.08
N GLN F 132 22.29 12.05 -15.79
CA GLN F 132 23.45 12.88 -15.93
C GLN F 132 23.16 14.16 -16.72
N ALA F 133 23.93 15.21 -16.47
CA ALA F 133 23.81 16.48 -17.19
C ALA F 133 23.75 16.31 -18.73
N THR F 134 24.65 15.53 -19.25
CA THR F 134 24.69 15.13 -20.62
C THR F 134 23.40 14.44 -21.14
N GLU F 135 22.82 13.57 -20.32
CA GLU F 135 21.57 12.91 -20.66
C GLU F 135 20.44 13.93 -20.68
N ILE F 136 20.43 14.84 -19.74
CA ILE F 136 19.40 15.84 -19.72
C ILE F 136 19.49 16.77 -20.93
N GLU F 137 20.71 17.06 -21.35
CA GLU F 137 20.96 17.86 -22.49
C GLU F 137 20.40 17.22 -23.76
N ILE F 138 20.69 15.94 -23.94
CA ILE F 138 20.15 15.18 -25.06
C ILE F 138 18.63 15.21 -25.08
N ALA F 139 18.01 14.94 -23.94
CA ALA F 139 16.56 14.94 -23.84
C ALA F 139 15.97 16.37 -24.14
N ALA F 140 16.61 17.40 -23.62
CA ALA F 140 16.21 18.75 -23.88
C ALA F 140 16.30 19.13 -25.38
N ASN F 141 17.44 18.86 -26.01
CA ASN F 141 17.62 19.03 -27.45
C ASN F 141 16.56 18.30 -28.24
N HIS F 142 16.27 17.08 -27.89
CA HIS F 142 15.30 16.32 -28.61
C HIS F 142 13.88 16.94 -28.49
N ILE F 143 13.45 17.30 -27.27
CA ILE F 143 12.13 17.83 -27.15
C ILE F 143 12.01 19.24 -27.83
N LEU F 144 13.09 20.05 -27.79
CA LEU F 144 13.10 21.32 -28.46
C LEU F 144 13.01 21.17 -30.00
N LYS F 145 13.73 20.21 -30.55
CA LYS F 145 13.65 19.89 -31.96
C LYS F 145 12.25 19.34 -32.37
N THR F 146 11.61 18.56 -31.50
CA THR F 146 10.27 18.07 -31.72
C THR F 146 9.33 19.29 -31.79
N ARG F 147 9.50 20.23 -30.88
CA ARG F 147 8.66 21.41 -30.89
C ARG F 147 8.85 22.25 -32.18
N GLU F 148 10.07 22.45 -32.61
CA GLU F 148 10.33 23.14 -33.86
C GLU F 148 9.64 22.48 -35.06
N LYS F 149 9.68 21.15 -35.09
CA LYS F 149 9.03 20.37 -36.14
C LYS F 149 7.51 20.57 -36.13
N LEU F 150 6.89 20.47 -34.95
CA LEU F 150 5.47 20.71 -34.80
C LEU F 150 5.11 22.10 -35.26
N ASN F 151 5.85 23.09 -34.79
CA ASN F 151 5.57 24.48 -35.09
C ASN F 151 5.71 24.78 -36.60
N ARG F 152 6.70 24.22 -37.22
CA ARG F 152 6.91 24.43 -38.61
C ARG F 152 5.72 23.89 -39.43
N ILE F 153 5.31 22.67 -39.10
CA ILE F 153 4.19 22.09 -39.81
C ILE F 153 2.89 22.87 -39.58
N LEU F 154 2.65 23.26 -38.33
CA LEU F 154 1.47 24.02 -38.00
C LEU F 154 1.44 25.38 -38.73
N SER F 155 2.61 25.97 -38.88
CA SER F 155 2.77 27.17 -39.66
C SER F 155 2.26 27.00 -41.10
N GLU F 156 2.74 25.97 -41.76
CA GLU F 156 2.35 25.69 -43.11
C GLU F 156 0.86 25.42 -43.24
N ARG F 157 0.33 24.64 -42.30
CA ARG F 157 -1.08 24.30 -42.32
C ARG F 157 -2.05 25.38 -41.91
N THR F 158 -1.66 26.28 -41.04
CA THR F 158 -2.53 27.39 -40.63
C THR F 158 -2.29 28.73 -41.34
N GLY F 159 -1.16 28.91 -42.02
CA GLY F 159 -0.78 30.22 -42.50
C GLY F 159 -0.22 31.17 -41.47
N GLN F 160 -0.09 30.79 -40.24
CA GLN F 160 0.55 31.66 -39.21
C GLN F 160 2.03 31.49 -39.26
N SER F 161 2.76 32.52 -38.87
CA SER F 161 4.22 32.44 -38.74
C SER F 161 4.63 31.42 -37.58
N ILE F 162 5.82 30.85 -37.72
CA ILE F 162 6.43 30.09 -36.72
C ILE F 162 6.57 30.82 -35.40
N GLU F 163 6.92 32.08 -35.46
CA GLU F 163 7.07 32.92 -34.25
C GLU F 163 5.73 33.08 -33.55
N LYS F 164 4.67 33.30 -34.29
CA LYS F 164 3.35 33.41 -33.69
C LYS F 164 2.91 32.08 -33.03
N ILE F 165 3.17 30.95 -33.70
CA ILE F 165 2.83 29.64 -33.18
C ILE F 165 3.62 29.41 -31.82
N GLN F 166 4.90 29.76 -31.83
CA GLN F 166 5.75 29.65 -30.67
C GLN F 166 5.18 30.42 -29.45
N LYS F 167 4.82 31.66 -29.69
CA LYS F 167 4.23 32.46 -28.66
C LYS F 167 2.86 31.98 -28.16
N ASP F 168 2.03 31.56 -29.08
CA ASP F 168 0.65 31.19 -28.79
C ASP F 168 0.57 29.77 -28.17
N THR F 169 1.60 28.96 -28.29
CA THR F 169 1.63 27.65 -27.70
C THR F 169 2.46 27.56 -26.41
N ASP F 170 2.94 28.69 -25.95
CA ASP F 170 3.83 28.74 -24.81
C ASP F 170 3.14 28.18 -23.54
N ARG F 171 1.87 28.54 -23.38
CA ARG F 171 0.98 27.98 -22.40
C ARG F 171 -0.27 27.46 -23.06
N ASP F 172 -1.07 26.75 -22.32
CA ASP F 172 -2.37 26.25 -22.76
C ASP F 172 -3.19 27.39 -23.32
N ASN F 173 -3.62 27.24 -24.55
CA ASN F 173 -4.38 28.21 -25.26
C ASN F 173 -5.64 27.53 -25.84
N PHE F 174 -6.77 27.85 -25.21
CA PHE F 174 -8.08 27.36 -25.57
C PHE F 174 -8.73 28.25 -26.65
N LEU F 175 -9.13 27.66 -27.77
CA LEU F 175 -9.87 28.32 -28.79
C LEU F 175 -11.29 27.78 -28.89
N THR F 176 -12.21 28.68 -29.14
CA THR F 176 -13.53 28.31 -29.62
C THR F 176 -13.40 27.83 -31.08
N ALA F 177 -14.46 27.19 -31.55
CA ALA F 177 -14.50 26.72 -32.92
C ALA F 177 -14.29 27.91 -33.92
N GLU F 178 -14.98 29.02 -33.64
CA GLU F 178 -14.84 30.20 -34.45
C GLU F 178 -13.40 30.73 -34.45
N GLU F 179 -12.80 30.76 -33.28
CA GLU F 179 -11.42 31.16 -33.13
C GLU F 179 -10.45 30.23 -33.86
N ALA F 180 -10.71 28.94 -33.81
CA ALA F 180 -9.90 27.97 -34.51
C ALA F 180 -9.95 28.19 -36.04
N LYS F 181 -11.11 28.60 -36.51
CA LYS F 181 -11.25 28.95 -37.90
C LYS F 181 -10.46 30.22 -38.28
N GLU F 182 -10.60 31.27 -37.48
CA GLU F 182 -9.79 32.48 -37.65
C GLU F 182 -8.32 32.19 -37.59
N TYR F 183 -7.90 31.27 -36.75
CA TYR F 183 -6.51 30.93 -36.64
C TYR F 183 -5.97 30.15 -37.85
N GLY F 184 -6.84 29.47 -38.61
CA GLY F 184 -6.42 28.59 -39.69
C GLY F 184 -6.23 27.11 -39.31
N LEU F 185 -6.64 26.71 -38.10
CA LEU F 185 -6.62 25.31 -37.70
C LEU F 185 -7.77 24.49 -38.38
N ILE F 186 -8.88 25.16 -38.68
CA ILE F 186 -9.99 24.59 -39.42
C ILE F 186 -10.42 25.56 -40.50
N ASP F 187 -11.24 25.11 -41.44
CA ASP F 187 -11.81 25.93 -42.52
C ASP F 187 -13.22 26.40 -42.26
N GLU F 188 -14.04 25.61 -41.59
CA GLU F 188 -15.42 25.98 -41.33
C GLU F 188 -15.90 25.44 -39.98
N VAL F 189 -16.78 26.19 -39.36
CA VAL F 189 -17.52 25.82 -38.24
C VAL F 189 -18.79 25.20 -38.83
N MET F 190 -19.10 23.93 -38.55
CA MET F 190 -20.32 23.31 -39.04
C MET F 190 -21.50 23.88 -38.31
N VAL F 191 -22.45 24.37 -39.07
CA VAL F 191 -23.63 25.02 -38.49
C VAL F 191 -24.78 24.08 -38.76
N PRO F 192 -25.75 24.00 -37.80
CA PRO F 192 -26.85 23.08 -37.95
C PRO F 192 -27.81 23.47 -39.12
N ILE G 4 -25.89 -8.00 -18.90
CA ILE G 4 -26.82 -7.52 -20.02
C ILE G 4 -27.43 -8.77 -20.63
N PRO G 5 -28.76 -8.97 -20.50
CA PRO G 5 -29.40 -10.12 -21.20
C PRO G 5 -29.57 -9.85 -22.73
N THR G 6 -29.93 -10.93 -23.40
CA THR G 6 -30.04 -11.10 -24.86
C THR G 6 -31.54 -11.36 -25.21
N VAL G 7 -31.99 -10.89 -26.40
CA VAL G 7 -33.34 -11.30 -26.92
C VAL G 7 -33.26 -12.53 -27.84
N TYR G 18 -29.21 -10.55 -30.44
CA TYR G 18 -29.11 -9.15 -30.04
C TYR G 18 -29.03 -8.92 -28.49
N ASP G 19 -28.09 -8.14 -27.92
CA ASP G 19 -28.21 -7.64 -26.57
C ASP G 19 -29.34 -6.54 -26.51
N ILE G 20 -29.84 -6.28 -25.30
CA ILE G 20 -31.05 -5.50 -25.12
C ILE G 20 -30.92 -4.07 -25.68
N TYR G 21 -29.75 -3.46 -25.50
CA TYR G 21 -29.49 -2.11 -26.01
C TYR G 21 -29.46 -2.05 -27.53
N SER G 22 -28.85 -3.05 -28.17
CA SER G 22 -28.89 -3.15 -29.61
C SER G 22 -30.31 -3.33 -30.15
N ARG G 23 -31.13 -4.11 -29.43
CA ARG G 23 -32.51 -4.23 -29.81
C ARG G 23 -33.25 -2.88 -29.71
N LEU G 24 -32.99 -2.14 -28.67
CA LEU G 24 -33.63 -0.83 -28.51
C LEU G 24 -33.15 0.19 -29.58
N LEU G 25 -31.89 0.07 -29.99
CA LEU G 25 -31.35 0.92 -31.02
C LEU G 25 -32.04 0.72 -32.37
N LYS G 26 -32.48 -0.49 -32.65
CA LYS G 26 -33.34 -0.77 -33.80
C LYS G 26 -34.66 0.00 -33.77
N ASP G 27 -35.18 0.34 -32.59
CA ASP G 27 -36.36 1.21 -32.44
C ASP G 27 -36.01 2.68 -32.27
N ARG G 28 -34.73 3.03 -32.52
CA ARG G 28 -34.25 4.40 -32.50
C ARG G 28 -34.15 5.01 -31.08
N ILE G 29 -33.99 4.12 -30.10
CA ILE G 29 -33.75 4.48 -28.74
C ILE G 29 -32.28 4.39 -28.44
N ILE G 30 -31.72 5.48 -27.91
CA ILE G 30 -30.37 5.52 -27.43
C ILE G 30 -30.39 5.67 -25.91
N MET G 31 -29.59 4.87 -25.23
CA MET G 31 -29.46 4.94 -23.78
C MET G 31 -28.25 5.72 -23.31
N LEU G 32 -28.46 6.83 -22.61
CA LEU G 32 -27.39 7.58 -21.92
C LEU G 32 -27.57 7.27 -20.45
N GLY G 33 -26.93 6.17 -20.00
CA GLY G 33 -27.16 5.59 -18.70
C GLY G 33 -25.97 5.49 -17.80
N SER G 34 -24.98 6.36 -17.99
CA SER G 34 -23.79 6.34 -17.15
C SER G 34 -23.20 7.74 -17.09
N GLN G 35 -22.14 7.85 -16.32
CA GLN G 35 -21.26 8.99 -16.32
C GLN G 35 -20.85 9.32 -17.77
N ILE G 36 -20.83 10.59 -18.11
CA ILE G 36 -20.48 11.02 -19.47
C ILE G 36 -18.96 11.24 -19.56
N ASP G 37 -18.27 10.35 -20.24
CA ASP G 37 -16.87 10.52 -20.54
C ASP G 37 -16.74 10.48 -22.07
N ASP G 38 -15.52 10.53 -22.58
CA ASP G 38 -15.32 10.48 -24.00
C ASP G 38 -15.86 9.24 -24.73
N ASN G 39 -15.69 8.04 -24.15
CA ASN G 39 -16.21 6.82 -24.76
C ASN G 39 -17.71 6.84 -24.92
N VAL G 40 -18.42 7.30 -23.89
CA VAL G 40 -19.85 7.41 -23.91
C VAL G 40 -20.28 8.41 -24.98
N ALA G 41 -19.66 9.56 -25.00
CA ALA G 41 -19.98 10.54 -26.01
C ALA G 41 -19.75 10.07 -27.43
N ASN G 42 -18.63 9.39 -27.65
CA ASN G 42 -18.34 8.91 -29.00
C ASN G 42 -19.37 7.88 -29.49
N SER G 43 -19.80 7.01 -28.57
CA SER G 43 -20.79 6.01 -28.84
C SER G 43 -22.15 6.68 -29.14
N ILE G 44 -22.55 7.67 -28.35
CA ILE G 44 -23.86 8.27 -28.54
C ILE G 44 -23.86 9.09 -29.86
N VAL G 45 -22.78 9.82 -30.12
CA VAL G 45 -22.61 10.56 -31.35
C VAL G 45 -22.78 9.62 -32.56
N SER G 46 -22.06 8.50 -32.51
CA SER G 46 -22.06 7.56 -33.57
C SER G 46 -23.48 6.98 -33.81
N GLN G 47 -24.18 6.68 -32.72
CA GLN G 47 -25.52 6.19 -32.76
C GLN G 47 -26.47 7.22 -33.39
N LEU G 48 -26.35 8.47 -32.98
CA LEU G 48 -27.13 9.53 -33.54
C LEU G 48 -26.96 9.66 -35.06
N LEU G 49 -25.70 9.63 -35.52
CA LEU G 49 -25.40 9.77 -36.93
C LEU G 49 -25.89 8.56 -37.74
N PHE G 50 -25.73 7.38 -37.17
CA PHE G 50 -26.16 6.15 -37.76
C PHE G 50 -27.70 6.16 -37.95
N LEU G 51 -28.43 6.58 -36.92
CA LEU G 51 -29.85 6.65 -37.01
C LEU G 51 -30.32 7.67 -38.05
N GLN G 52 -29.68 8.84 -38.09
CA GLN G 52 -29.99 9.83 -39.12
C GLN G 52 -29.75 9.24 -40.54
N ALA G 53 -28.66 8.51 -40.74
CA ALA G 53 -28.40 7.87 -42.04
C ALA G 53 -29.44 6.80 -42.42
N GLN G 54 -29.97 6.08 -41.44
CA GLN G 54 -31.01 5.12 -41.72
C GLN G 54 -32.33 5.78 -42.05
N ASP G 55 -32.64 6.91 -41.42
CA ASP G 55 -33.87 7.63 -41.65
C ASP G 55 -33.73 9.04 -41.10
N SER G 56 -33.73 10.03 -41.96
CA SER G 56 -33.54 11.40 -41.56
C SER G 56 -34.82 12.08 -41.09
N GLU G 57 -35.97 11.45 -41.25
CA GLU G 57 -37.26 12.07 -40.85
C GLU G 57 -37.81 11.54 -39.51
N LYS G 58 -37.60 10.27 -39.18
CA LYS G 58 -38.12 9.71 -37.94
C LYS G 58 -37.39 10.15 -36.68
N ASP G 59 -38.16 10.36 -35.63
CA ASP G 59 -37.68 10.81 -34.35
C ASP G 59 -36.73 9.78 -33.75
N ILE G 60 -35.82 10.29 -32.92
CA ILE G 60 -34.89 9.49 -32.12
C ILE G 60 -35.25 9.75 -30.67
N TYR G 61 -35.01 8.78 -29.82
CA TYR G 61 -35.36 8.89 -28.40
C TYR G 61 -34.10 8.68 -27.57
N LEU G 62 -33.70 9.70 -26.81
CA LEU G 62 -32.58 9.63 -25.89
C LEU G 62 -33.06 9.52 -24.46
N TYR G 63 -32.87 8.34 -23.88
CA TYR G 63 -33.24 8.06 -22.49
C TYR G 63 -32.05 8.40 -21.59
N ILE G 64 -32.29 9.16 -20.55
CA ILE G 64 -31.20 9.70 -19.75
C ILE G 64 -31.34 9.29 -18.31
N ASN G 65 -30.30 8.61 -17.83
CA ASN G 65 -30.11 8.33 -16.41
C ASN G 65 -28.62 8.46 -16.12
N SER G 66 -28.19 9.69 -15.82
CA SER G 66 -26.80 10.03 -15.78
C SER G 66 -26.52 11.09 -14.74
N PRO G 67 -25.39 10.94 -13.99
CA PRO G 67 -24.94 12.02 -13.07
C PRO G 67 -24.18 13.10 -13.75
N GLY G 68 -24.04 13.08 -15.08
CA GLY G 68 -23.21 14.04 -15.77
C GLY G 68 -21.81 13.52 -16.03
N GLY G 69 -20.85 14.42 -16.10
CA GLY G 69 -19.48 14.11 -16.39
C GLY G 69 -18.82 15.20 -17.21
N SER G 70 -17.99 14.81 -18.17
CA SER G 70 -17.20 15.75 -18.94
C SER G 70 -18.04 16.69 -19.78
N VAL G 71 -17.75 17.98 -19.65
CA VAL G 71 -18.46 19.02 -20.38
C VAL G 71 -18.18 18.95 -21.88
N THR G 72 -16.93 18.71 -22.26
CA THR G 72 -16.61 18.64 -23.68
C THR G 72 -17.28 17.37 -24.29
N ALA G 73 -17.31 16.29 -23.53
CA ALA G 73 -17.98 15.11 -24.00
C ALA G 73 -19.51 15.37 -24.18
N GLY G 74 -20.08 16.06 -23.21
CA GLY G 74 -21.45 16.44 -23.30
C GLY G 74 -21.75 17.37 -24.47
N PHE G 75 -20.82 18.25 -24.77
CA PHE G 75 -21.02 19.13 -25.89
C PHE G 75 -20.89 18.41 -27.24
N ALA G 76 -20.09 17.34 -27.32
CA ALA G 76 -20.08 16.53 -28.51
C ALA G 76 -21.50 15.97 -28.81
N ILE G 77 -22.17 15.52 -27.76
CA ILE G 77 -23.50 14.99 -27.86
C ILE G 77 -24.47 16.11 -28.21
N TYR G 78 -24.37 17.22 -27.49
CA TYR G 78 -25.23 18.35 -27.72
C TYR G 78 -25.17 18.82 -29.16
N ASP G 79 -23.97 19.05 -29.66
CA ASP G 79 -23.81 19.58 -31.00
C ASP G 79 -24.31 18.59 -32.07
N THR G 80 -24.16 17.30 -31.80
CA THR G 80 -24.60 16.29 -32.71
C THR G 80 -26.14 16.29 -32.75
N ILE G 81 -26.76 16.36 -31.59
CA ILE G 81 -28.19 16.49 -31.54
C ILE G 81 -28.68 17.68 -32.38
N GLN G 82 -28.07 18.84 -32.21
CA GLN G 82 -28.56 20.02 -32.94
C GLN G 82 -28.24 19.92 -34.43
N HIS G 83 -27.19 19.22 -34.81
CA HIS G 83 -26.83 19.12 -36.19
C HIS G 83 -27.73 18.28 -37.08
N ILE G 84 -28.17 17.16 -36.57
CA ILE G 84 -28.97 16.20 -37.33
C ILE G 84 -30.40 16.73 -37.55
N LYS G 85 -31.01 16.26 -38.64
CA LYS G 85 -32.34 16.70 -39.06
C LYS G 85 -33.49 16.14 -38.13
N PRO G 86 -33.45 14.87 -37.79
CA PRO G 86 -34.45 14.39 -36.90
C PRO G 86 -34.54 14.97 -35.52
N ASP G 87 -35.74 15.13 -35.03
CA ASP G 87 -35.95 15.50 -33.65
C ASP G 87 -35.41 14.39 -32.71
N VAL G 88 -34.72 14.83 -31.65
CA VAL G 88 -34.29 13.96 -30.58
C VAL G 88 -35.08 14.27 -29.36
N GLN G 89 -35.97 13.35 -29.02
CA GLN G 89 -36.72 13.43 -27.78
C GLN G 89 -35.78 13.07 -26.64
N THR G 90 -35.96 13.70 -25.48
CA THR G 90 -35.21 13.35 -24.29
C THR G 90 -36.17 12.95 -23.20
N ILE G 91 -35.81 11.87 -22.53
CA ILE G 91 -36.62 11.32 -21.45
C ILE G 91 -35.73 11.02 -20.25
N CYS G 92 -35.93 11.76 -19.16
CA CYS G 92 -35.19 11.54 -17.95
C CYS G 92 -35.88 10.47 -17.13
N ILE G 93 -35.22 9.36 -16.93
CA ILE G 93 -35.69 8.29 -16.07
C ILE G 93 -34.68 8.25 -14.91
N GLY G 94 -35.11 8.21 -13.71
CA GLY G 94 -34.10 8.23 -12.61
C GLY G 94 -33.43 9.58 -12.28
N MET G 95 -32.33 9.92 -12.96
CA MET G 95 -31.55 11.11 -12.61
C MET G 95 -30.96 11.76 -13.83
N ALA G 96 -31.01 13.09 -13.88
CA ALA G 96 -30.25 13.83 -14.86
C ALA G 96 -29.61 14.96 -14.08
N ALA G 97 -28.32 14.83 -13.81
CA ALA G 97 -27.55 15.83 -13.10
C ALA G 97 -26.45 16.43 -13.95
N SER G 98 -26.15 17.70 -13.72
CA SER G 98 -25.05 18.44 -14.39
C SER G 98 -25.25 18.42 -15.87
N MET G 99 -24.27 17.88 -16.61
CA MET G 99 -24.38 17.75 -18.05
C MET G 99 -25.57 16.88 -18.53
N GLY G 100 -25.93 15.91 -17.71
CA GLY G 100 -27.14 15.11 -17.96
C GLY G 100 -28.39 15.96 -18.03
N SER G 101 -28.50 16.91 -17.12
CA SER G 101 -29.67 17.83 -17.17
C SER G 101 -29.56 18.82 -18.31
N PHE G 102 -28.33 19.18 -18.68
CA PHE G 102 -28.09 20.06 -19.80
C PHE G 102 -28.57 19.35 -21.08
N LEU G 103 -28.22 18.08 -21.19
CA LEU G 103 -28.65 17.28 -22.33
C LEU G 103 -30.15 17.01 -22.33
N LEU G 104 -30.75 16.79 -21.17
CA LEU G 104 -32.18 16.66 -21.07
C LEU G 104 -32.87 17.91 -21.70
N ALA G 105 -32.37 19.08 -21.32
CA ALA G 105 -32.89 20.34 -21.79
C ALA G 105 -32.67 20.62 -23.28
N ALA G 106 -31.74 19.88 -23.88
CA ALA G 106 -31.37 20.03 -25.25
C ALA G 106 -32.23 19.24 -26.25
N GLY G 107 -33.18 18.49 -25.78
CA GLY G 107 -34.08 17.77 -26.66
C GLY G 107 -34.96 18.69 -27.46
N ALA G 108 -35.60 18.15 -28.47
CA ALA G 108 -36.47 18.94 -29.35
C ALA G 108 -37.61 19.55 -28.52
N LYS G 109 -37.88 20.83 -28.79
CA LYS G 109 -38.83 21.62 -27.98
C LYS G 109 -40.22 20.94 -28.16
N GLY G 110 -40.89 20.70 -27.06
CA GLY G 110 -42.13 19.93 -27.00
C GLY G 110 -41.95 18.46 -26.73
N LYS G 111 -40.72 17.93 -26.80
CA LYS G 111 -40.47 16.49 -26.65
C LYS G 111 -39.37 16.17 -25.59
N ARG G 112 -39.34 16.96 -24.52
CA ARG G 112 -38.47 16.74 -23.40
C ARG G 112 -39.36 16.35 -22.22
N PHE G 113 -39.07 15.17 -21.68
CA PHE G 113 -39.89 14.56 -20.68
C PHE G 113 -39.07 14.08 -19.48
N ALA G 114 -39.75 13.91 -18.37
CA ALA G 114 -39.24 13.16 -17.26
C ALA G 114 -40.36 12.37 -16.62
N LEU G 115 -39.97 11.25 -16.07
CA LEU G 115 -40.82 10.43 -15.26
C LEU G 115 -41.06 11.08 -13.90
N PRO G 116 -42.18 10.77 -13.23
CA PRO G 116 -42.62 11.61 -12.08
C PRO G 116 -41.67 11.71 -10.91
N ASN G 117 -40.92 10.65 -10.68
CA ASN G 117 -40.03 10.57 -9.55
C ASN G 117 -38.58 10.78 -9.92
N ALA G 118 -38.33 11.17 -11.16
CA ALA G 118 -37.02 11.47 -11.63
C ALA G 118 -36.47 12.71 -10.94
N GLU G 119 -35.15 12.72 -10.79
CA GLU G 119 -34.46 13.81 -10.14
C GLU G 119 -33.65 14.59 -11.18
N VAL G 120 -33.76 15.90 -11.19
CA VAL G 120 -33.02 16.74 -12.09
C VAL G 120 -32.15 17.67 -11.20
N MET G 121 -30.87 17.79 -11.52
CA MET G 121 -30.02 18.68 -10.80
C MET G 121 -29.17 19.55 -11.68
N ILE G 122 -29.12 20.84 -11.34
CA ILE G 122 -28.30 21.82 -12.06
C ILE G 122 -27.32 22.45 -11.10
N HIS G 123 -26.12 22.75 -11.62
CA HIS G 123 -25.05 23.36 -10.83
C HIS G 123 -23.97 23.93 -11.73
N GLN G 124 -22.98 24.57 -11.18
CA GLN G 124 -21.91 25.07 -11.98
C GLN G 124 -20.86 23.99 -12.27
N PRO G 125 -20.12 24.18 -13.35
CA PRO G 125 -19.04 23.20 -13.68
C PRO G 125 -17.92 23.13 -12.64
N LEU G 126 -17.34 21.96 -12.54
CA LEU G 126 -16.29 21.58 -11.61
C LEU G 126 -14.96 21.36 -12.35
N GLY G 127 -13.85 21.62 -11.70
CA GLY G 127 -12.52 21.37 -12.27
C GLY G 127 -11.44 21.67 -11.24
N GLY G 128 -10.29 22.00 -11.76
CA GLY G 128 -9.09 22.02 -10.97
C GLY G 128 -7.97 22.68 -11.69
N ALA G 129 -6.92 23.09 -10.96
CA ALA G 129 -5.77 23.73 -11.54
C ALA G 129 -4.69 23.69 -10.54
N GLN G 130 -3.49 23.39 -11.02
CA GLN G 130 -2.33 23.28 -10.15
C GLN G 130 -1.17 23.94 -10.87
N GLY G 131 -0.35 24.72 -10.20
CA GLY G 131 0.91 25.20 -10.82
C GLY G 131 1.19 26.66 -10.55
N GLN G 132 1.79 27.31 -11.54
CA GLN G 132 2.12 28.72 -11.46
C GLN G 132 0.84 29.59 -11.46
N ALA G 133 0.94 30.77 -10.87
CA ALA G 133 -0.12 31.77 -10.89
C ALA G 133 -0.78 31.97 -12.29
N THR G 134 0.07 32.14 -13.27
CA THR G 134 -0.29 32.24 -14.64
C THR G 134 -1.11 31.04 -15.16
N GLU G 135 -0.72 29.83 -14.77
CA GLU G 135 -1.43 28.63 -15.17
C GLU G 135 -2.78 28.58 -14.50
N ILE G 136 -2.86 28.99 -13.25
CA ILE G 136 -4.10 28.99 -12.56
C ILE G 136 -5.08 30.01 -13.18
N GLU G 137 -4.54 31.15 -13.62
CA GLU G 137 -5.30 32.15 -14.26
C GLU G 137 -5.94 31.63 -15.57
N ILE G 138 -5.13 30.97 -16.40
CA ILE G 138 -5.61 30.37 -17.62
C ILE G 138 -6.72 29.36 -17.35
N ALA G 139 -6.51 28.49 -16.39
CA ALA G 139 -7.53 27.50 -16.03
C ALA G 139 -8.84 28.15 -15.52
N ALA G 140 -8.70 29.18 -14.70
CA ALA G 140 -9.83 29.92 -14.21
C ALA G 140 -10.64 30.59 -15.33
N ASN G 141 -9.95 31.31 -16.21
CA ASN G 141 -10.56 31.90 -17.41
C ASN G 141 -11.29 30.88 -18.24
N HIS G 142 -10.68 29.74 -18.45
CA HIS G 142 -11.29 28.71 -19.25
C HIS G 142 -12.57 28.17 -18.59
N ILE G 143 -12.53 27.85 -17.30
CA ILE G 143 -13.70 27.28 -16.68
C ILE G 143 -14.84 28.37 -16.60
N LEU G 144 -14.50 29.64 -16.39
CA LEU G 144 -15.48 30.70 -16.41
C LEU G 144 -16.16 30.89 -17.77
N LYS G 145 -15.37 30.81 -18.86
CA LYS G 145 -15.90 30.86 -20.20
C LYS G 145 -16.83 29.64 -20.49
N THR G 146 -16.45 28.46 -19.99
CA THR G 146 -17.25 27.27 -20.15
C THR G 146 -18.61 27.50 -19.45
N ARG G 147 -18.58 28.06 -18.24
CA ARG G 147 -19.79 28.32 -17.53
C ARG G 147 -20.71 29.32 -18.23
N GLU G 148 -20.15 30.39 -18.75
CA GLU G 148 -20.94 31.36 -19.50
C GLU G 148 -21.62 30.71 -20.71
N LYS G 149 -20.90 29.84 -21.41
CA LYS G 149 -21.42 29.13 -22.55
C LYS G 149 -22.60 28.20 -22.16
N LEU G 150 -22.43 27.44 -21.09
CA LEU G 150 -23.48 26.58 -20.59
C LEU G 150 -24.71 27.40 -20.21
N ASN G 151 -24.50 28.48 -19.47
CA ASN G 151 -25.58 29.31 -19.00
C ASN G 151 -26.34 29.99 -20.14
N ARG G 152 -25.62 30.44 -21.14
CA ARG G 152 -26.25 31.09 -22.25
C ARG G 152 -27.18 30.10 -22.98
N ILE G 153 -26.67 28.89 -23.24
CA ILE G 153 -27.47 27.90 -23.90
C ILE G 153 -28.69 27.49 -23.08
N LEU G 154 -28.49 27.30 -21.79
CA LEU G 154 -29.58 26.94 -20.91
C LEU G 154 -30.68 28.02 -20.86
N SER G 155 -30.23 29.27 -20.92
CA SER G 155 -31.14 30.40 -21.01
C SER G 155 -32.05 30.28 -22.25
N GLU G 156 -31.45 30.06 -23.41
CA GLU G 156 -32.20 29.90 -24.62
C GLU G 156 -33.15 28.72 -24.58
N ARG G 157 -32.68 27.61 -24.06
CA ARG G 157 -33.50 26.38 -23.98
C ARG G 157 -34.59 26.40 -22.95
N THR G 158 -34.41 27.10 -21.82
CA THR G 158 -35.44 27.16 -20.79
C THR G 158 -36.33 28.42 -20.80
N GLY G 159 -35.94 29.48 -21.52
CA GLY G 159 -36.61 30.73 -21.41
C GLY G 159 -36.29 31.54 -20.18
N GLN G 160 -35.43 31.09 -19.28
CA GLN G 160 -35.05 31.90 -18.11
C GLN G 160 -33.93 32.84 -18.52
N SER G 161 -33.82 33.96 -17.81
CA SER G 161 -32.68 34.85 -18.02
C SER G 161 -31.33 34.22 -17.61
N ILE G 162 -30.25 34.71 -18.22
CA ILE G 162 -28.93 34.30 -17.87
C ILE G 162 -28.62 34.60 -16.41
N GLU G 163 -29.09 35.72 -15.94
CA GLU G 163 -28.86 36.12 -14.52
C GLU G 163 -29.54 35.12 -13.57
N LYS G 164 -30.76 34.71 -13.89
CA LYS G 164 -31.44 33.74 -13.06
C LYS G 164 -30.73 32.35 -13.08
N ILE G 165 -30.26 31.92 -14.27
CA ILE G 165 -29.53 30.69 -14.40
C ILE G 165 -28.23 30.73 -13.53
N GLN G 166 -27.54 31.85 -13.60
CA GLN G 166 -26.29 32.09 -12.85
C GLN G 166 -26.55 31.91 -11.33
N LYS G 167 -27.57 32.55 -10.84
CA LYS G 167 -27.93 32.43 -9.45
C LYS G 167 -28.40 31.01 -9.03
N ASP G 168 -29.20 30.38 -9.87
CA ASP G 168 -29.80 29.11 -9.57
C ASP G 168 -28.82 27.93 -9.74
N THR G 169 -27.70 28.13 -10.42
CA THR G 169 -26.68 27.11 -10.57
C THR G 169 -25.46 27.32 -9.67
N ASP G 170 -25.52 28.30 -8.81
CA ASP G 170 -24.39 28.67 -7.99
C ASP G 170 -23.97 27.53 -7.05
N ARG G 171 -24.94 26.84 -6.51
CA ARG G 171 -24.79 25.61 -5.79
C ARG G 171 -25.73 24.57 -6.34
N ASP G 172 -25.55 23.33 -5.91
CA ASP G 172 -26.38 22.23 -6.26
C ASP G 172 -27.83 22.56 -6.04
N ASN G 173 -28.63 22.43 -7.06
CA ASN G 173 -30.02 22.75 -7.05
C ASN G 173 -30.79 21.53 -7.62
N PHE G 174 -31.46 20.82 -6.71
CA PHE G 174 -32.27 19.67 -7.03
C PHE G 174 -33.70 20.05 -7.38
N LEU G 175 -34.18 19.64 -8.55
CA LEU G 175 -35.52 19.89 -8.99
C LEU G 175 -36.28 18.58 -9.11
N THR G 176 -37.53 18.61 -8.72
CA THR G 176 -38.46 17.55 -9.09
C THR G 176 -38.81 17.62 -10.54
N ALA G 177 -39.41 16.55 -11.05
CA ALA G 177 -39.86 16.54 -12.48
C ALA G 177 -40.83 17.73 -12.73
N GLU G 178 -41.77 17.94 -11.80
CA GLU G 178 -42.71 19.03 -11.93
C GLU G 178 -42.01 20.38 -11.92
N GLU G 179 -41.06 20.52 -11.03
CA GLU G 179 -40.25 21.74 -10.96
C GLU G 179 -39.41 21.96 -12.21
N ALA G 180 -38.85 20.90 -12.74
CA ALA G 180 -38.08 20.98 -13.97
C ALA G 180 -38.94 21.47 -15.15
N LYS G 181 -40.18 21.04 -15.14
CA LYS G 181 -41.14 21.52 -16.13
C LYS G 181 -41.46 23.03 -15.97
N GLU G 182 -41.77 23.43 -14.75
CA GLU G 182 -41.96 24.84 -14.44
C GLU G 182 -40.73 25.68 -14.79
N TYR G 183 -39.55 25.15 -14.62
CA TYR G 183 -38.36 25.85 -14.93
C TYR G 183 -38.12 26.00 -16.46
N GLY G 184 -38.68 25.12 -17.26
CA GLY G 184 -38.40 25.07 -18.69
C GLY G 184 -37.29 24.08 -19.13
N LEU G 185 -36.80 23.26 -18.22
CA LEU G 185 -35.84 22.21 -18.56
C LEU G 185 -36.47 21.04 -19.33
N ILE G 186 -37.75 20.77 -19.08
CA ILE G 186 -38.53 19.78 -19.82
C ILE G 186 -39.88 20.42 -20.17
N ASP G 187 -40.64 19.75 -21.03
CA ASP G 187 -41.99 20.19 -21.46
C ASP G 187 -43.11 19.49 -20.73
N GLU G 188 -42.92 18.21 -20.37
CA GLU G 188 -43.93 17.43 -19.71
C GLU G 188 -43.35 16.43 -18.74
N VAL G 189 -44.11 16.17 -17.69
CA VAL G 189 -43.88 15.11 -16.77
C VAL G 189 -44.71 13.97 -17.37
N MET G 190 -44.10 12.83 -17.70
CA MET G 190 -44.87 11.68 -18.17
C MET G 190 -45.63 11.08 -17.04
N VAL G 191 -46.92 10.92 -17.23
CA VAL G 191 -47.81 10.44 -16.18
C VAL G 191 -48.19 9.03 -16.56
N PRO G 192 -48.37 8.14 -15.56
CA PRO G 192 -48.85 6.79 -15.86
C PRO G 192 -50.32 6.74 -16.29
N GLU G 193 -50.76 6.01 -17.35
CA GLU G 193 -52.33 5.64 -17.62
C GLU G 193 -52.88 4.48 -16.75
N ILE H 4 14.07 24.33 17.24
CA ILE H 4 13.67 25.52 18.10
C ILE H 4 14.89 25.83 18.97
N PRO H 5 15.52 27.00 18.78
CA PRO H 5 16.74 27.33 19.52
C PRO H 5 16.41 27.75 21.00
N THR H 6 17.51 27.83 21.77
CA THR H 6 17.44 28.10 23.22
C THR H 6 18.09 29.49 23.52
N VAL H 7 17.46 30.31 24.38
CA VAL H 7 17.98 31.67 24.67
C VAL H 7 18.97 31.68 25.90
N ASP H 19 13.80 27.65 26.10
CA ASP H 19 13.45 27.72 24.70
C ASP H 19 12.76 29.10 24.39
N ILE H 20 12.78 29.48 23.11
CA ILE H 20 12.44 30.87 22.74
C ILE H 20 10.98 31.22 23.12
N TYR H 21 10.07 30.26 22.97
CA TYR H 21 8.66 30.49 23.33
C TYR H 21 8.45 30.67 24.84
N SER H 22 9.16 29.89 25.66
CA SER H 22 9.13 30.11 27.09
C SER H 22 9.70 31.47 27.49
N ARG H 23 10.75 31.92 26.80
CA ARG H 23 11.27 33.23 27.06
C ARG H 23 10.21 34.32 26.72
N LEU H 24 9.51 34.15 25.61
CA LEU H 24 8.50 35.12 25.27
C LEU H 24 7.30 35.12 26.21
N LEU H 25 6.97 33.94 26.75
CA LEU H 25 5.90 33.81 27.71
C LEU H 25 6.19 34.58 29.01
N LYS H 26 7.44 34.69 29.38
CA LYS H 26 7.86 35.55 30.48
C LYS H 26 7.55 37.03 30.24
N ASP H 27 7.49 37.47 28.98
CA ASP H 27 7.05 38.83 28.62
C ASP H 27 5.56 38.90 28.30
N ARG H 28 4.81 37.85 28.60
CA ARG H 28 3.36 37.82 28.46
C ARG H 28 2.90 37.70 26.97
N ILE H 29 3.79 37.15 26.15
CA ILE H 29 3.51 36.88 24.78
C ILE H 29 3.17 35.41 24.60
N ILE H 30 2.03 35.16 24.00
CA ILE H 30 1.60 33.81 23.66
C ILE H 30 1.60 33.69 22.13
N MET H 31 2.19 32.61 21.62
CA MET H 31 2.22 32.35 20.20
C MET H 31 1.13 31.35 19.74
N LEU H 32 0.20 31.79 18.91
CA LEU H 32 -0.74 30.92 18.19
C LEU H 32 -0.25 30.80 16.77
N GLY H 33 0.61 29.81 16.55
CA GLY H 33 1.39 29.68 15.31
C GLY H 33 1.17 28.41 14.54
N SER H 34 0.04 27.77 14.71
CA SER H 34 -0.25 26.52 13.99
C SER H 34 -1.74 26.37 13.83
N GLN H 35 -2.12 25.32 13.15
CA GLN H 35 -3.47 24.83 13.11
C GLN H 35 -4.04 24.72 14.53
N ILE H 36 -5.28 25.13 14.71
CA ILE H 36 -5.94 25.10 16.02
C ILE H 36 -6.59 23.74 16.23
N ASP H 37 -6.03 22.91 17.08
CA ASP H 37 -6.64 21.68 17.48
C ASP H 37 -6.80 21.75 19.01
N ASP H 38 -7.28 20.68 19.64
CA ASP H 38 -7.45 20.63 21.04
C ASP H 38 -6.16 20.85 21.89
N ASN H 39 -5.02 20.26 21.50
CA ASN H 39 -3.78 20.48 22.21
C ASN H 39 -3.34 21.94 22.21
N VAL H 40 -3.45 22.60 21.08
CA VAL H 40 -3.11 23.98 20.95
C VAL H 40 -4.03 24.84 21.82
N ALA H 41 -5.32 24.58 21.77
CA ALA H 41 -6.25 25.31 22.59
C ALA H 41 -6.03 25.12 24.06
N ASN H 42 -5.74 23.89 24.48
CA ASN H 42 -5.51 23.65 25.91
C ASN H 42 -4.26 24.41 26.44
N SER H 43 -3.22 24.44 25.60
CA SER H 43 -1.99 25.11 25.90
C SER H 43 -2.24 26.63 25.99
N ILE H 44 -2.97 27.21 25.02
CA ILE H 44 -3.16 28.64 25.01
C ILE H 44 -4.05 29.06 26.19
N VAL H 45 -5.10 28.28 26.46
CA VAL H 45 -5.99 28.53 27.59
C VAL H 45 -5.16 28.55 28.89
N SER H 46 -4.33 27.55 29.06
CA SER H 46 -3.54 27.42 30.24
C SER H 46 -2.57 28.60 30.41
N GLN H 47 -1.96 29.03 29.31
CA GLN H 47 -1.07 30.16 29.30
C GLN H 47 -1.81 31.45 29.68
N LEU H 48 -3.00 31.64 29.11
CA LEU H 48 -3.81 32.79 29.46
C LEU H 48 -4.14 32.85 30.99
N LEU H 49 -4.53 31.72 31.55
CA LEU H 49 -4.88 31.64 32.94
C LEU H 49 -3.68 31.85 33.87
N PHE H 50 -2.55 31.28 33.46
CA PHE H 50 -1.30 31.40 34.17
C PHE H 50 -0.87 32.87 34.21
N LEU H 51 -0.94 33.56 33.07
CA LEU H 51 -0.58 34.94 33.02
C LEU H 51 -1.49 35.81 33.87
N GLN H 52 -2.80 35.57 33.83
CA GLN H 52 -3.72 36.27 34.69
C GLN H 52 -3.37 36.06 36.18
N ALA H 53 -3.02 34.84 36.59
CA ALA H 53 -2.65 34.56 37.97
C ALA H 53 -1.34 35.28 38.38
N GLN H 54 -0.39 35.44 37.47
CA GLN H 54 0.80 36.18 37.76
C GLN H 54 0.56 37.68 37.89
N ASP H 55 -0.35 38.21 37.07
CA ASP H 55 -0.68 39.63 37.12
C ASP H 55 -2.00 39.84 36.39
N SER H 56 -3.04 40.23 37.12
CA SER H 56 -4.36 40.37 36.57
C SER H 56 -4.60 41.70 35.86
N GLU H 57 -3.67 42.64 35.92
CA GLU H 57 -3.85 43.95 35.29
C GLU H 57 -3.04 44.15 34.02
N LYS H 58 -1.82 43.61 33.91
CA LYS H 58 -1.04 43.83 32.69
C LYS H 58 -1.56 43.09 31.45
N ASP H 59 -1.45 43.77 30.31
CA ASP H 59 -1.82 43.24 29.04
C ASP H 59 -1.07 41.95 28.74
N ILE H 60 -1.75 41.11 27.93
CA ILE H 60 -1.20 39.88 27.37
C ILE H 60 -1.20 40.11 25.85
N TYR H 61 -0.26 39.49 25.15
CA TYR H 61 -0.13 39.67 23.73
C TYR H 61 -0.23 38.31 23.04
N LEU H 62 -1.26 38.13 22.18
CA LEU H 62 -1.46 36.94 21.42
C LEU H 62 -1.06 37.18 19.96
N TYR H 63 0.04 36.57 19.57
CA TYR H 63 0.56 36.66 18.19
C TYR H 63 -0.06 35.52 17.37
N ILE H 64 -0.59 35.85 16.22
CA ILE H 64 -1.37 34.88 15.46
C ILE H 64 -0.78 34.70 14.08
N ASN H 65 -0.42 33.48 13.78
CA ASN H 65 -0.08 33.01 12.43
C ASN H 65 -0.62 31.60 12.26
N SER H 66 -1.89 31.53 11.84
CA SER H 66 -2.66 30.31 11.89
C SER H 66 -3.65 30.22 10.77
N PRO H 67 -3.80 29.04 10.15
CA PRO H 67 -4.87 28.82 9.13
C PRO H 67 -6.19 28.50 9.76
N GLY H 68 -6.34 28.53 11.08
CA GLY H 68 -7.58 28.12 11.70
C GLY H 68 -7.53 26.67 12.17
N GLY H 69 -8.69 26.05 12.25
CA GLY H 69 -8.83 24.66 12.66
C GLY H 69 -10.15 24.45 13.39
N SER H 70 -10.14 23.66 14.44
CA SER H 70 -11.35 23.28 15.13
C SER H 70 -12.10 24.48 15.78
N VAL H 71 -13.36 24.56 15.52
CA VAL H 71 -14.21 25.61 16.03
C VAL H 71 -14.37 25.55 17.57
N THR H 72 -14.55 24.35 18.10
CA THR H 72 -14.70 24.22 19.53
C THR H 72 -13.39 24.56 20.22
N ALA H 73 -12.27 24.17 19.62
CA ALA H 73 -10.99 24.53 20.19
C ALA H 73 -10.79 26.04 20.16
N GLY H 74 -11.17 26.67 19.06
CA GLY H 74 -11.10 28.09 18.96
C GLY H 74 -11.99 28.81 19.97
N PHE H 75 -13.15 28.23 20.24
CA PHE H 75 -14.02 28.85 21.21
C PHE H 75 -13.51 28.69 22.64
N ALA H 76 -12.78 27.63 22.94
CA ALA H 76 -12.13 27.53 24.24
C ALA H 76 -11.19 28.73 24.47
N ILE H 77 -10.44 29.09 23.43
CA ILE H 77 -9.53 30.20 23.47
C ILE H 77 -10.33 31.51 23.58
N TYR H 78 -11.33 31.66 22.72
CA TYR H 78 -12.15 32.83 22.71
C TYR H 78 -12.78 33.11 24.10
N ASP H 79 -13.40 32.10 24.67
CA ASP H 79 -14.08 32.27 25.93
C ASP H 79 -13.11 32.59 27.08
N THR H 80 -11.90 32.04 26.99
CA THR H 80 -10.92 32.27 27.99
C THR H 80 -10.43 33.72 27.89
N ILE H 81 -10.18 34.18 26.66
CA ILE H 81 -9.85 35.57 26.47
C ILE H 81 -10.90 36.48 27.10
N GLN H 82 -12.18 36.24 26.84
CA GLN H 82 -13.21 37.14 27.36
C GLN H 82 -13.34 37.03 28.88
N HIS H 83 -13.06 35.86 29.43
CA HIS H 83 -13.23 35.67 30.85
C HIS H 83 -12.20 36.39 31.76
N ILE H 84 -10.96 36.41 31.36
CA ILE H 84 -9.90 36.95 32.16
C ILE H 84 -9.93 38.49 32.18
N LYS H 85 -9.35 39.06 33.24
CA LYS H 85 -9.34 40.50 33.46
C LYS H 85 -8.39 41.26 32.55
N PRO H 86 -7.14 40.78 32.37
CA PRO H 86 -6.28 41.49 31.46
C PRO H 86 -6.81 41.62 30.04
N ASP H 87 -6.54 42.74 29.42
CA ASP H 87 -6.73 42.88 27.99
C ASP H 87 -5.75 41.91 27.24
N VAL H 88 -6.26 41.25 26.22
CA VAL H 88 -5.47 40.44 25.31
C VAL H 88 -5.40 41.13 23.99
N GLN H 89 -4.22 41.66 23.69
CA GLN H 89 -3.95 42.24 22.39
C GLN H 89 -3.80 41.08 21.39
N THR H 90 -4.22 41.30 20.15
CA THR H 90 -4.00 40.34 19.11
C THR H 90 -3.20 40.98 18.00
N ILE H 91 -2.23 40.24 17.50
CA ILE H 91 -1.36 40.71 16.44
C ILE H 91 -1.25 39.61 15.38
N CYS H 92 -1.78 39.89 14.18
CA CYS H 92 -1.66 38.98 13.09
C CYS H 92 -0.36 39.20 12.36
N ILE H 93 0.49 38.21 12.36
CA ILE H 93 1.75 38.24 11.61
C ILE H 93 1.57 37.12 10.56
N GLY H 94 1.87 37.38 9.33
CA GLY H 94 1.63 36.30 8.34
C GLY H 94 0.17 36.02 7.88
N MET H 95 -0.55 35.18 8.61
CA MET H 95 -1.89 34.76 8.19
C MET H 95 -2.81 34.52 9.36
N ALA H 96 -4.04 34.97 9.22
CA ALA H 96 -5.08 34.59 10.16
C ALA H 96 -6.27 34.22 9.30
N ALA H 97 -6.53 32.92 9.19
CA ALA H 97 -7.65 32.41 8.42
C ALA H 97 -8.64 31.65 9.27
N SER H 98 -9.93 31.72 8.89
CA SER H 98 -11.03 30.99 9.54
C SER H 98 -11.10 31.37 11.00
N MET H 99 -10.96 30.39 11.88
CA MET H 99 -10.98 30.61 13.31
C MET H 99 -9.83 31.52 13.79
N GLY H 100 -8.70 31.50 13.09
CA GLY H 100 -7.61 32.41 13.37
C GLY H 100 -8.00 33.84 13.19
N SER H 101 -8.77 34.13 12.15
CA SER H 101 -9.26 35.51 11.97
C SER H 101 -10.35 35.86 12.98
N PHE H 102 -11.11 34.87 13.39
CA PHE H 102 -12.13 35.05 14.41
C PHE H 102 -11.44 35.44 15.73
N LEU H 103 -10.35 34.73 16.05
CA LEU H 103 -9.58 35.07 17.24
C LEU H 103 -8.84 36.41 17.14
N LEU H 104 -8.34 36.75 15.97
CA LEU H 104 -7.76 38.04 15.74
C LEU H 104 -8.79 39.17 16.13
N ALA H 105 -10.01 38.99 15.66
CA ALA H 105 -11.08 39.92 15.91
C ALA H 105 -11.57 39.99 17.38
N ALA H 106 -11.22 38.97 18.13
CA ALA H 106 -11.61 38.82 19.49
C ALA H 106 -10.68 39.53 20.53
N GLY H 107 -9.63 40.16 20.06
CA GLY H 107 -8.76 40.88 20.95
C GLY H 107 -9.44 42.10 21.56
N ALA H 108 -8.82 42.67 22.55
CA ALA H 108 -9.38 43.83 23.24
C ALA H 108 -9.54 44.99 22.25
N LYS H 109 -10.69 45.66 22.33
CA LYS H 109 -11.08 46.69 21.38
C LYS H 109 -10.01 47.82 21.46
N GLY H 110 -9.48 48.25 20.35
CA GLY H 110 -8.38 49.18 20.29
C GLY H 110 -7.00 48.55 20.23
N LYS H 111 -6.88 47.24 20.48
CA LYS H 111 -5.59 46.56 20.53
C LYS H 111 -5.51 45.29 19.65
N ARG H 112 -6.17 45.36 18.48
CA ARG H 112 -6.11 44.32 17.48
C ARG H 112 -5.35 44.90 16.30
N PHE H 113 -4.28 44.21 15.95
CA PHE H 113 -3.34 44.68 14.96
C PHE H 113 -3.04 43.61 13.91
N ALA H 114 -2.55 44.08 12.78
CA ALA H 114 -1.90 43.20 11.84
C ALA H 114 -0.75 43.96 11.22
N LEU H 115 0.26 43.18 10.86
CA LEU H 115 1.39 43.68 10.12
C LEU H 115 0.98 43.92 8.65
N PRO H 116 1.69 44.82 7.93
CA PRO H 116 1.13 45.32 6.67
C PRO H 116 0.85 44.32 5.59
N ASN H 117 1.67 43.26 5.55
CA ASN H 117 1.55 42.28 4.50
C ASN H 117 0.85 41.00 4.94
N ALA H 118 0.32 41.02 6.15
CA ALA H 118 -0.39 39.90 6.68
C ALA H 118 -1.70 39.71 5.95
N GLU H 119 -2.13 38.46 5.90
CA GLU H 119 -3.31 38.08 5.18
C GLU H 119 -4.38 37.62 6.14
N VAL H 120 -5.59 38.11 5.97
CA VAL H 120 -6.71 37.74 6.80
C VAL H 120 -7.74 37.08 5.88
N MET H 121 -8.27 35.94 6.28
CA MET H 121 -9.32 35.31 5.52
C MET H 121 -10.50 34.89 6.36
N ILE H 122 -11.70 35.17 5.85
CA ILE H 122 -12.94 34.77 6.50
C ILE H 122 -13.76 33.93 5.59
N HIS H 123 -14.48 32.97 6.15
CA HIS H 123 -15.34 32.05 5.40
C HIS H 123 -16.29 31.29 6.31
N GLN H 124 -17.14 30.48 5.75
CA GLN H 124 -18.05 29.71 6.58
C GLN H 124 -17.37 28.44 7.08
N PRO H 125 -17.88 27.91 8.20
CA PRO H 125 -17.34 26.65 8.72
C PRO H 125 -17.53 25.45 7.80
N LEU H 126 -16.58 24.53 7.92
CA LEU H 126 -16.52 23.30 7.12
C LEU H 126 -16.78 22.10 8.01
N GLY H 127 -17.32 21.01 7.46
CA GLY H 127 -17.55 19.77 8.19
C GLY H 127 -18.06 18.71 7.24
N GLY H 128 -18.63 17.69 7.84
CA GLY H 128 -19.00 16.49 7.12
C GLY H 128 -20.01 15.69 7.86
N ALA H 129 -20.66 14.76 7.16
CA ALA H 129 -21.74 13.96 7.79
C ALA H 129 -21.99 12.80 6.88
N GLN H 130 -22.11 11.64 7.48
CA GLN H 130 -22.24 10.39 6.79
C GLN H 130 -23.29 9.59 7.57
N GLY H 131 -24.17 8.89 6.88
CA GLY H 131 -25.11 7.98 7.56
C GLY H 131 -26.56 8.11 7.12
N GLN H 132 -27.45 7.85 8.07
CA GLN H 132 -28.89 7.95 7.85
C GLN H 132 -29.30 9.41 7.65
N ALA H 133 -30.40 9.60 6.93
CA ALA H 133 -31.00 10.96 6.74
C ALA H 133 -31.11 11.77 8.04
N THR H 134 -31.62 11.13 9.06
CA THR H 134 -31.68 11.71 10.39
C THR H 134 -30.34 12.16 10.97
N GLU H 135 -29.29 11.38 10.75
CA GLU H 135 -27.95 11.73 11.20
C GLU H 135 -27.45 12.93 10.41
N ILE H 136 -27.72 12.96 9.12
CA ILE H 136 -27.29 14.07 8.32
C ILE H 136 -28.01 15.37 8.72
N GLU H 137 -29.27 15.24 9.09
CA GLU H 137 -30.06 16.34 9.54
C GLU H 137 -29.48 16.95 10.82
N ILE H 138 -29.16 16.09 11.79
CA ILE H 138 -28.53 16.53 13.02
C ILE H 138 -27.24 17.27 12.75
N ALA H 139 -26.37 16.70 11.91
CA ALA H 139 -25.12 17.33 11.59
C ALA H 139 -25.30 18.68 10.88
N ALA H 140 -26.25 18.75 9.95
CA ALA H 140 -26.58 19.98 9.27
C ALA H 140 -27.07 21.07 10.24
N ASN H 141 -28.04 20.74 11.07
CA ASN H 141 -28.52 21.65 12.12
C ASN H 141 -27.39 22.15 13.02
N HIS H 142 -26.51 21.27 13.42
CA HIS H 142 -25.44 21.67 14.27
C HIS H 142 -24.47 22.63 13.55
N ILE H 143 -24.06 22.32 12.32
CA ILE H 143 -23.14 23.19 11.68
C ILE H 143 -23.78 24.57 11.32
N LEU H 144 -25.07 24.59 10.99
CA LEU H 144 -25.79 25.84 10.74
C LEU H 144 -25.86 26.71 12.00
N LYS H 145 -26.13 26.09 13.15
CA LYS H 145 -26.14 26.76 14.43
C LYS H 145 -24.73 27.30 14.81
N THR H 146 -23.68 26.56 14.50
CA THR H 146 -22.32 26.98 14.74
C THR H 146 -22.06 28.23 13.90
N ARG H 147 -22.49 28.21 12.63
CA ARG H 147 -22.28 29.36 11.80
C ARG H 147 -23.01 30.60 12.31
N GLU H 148 -24.26 30.45 12.74
CA GLU H 148 -25.00 31.57 13.31
C GLU H 148 -24.29 32.18 14.52
N LYS H 149 -23.75 31.31 15.37
CA LYS H 149 -23.04 31.75 16.55
C LYS H 149 -21.75 32.57 16.15
N LEU H 150 -20.97 32.05 15.20
CA LEU H 150 -19.81 32.73 14.73
C LEU H 150 -20.17 34.10 14.13
N ASN H 151 -21.18 34.11 13.28
CA ASN H 151 -21.59 35.31 12.61
C ASN H 151 -22.10 36.38 13.58
N ARG H 152 -22.86 35.96 14.58
CA ARG H 152 -23.36 36.88 15.54
C ARG H 152 -22.22 37.55 16.31
N ILE H 153 -21.26 36.76 16.76
CA ILE H 153 -20.13 37.30 17.48
C ILE H 153 -19.30 38.22 16.60
N LEU H 154 -19.06 37.83 15.37
CA LEU H 154 -18.30 38.66 14.45
C LEU H 154 -18.98 40.00 14.18
N SER H 155 -20.31 39.97 14.11
CA SER H 155 -21.12 41.18 13.99
C SER H 155 -20.83 42.15 15.15
N GLU H 156 -20.91 41.65 16.37
CA GLU H 156 -20.66 42.45 17.54
C GLU H 156 -19.23 42.98 17.56
N ARG H 157 -18.27 42.14 17.23
CA ARG H 157 -16.86 42.53 17.24
C ARG H 157 -16.44 43.46 16.11
N THR H 158 -17.04 43.38 14.93
CA THR H 158 -16.67 44.25 13.84
C THR H 158 -17.58 45.45 13.59
N GLY H 159 -18.79 45.49 14.19
CA GLY H 159 -19.76 46.48 13.83
C GLY H 159 -20.48 46.27 12.55
N GLN H 160 -20.25 45.20 11.82
CA GLN H 160 -21.01 44.93 10.57
C GLN H 160 -22.28 44.21 10.94
N SER H 161 -23.31 44.37 10.11
CA SER H 161 -24.54 43.60 10.31
C SER H 161 -24.34 42.09 10.09
N ILE H 162 -25.20 41.29 10.72
CA ILE H 162 -25.21 39.88 10.55
C ILE H 162 -25.40 39.49 9.08
N GLU H 163 -26.26 40.20 8.39
CA GLU H 163 -26.52 39.94 6.97
C GLU H 163 -25.27 40.17 6.11
N LYS H 164 -24.54 41.23 6.39
CA LYS H 164 -23.32 41.50 5.66
C LYS H 164 -22.25 40.40 5.93
N ILE H 165 -22.13 39.96 7.19
CA ILE H 165 -21.20 38.92 7.55
C ILE H 165 -21.57 37.60 6.81
N GLN H 166 -22.85 37.29 6.79
CA GLN H 166 -23.39 36.10 6.12
C GLN H 166 -22.98 36.10 4.63
N LYS H 167 -23.20 37.20 3.96
CA LYS H 167 -22.86 37.32 2.59
C LYS H 167 -21.33 37.27 2.30
N ASP H 168 -20.56 37.95 3.15
CA ASP H 168 -19.15 38.09 2.97
C ASP H 168 -18.37 36.83 3.39
N THR H 169 -18.96 35.92 4.14
CA THR H 169 -18.34 34.68 4.52
C THR H 169 -18.83 33.47 3.71
N ASP H 170 -19.66 33.72 2.73
CA ASP H 170 -20.28 32.65 1.97
C ASP H 170 -19.25 31.79 1.24
N ARG H 171 -18.23 32.44 0.71
CA ARG H 171 -17.05 31.82 0.16
C ARG H 171 -15.82 32.49 0.76
N ASP H 172 -14.68 31.89 0.50
CA ASP H 172 -13.40 32.39 0.92
C ASP H 172 -13.24 33.85 0.52
N ASN H 173 -12.96 34.68 1.50
CA ASN H 173 -12.81 36.09 1.33
C ASN H 173 -11.48 36.52 1.98
N PHE H 174 -10.53 36.84 1.13
CA PHE H 174 -9.20 37.30 1.46
C PHE H 174 -9.14 38.80 1.64
N LEU H 175 -8.67 39.27 2.80
CA LEU H 175 -8.52 40.67 3.08
C LEU H 175 -7.08 41.00 3.30
N THR H 176 -6.66 42.14 2.76
CA THR H 176 -5.42 42.77 3.18
C THR H 176 -5.56 43.29 4.61
N ALA H 177 -4.44 43.61 5.21
CA ALA H 177 -4.46 44.17 6.58
C ALA H 177 -5.30 45.47 6.62
N GLU H 178 -5.10 46.33 5.62
CA GLU H 178 -5.84 47.57 5.51
C GLU H 178 -7.34 47.30 5.39
N GLU H 179 -7.68 46.34 4.56
CA GLU H 179 -9.08 45.94 4.40
C GLU H 179 -9.68 45.36 5.67
N ALA H 180 -8.90 44.58 6.40
CA ALA H 180 -9.34 44.02 7.67
C ALA H 180 -9.64 45.13 8.69
N LYS H 181 -8.85 46.18 8.64
CA LYS H 181 -9.10 47.33 9.45
C LYS H 181 -10.42 48.08 9.07
N GLU H 182 -10.59 48.34 7.78
CA GLU H 182 -11.82 48.90 7.27
C GLU H 182 -13.03 48.05 7.62
N TYR H 183 -12.88 46.74 7.61
CA TYR H 183 -13.96 45.86 7.96
C TYR H 183 -14.31 45.87 9.45
N GLY H 184 -13.38 46.26 10.32
CA GLY H 184 -13.56 46.14 11.78
C GLY H 184 -13.03 44.86 12.43
N LEU H 185 -12.31 44.04 11.68
CA LEU H 185 -11.63 42.85 12.25
C LEU H 185 -10.41 43.21 13.10
N ILE H 186 -9.74 44.30 12.76
CA ILE H 186 -8.64 44.86 13.56
C ILE H 186 -8.83 46.35 13.67
N ASP H 187 -8.05 46.98 14.56
CA ASP H 187 -8.09 48.45 14.79
C ASP H 187 -7.00 49.19 14.06
N GLU H 188 -5.79 48.60 13.95
CA GLU H 188 -4.69 49.26 13.30
C GLU H 188 -3.79 48.32 12.52
N VAL H 189 -3.23 48.85 11.46
CA VAL H 189 -2.22 48.17 10.70
C VAL H 189 -0.91 48.68 11.33
N MET H 190 -0.08 47.81 11.86
CA MET H 190 1.22 48.25 12.39
C MET H 190 2.15 48.63 11.31
N VAL H 191 2.68 49.83 11.37
CA VAL H 191 3.56 50.33 10.29
C VAL H 191 4.95 50.39 10.87
N PRO H 192 5.96 50.06 10.07
CA PRO H 192 7.35 50.16 10.52
C PRO H 192 7.82 51.61 10.62
N GLU H 193 8.64 51.98 11.63
CA GLU H 193 9.41 53.39 11.69
C GLU H 193 10.73 53.46 10.90
N ILE I 4 23.50 17.56 15.28
CA ILE I 4 23.94 18.99 15.61
C ILE I 4 24.95 18.84 16.76
N PRO I 5 26.22 19.22 16.49
CA PRO I 5 27.25 19.25 17.54
C PRO I 5 27.06 20.34 18.60
N THR I 6 27.72 20.12 19.73
CA THR I 6 27.57 20.98 20.95
C THR I 6 28.94 21.75 21.18
N VAL I 7 28.83 23.05 21.51
CA VAL I 7 30.12 23.80 21.82
C VAL I 7 30.37 23.84 23.35
N TYR I 18 25.41 24.43 25.00
CA TYR I 18 24.84 25.04 23.80
C TYR I 18 24.96 24.13 22.49
N ASP I 19 23.87 23.89 21.72
CA ASP I 19 24.01 23.46 20.35
C ASP I 19 24.51 24.61 19.44
N ILE I 20 25.05 24.28 18.29
CA ILE I 20 25.80 25.23 17.43
C ILE I 20 24.90 26.41 17.01
N TYR I 21 23.65 26.17 16.72
CA TYR I 21 22.73 27.24 16.34
C TYR I 21 22.41 28.19 17.50
N SER I 22 22.23 27.66 18.69
CA SER I 22 22.10 28.49 19.88
C SER I 22 23.34 29.32 20.17
N ARG I 23 24.51 28.74 19.94
CA ARG I 23 25.75 29.50 20.09
C ARG I 23 25.79 30.65 19.06
N LEU I 24 25.37 30.41 17.83
CA LEU I 24 25.37 31.45 16.85
C LEU I 24 24.33 32.56 17.16
N LEU I 25 23.19 32.16 17.76
CA LEU I 25 22.17 33.09 18.14
C LEU I 25 22.65 34.08 19.22
N LYS I 26 23.56 33.65 20.08
CA LYS I 26 24.21 34.54 21.01
C LYS I 26 25.03 35.63 20.32
N ASP I 27 25.55 35.38 19.10
CA ASP I 27 26.22 36.40 18.29
C ASP I 27 25.27 37.10 17.32
N ARG I 28 23.96 36.91 17.49
CA ARG I 28 22.93 37.60 16.74
C ARG I 28 22.79 37.07 15.29
N ILE I 29 23.21 35.84 15.07
CA ILE I 29 23.06 35.15 13.84
C ILE I 29 21.84 34.22 13.89
N ILE I 30 20.96 34.38 12.94
CA ILE I 30 19.80 33.54 12.76
C ILE I 30 19.98 32.71 11.48
N MET I 31 19.74 31.43 11.57
CA MET I 31 19.84 30.51 10.44
C MET I 31 18.47 30.21 9.79
N LEU I 32 18.28 30.64 8.53
CA LEU I 32 17.14 30.23 7.73
C LEU I 32 17.67 29.19 6.73
N GLY I 33 17.67 27.92 7.16
CA GLY I 33 18.36 26.86 6.48
C GLY I 33 17.46 25.70 6.02
N SER I 34 16.17 25.97 5.79
CA SER I 34 15.26 24.97 5.39
C SER I 34 14.12 25.55 4.61
N GLN I 35 13.24 24.70 4.11
CA GLN I 35 11.98 25.10 3.58
C GLN I 35 11.24 26.01 4.58
N ILE I 36 10.61 27.05 4.09
CA ILE I 36 9.87 27.99 4.91
C ILE I 36 8.46 27.53 5.13
N ASP I 37 8.12 27.05 6.30
CA ASP I 37 6.74 26.76 6.66
C ASP I 37 6.42 27.60 7.89
N ASP I 38 5.27 27.44 8.46
CA ASP I 38 4.86 28.17 9.65
C ASP I 38 5.75 27.99 10.87
N ASN I 39 6.21 26.78 11.17
CA ASN I 39 7.12 26.57 12.32
C ASN I 39 8.42 27.33 12.16
N VAL I 40 9.00 27.32 10.96
CA VAL I 40 10.20 28.02 10.70
C VAL I 40 9.98 29.52 10.83
N ALA I 41 8.91 30.03 10.26
CA ALA I 41 8.61 31.45 10.40
C ALA I 41 8.38 31.87 11.80
N ASN I 42 7.66 31.08 12.58
CA ASN I 42 7.40 31.45 13.98
C ASN I 42 8.71 31.54 14.82
N SER I 43 9.61 30.58 14.55
CA SER I 43 10.89 30.54 15.18
C SER I 43 11.75 31.75 14.79
N ILE I 44 11.79 32.09 13.51
CA ILE I 44 12.64 33.19 13.05
C ILE I 44 12.08 34.52 13.59
N VAL I 45 10.75 34.68 13.54
CA VAL I 45 10.08 35.86 14.07
C VAL I 45 10.46 36.04 15.56
N SER I 46 10.34 34.97 16.31
CA SER I 46 10.61 35.00 17.71
C SER I 46 12.08 35.37 17.99
N GLN I 47 12.99 34.82 17.20
CA GLN I 47 14.39 35.10 17.31
C GLN I 47 14.68 36.59 17.01
N LEU I 48 14.07 37.10 15.95
CA LEU I 48 14.23 38.50 15.62
C LEU I 48 13.77 39.43 16.77
N LEU I 49 12.61 39.14 17.35
CA LEU I 49 12.07 39.95 18.40
C LEU I 49 12.90 39.88 19.70
N PHE I 50 13.38 38.67 19.99
CA PHE I 50 14.21 38.41 21.13
C PHE I 50 15.52 39.20 21.01
N LEU I 51 16.14 39.16 19.84
CA LEU I 51 17.36 39.90 19.62
C LEU I 51 17.16 41.41 19.74
N GLN I 52 16.08 41.93 19.17
CA GLN I 52 15.74 43.34 19.33
C GLN I 52 15.58 43.72 20.83
N ALA I 53 14.92 42.88 21.62
CA ALA I 53 14.76 43.14 23.05
C ALA I 53 16.09 43.11 23.82
N GLN I 54 17.04 42.28 23.41
CA GLN I 54 18.33 42.26 24.04
C GLN I 54 19.16 43.49 23.66
N ASP I 55 19.02 43.98 22.43
CA ASP I 55 19.74 45.15 21.99
C ASP I 55 19.10 45.67 20.73
N SER I 56 18.51 46.86 20.79
CA SER I 56 17.77 47.42 19.70
C SER I 56 18.65 48.12 18.66
N GLU I 57 19.94 48.26 18.90
CA GLU I 57 20.84 48.98 18.00
C GLU I 57 21.79 48.10 17.22
N LYS I 58 22.28 46.97 17.79
CA LYS I 58 23.22 46.13 17.05
C LYS I 58 22.56 45.31 15.90
N ASP I 59 23.32 45.18 14.83
CA ASP I 59 22.88 44.43 13.68
C ASP I 59 22.57 42.98 14.05
N ILE I 60 21.68 42.40 13.25
CA ILE I 60 21.31 40.99 13.27
C ILE I 60 21.74 40.42 11.93
N TYR I 61 22.09 39.15 11.88
CA TYR I 61 22.58 38.51 10.67
C TYR I 61 21.71 37.31 10.35
N LEU I 62 21.03 37.34 9.20
CA LEU I 62 20.20 36.26 8.71
C LEU I 62 20.91 35.52 7.58
N TYR I 63 21.35 34.31 7.89
CA TYR I 63 22.03 33.43 6.94
C TYR I 63 20.98 32.58 6.22
N ILE I 64 21.03 32.54 4.91
CA ILE I 64 19.97 31.95 4.13
C ILE I 64 20.50 30.85 3.25
N ASN I 65 19.94 29.66 3.44
CA ASN I 65 20.12 28.52 2.55
C ASN I 65 18.80 27.77 2.49
N SER I 66 17.93 28.21 1.59
CA SER I 66 16.54 27.82 1.58
C SER I 66 15.97 27.77 0.21
N PRO I 67 15.17 26.73 -0.11
CA PRO I 67 14.42 26.66 -1.40
C PRO I 67 13.18 27.47 -1.39
N GLY I 68 12.86 28.22 -0.33
CA GLY I 68 11.58 28.90 -0.24
C GLY I 68 10.55 28.12 0.52
N GLY I 69 9.29 28.38 0.22
CA GLY I 69 8.15 27.74 0.84
C GLY I 69 6.96 28.68 0.91
N SER I 70 6.23 28.61 2.02
CA SER I 70 4.98 29.34 2.18
C SER I 70 5.17 30.88 2.09
N VAL I 71 4.38 31.51 1.26
CA VAL I 71 4.42 32.94 1.09
C VAL I 71 3.96 33.70 2.34
N THR I 72 2.91 33.23 2.99
CA THR I 72 2.45 33.90 4.20
C THR I 72 3.48 33.75 5.31
N ALA I 73 4.12 32.58 5.39
CA ALA I 73 5.16 32.38 6.37
C ALA I 73 6.35 33.31 6.09
N GLY I 74 6.71 33.43 4.81
CA GLY I 74 7.75 34.35 4.45
C GLY I 74 7.42 35.81 4.72
N PHE I 75 6.17 36.16 4.58
CA PHE I 75 5.78 37.52 4.88
C PHE I 75 5.76 37.80 6.39
N ALA I 76 5.51 36.81 7.22
CA ALA I 76 5.67 36.99 8.65
C ALA I 76 7.11 37.41 9.00
N ILE I 77 8.08 36.76 8.34
CA ILE I 77 9.48 37.04 8.52
C ILE I 77 9.79 38.42 7.96
N TYR I 78 9.33 38.68 6.74
CA TYR I 78 9.56 39.94 6.09
C TYR I 78 9.07 41.11 6.93
N ASP I 79 7.83 41.05 7.38
CA ASP I 79 7.25 42.14 8.12
C ASP I 79 7.94 42.36 9.47
N THR I 80 8.43 41.27 10.08
CA THR I 80 9.10 41.37 11.31
C THR I 80 10.45 42.04 11.10
N ILE I 81 11.17 41.64 10.06
CA ILE I 81 12.39 42.32 9.72
C ILE I 81 12.17 43.84 9.57
N GLN I 82 11.16 44.25 8.83
CA GLN I 82 10.97 45.67 8.59
C GLN I 82 10.48 46.38 9.86
N HIS I 83 9.80 45.71 10.76
CA HIS I 83 9.31 46.32 11.93
C HIS I 83 10.35 46.71 13.00
N ILE I 84 11.30 45.86 13.21
CA ILE I 84 12.27 46.03 14.27
C ILE I 84 13.31 47.12 13.88
N LYS I 85 13.93 47.69 14.91
CA LYS I 85 14.89 48.77 14.75
C LYS I 85 16.26 48.31 14.21
N PRO I 86 16.83 47.24 14.74
CA PRO I 86 18.11 46.83 14.16
C PRO I 86 18.07 46.51 12.67
N ASP I 87 19.11 46.85 11.99
CA ASP I 87 19.35 46.35 10.66
C ASP I 87 19.53 44.81 10.68
N VAL I 88 18.90 44.14 9.72
CA VAL I 88 19.07 42.73 9.47
C VAL I 88 19.83 42.53 8.21
N GLN I 89 21.07 42.12 8.34
CA GLN I 89 21.90 41.73 7.22
C GLN I 89 21.41 40.37 6.71
N THR I 90 21.48 40.16 5.40
CA THR I 90 21.17 38.89 4.81
C THR I 90 22.36 38.37 4.05
N ILE I 91 22.63 37.09 4.23
CA ILE I 91 23.76 36.42 3.60
C ILE I 91 23.27 35.10 2.97
N CYS I 92 23.30 35.01 1.66
CA CYS I 92 22.99 33.80 0.98
C CYS I 92 24.20 32.90 0.86
N ILE I 93 24.10 31.75 1.48
CA ILE I 93 25.12 30.69 1.37
C ILE I 93 24.46 29.56 0.65
N GLY I 94 25.08 28.99 -0.33
CA GLY I 94 24.31 27.90 -1.06
C GLY I 94 23.15 28.31 -2.00
N MET I 95 21.94 28.44 -1.48
CA MET I 95 20.77 28.67 -2.33
C MET I 95 19.75 29.58 -1.68
N ALA I 96 19.21 30.50 -2.44
CA ALA I 96 18.06 31.26 -2.01
C ALA I 96 17.10 31.28 -3.17
N ALA I 97 16.07 30.46 -3.08
CA ALA I 97 15.05 30.34 -4.13
C ALA I 97 13.68 30.78 -3.63
N SER I 98 12.89 31.35 -4.55
CA SER I 98 11.48 31.75 -4.30
C SER I 98 11.44 32.75 -3.17
N MET I 99 10.70 32.41 -2.11
CA MET I 99 10.61 33.23 -0.93
C MET I 99 11.97 33.47 -0.22
N GLY I 100 12.87 32.50 -0.33
CA GLY I 100 14.23 32.67 0.15
C GLY I 100 14.94 33.80 -0.51
N SER I 101 14.78 33.92 -1.81
CA SER I 101 15.39 35.06 -2.53
C SER I 101 14.67 36.38 -2.22
N PHE I 102 13.37 36.30 -1.95
CA PHE I 102 12.59 37.45 -1.55
C PHE I 102 13.14 37.98 -0.21
N LEU I 103 13.38 37.04 0.71
CA LEU I 103 13.94 37.40 2.00
C LEU I 103 15.38 37.87 1.93
N LEU I 104 16.19 37.29 1.05
CA LEU I 104 17.51 37.77 0.81
C LEU I 104 17.48 39.26 0.45
N ALA I 105 16.58 39.61 -0.47
CA ALA I 105 16.42 40.95 -0.95
C ALA I 105 15.85 41.94 0.08
N ALA I 106 15.27 41.41 1.14
CA ALA I 106 14.65 42.15 2.18
C ALA I 106 15.61 42.64 3.31
N GLY I 107 16.87 42.28 3.23
CA GLY I 107 17.82 42.73 4.19
C GLY I 107 18.06 44.22 4.12
N ALA I 108 18.71 44.77 5.12
CA ALA I 108 19.00 46.21 5.16
C ALA I 108 19.86 46.59 3.95
N LYS I 109 19.49 47.70 3.31
CA LYS I 109 20.08 48.13 2.04
C LYS I 109 21.58 48.42 2.37
N GLY I 110 22.49 47.90 1.57
CA GLY I 110 23.90 47.91 1.78
C GLY I 110 24.45 46.70 2.49
N LYS I 111 23.60 45.86 3.09
CA LYS I 111 24.03 44.71 3.87
C LYS I 111 23.39 43.37 3.45
N ARG I 112 23.17 43.21 2.14
CA ARG I 112 22.69 41.99 1.53
C ARG I 112 23.83 41.42 0.71
N PHE I 113 24.20 40.20 1.05
CA PHE I 113 25.36 39.52 0.52
C PHE I 113 25.04 38.13 0.01
N ALA I 114 25.89 37.65 -0.88
CA ALA I 114 25.92 36.25 -1.20
C ALA I 114 27.35 35.83 -1.44
N LEU I 115 27.60 34.58 -1.13
CA LEU I 115 28.85 33.94 -1.43
C LEU I 115 28.97 33.66 -2.94
N PRO I 116 30.20 33.55 -3.45
CA PRO I 116 30.37 33.62 -4.94
C PRO I 116 29.68 32.54 -5.74
N ASN I 117 29.53 31.37 -5.20
CA ASN I 117 28.95 30.24 -5.86
C ASN I 117 27.53 29.96 -5.44
N ALA I 118 26.95 30.84 -4.66
CA ALA I 118 25.59 30.74 -4.25
C ALA I 118 24.66 30.93 -5.43
N GLU I 119 23.53 30.27 -5.33
CA GLU I 119 22.53 30.26 -6.39
C GLU I 119 21.29 31.01 -5.90
N VAL I 120 20.81 31.94 -6.70
CA VAL I 120 19.64 32.72 -6.39
C VAL I 120 18.62 32.43 -7.48
N MET I 121 17.39 32.12 -7.07
CA MET I 121 16.35 31.86 -8.05
C MET I 121 15.07 32.62 -7.76
N ILE I 122 14.51 33.22 -8.79
CA ILE I 122 13.24 33.93 -8.70
C ILE I 122 12.24 33.33 -9.66
N HIS I 123 10.98 33.30 -9.26
CA HIS I 123 9.89 32.76 -10.08
C HIS I 123 8.53 33.22 -9.55
N GLN I 124 7.46 32.87 -10.20
CA GLN I 124 6.17 33.23 -9.74
C GLN I 124 5.68 32.26 -8.68
N PRO I 125 4.75 32.73 -7.82
CA PRO I 125 4.17 31.84 -6.82
C PRO I 125 3.38 30.66 -7.38
N LEU I 126 3.39 29.57 -6.62
CA LEU I 126 2.74 28.33 -6.95
C LEU I 126 1.55 28.05 -6.09
N GLY I 127 0.55 27.35 -6.61
CA GLY I 127 -0.64 26.95 -5.84
C GLY I 127 -1.50 26.03 -6.62
N GLY I 128 -2.72 25.96 -6.16
CA GLY I 128 -3.70 24.97 -6.60
C GLY I 128 -5.09 25.44 -6.27
N ALA I 129 -6.08 24.85 -6.92
CA ALA I 129 -7.48 25.17 -6.72
C ALA I 129 -8.27 24.08 -7.36
N GLN I 130 -9.30 23.66 -6.68
CA GLN I 130 -10.11 22.53 -6.98
C GLN I 130 -11.55 22.99 -6.59
N GLY I 131 -12.56 22.60 -7.37
CA GLY I 131 -13.92 22.84 -7.01
C GLY I 131 -14.80 23.48 -8.09
N GLN I 132 -15.77 24.27 -7.64
CA GLN I 132 -16.64 24.97 -8.53
C GLN I 132 -15.89 26.10 -9.28
N ALA I 133 -16.37 26.45 -10.47
CA ALA I 133 -15.85 27.56 -11.25
C ALA I 133 -15.61 28.85 -10.44
N THR I 134 -16.64 29.21 -9.64
CA THR I 134 -16.54 30.32 -8.75
C THR I 134 -15.40 30.21 -7.71
N GLU I 135 -15.19 29.03 -7.18
CA GLU I 135 -14.11 28.77 -6.22
C GLU I 135 -12.77 28.90 -6.89
N ILE I 136 -12.66 28.41 -8.12
CA ILE I 136 -11.43 28.49 -8.84
C ILE I 136 -11.10 29.97 -9.16
N GLU I 137 -12.12 30.76 -9.47
CA GLU I 137 -11.98 32.14 -9.72
C GLU I 137 -11.41 32.89 -8.49
N ILE I 138 -11.98 32.62 -7.33
CA ILE I 138 -11.49 33.17 -6.08
C ILE I 138 -10.03 32.83 -5.84
N ALA I 139 -9.68 31.58 -6.00
CA ALA I 139 -8.30 31.13 -5.82
C ALA I 139 -7.34 31.81 -6.85
N ALA I 140 -7.76 31.92 -8.09
CA ALA I 140 -6.99 32.58 -9.11
C ALA I 140 -6.77 34.08 -8.79
N ASN I 141 -7.82 34.81 -8.45
CA ASN I 141 -7.73 36.19 -8.01
C ASN I 141 -6.79 36.35 -6.82
N HIS I 142 -6.87 35.47 -5.86
CA HIS I 142 -6.02 35.55 -4.71
C HIS I 142 -4.55 35.34 -5.08
N ILE I 143 -4.22 34.31 -5.88
CA ILE I 143 -2.85 34.08 -6.17
C ILE I 143 -2.29 35.22 -7.08
N LEU I 144 -3.10 35.79 -7.98
CA LEU I 144 -2.68 36.93 -8.76
C LEU I 144 -2.38 38.18 -7.92
N LYS I 145 -3.23 38.45 -6.93
CA LYS I 145 -3.03 39.54 -5.99
C LYS I 145 -1.73 39.31 -5.14
N THR I 146 -1.47 38.06 -4.74
CA THR I 146 -0.28 37.71 -4.00
C THR I 146 0.93 38.00 -4.88
N ARG I 147 0.87 37.63 -6.15
CA ARG I 147 1.97 37.91 -7.05
C ARG I 147 2.24 39.39 -7.23
N GLU I 148 1.20 40.18 -7.41
CA GLU I 148 1.37 41.62 -7.52
C GLU I 148 2.04 42.22 -6.28
N LYS I 149 1.65 41.74 -5.11
CA LYS I 149 2.23 42.17 -3.86
C LYS I 149 3.72 41.82 -3.76
N LEU I 150 4.08 40.59 -4.10
CA LEU I 150 5.48 40.18 -4.14
C LEU I 150 6.28 41.03 -5.11
N ASN I 151 5.75 41.21 -6.30
CA ASN I 151 6.44 41.97 -7.34
C ASN I 151 6.62 43.44 -6.95
N ARG I 152 5.64 44.04 -6.32
CA ARG I 152 5.73 45.38 -5.90
C ARG I 152 6.85 45.56 -4.89
N ILE I 153 6.88 44.69 -3.89
CA ILE I 153 7.92 44.75 -2.88
C ILE I 153 9.30 44.51 -3.47
N LEU I 154 9.41 43.52 -4.34
CA LEU I 154 10.68 43.22 -4.98
C LEU I 154 11.20 44.39 -5.83
N SER I 155 10.26 45.08 -6.46
CA SER I 155 10.56 46.30 -7.20
C SER I 155 11.22 47.34 -6.31
N GLU I 156 10.62 47.63 -5.18
CA GLU I 156 11.15 48.60 -4.25
C GLU I 156 12.52 48.19 -3.73
N ARG I 157 12.67 46.90 -3.40
CA ARG I 157 13.92 46.40 -2.88
C ARG I 157 15.04 46.26 -3.86
N THR I 158 14.76 45.98 -5.12
CA THR I 158 15.80 45.84 -6.13
C THR I 158 16.05 47.05 -7.02
N GLY I 159 15.13 48.01 -7.05
CA GLY I 159 15.21 49.08 -8.05
C GLY I 159 14.77 48.70 -9.43
N GLN I 160 14.31 47.48 -9.68
CA GLN I 160 13.77 47.11 -10.99
C GLN I 160 12.34 47.48 -11.07
N SER I 161 11.86 47.74 -12.27
CA SER I 161 10.43 47.98 -12.48
C SER I 161 9.57 46.73 -12.19
N ILE I 162 8.31 46.96 -11.83
CA ILE I 162 7.36 45.90 -11.65
C ILE I 162 7.19 45.10 -12.95
N GLU I 163 7.19 45.80 -14.07
CA GLU I 163 7.07 45.14 -15.38
C GLU I 163 8.26 44.20 -15.65
N LYS I 164 9.45 44.65 -15.33
CA LYS I 164 10.63 43.82 -15.53
C LYS I 164 10.59 42.56 -14.58
N ILE I 165 10.17 42.75 -13.33
CA ILE I 165 10.05 41.67 -12.38
C ILE I 165 9.02 40.62 -12.91
N GLN I 166 7.90 41.11 -13.41
CA GLN I 166 6.84 40.29 -13.96
C GLN I 166 7.37 39.38 -15.09
N LYS I 167 8.07 39.98 -16.02
CA LYS I 167 8.65 39.26 -17.10
C LYS I 167 9.74 38.21 -16.67
N ASP I 168 10.60 38.64 -15.75
CA ASP I 168 11.74 37.89 -15.34
C ASP I 168 11.36 36.76 -14.35
N THR I 169 10.18 36.80 -13.74
CA THR I 169 9.71 35.78 -12.84
C THR I 169 8.68 34.82 -13.48
N ASP I 170 8.45 34.99 -14.77
CA ASP I 170 7.45 34.24 -15.46
C ASP I 170 7.73 32.70 -15.41
N ARG I 171 9.01 32.37 -15.58
CA ARG I 171 9.53 31.05 -15.34
C ARG I 171 10.69 31.09 -14.39
N ASP I 172 11.12 29.95 -13.93
CA ASP I 172 12.29 29.80 -13.10
C ASP I 172 13.49 30.52 -13.73
N ASN I 173 14.07 31.42 -12.98
CA ASN I 173 15.16 32.23 -13.40
C ASN I 173 16.29 32.13 -12.35
N PHE I 174 17.32 31.42 -12.76
CA PHE I 174 18.52 31.19 -11.95
C PHE I 174 19.55 32.28 -12.14
N LEU I 175 20.00 32.88 -11.06
CA LEU I 175 21.02 33.93 -11.10
C LEU I 175 22.22 33.46 -10.36
N THR I 176 23.40 33.77 -10.93
CA THR I 176 24.63 33.72 -10.17
C THR I 176 24.63 34.84 -9.11
N ALA I 177 25.56 34.73 -8.18
CA ALA I 177 25.70 35.75 -7.15
C ALA I 177 25.97 37.15 -7.78
N GLU I 178 26.85 37.17 -8.75
CA GLU I 178 27.18 38.40 -9.47
C GLU I 178 25.95 38.96 -10.18
N GLU I 179 25.20 38.10 -10.81
CA GLU I 179 23.95 38.49 -11.45
C GLU I 179 22.91 39.01 -10.48
N ALA I 180 22.82 38.39 -9.32
CA ALA I 180 21.91 38.83 -8.28
C ALA I 180 22.27 40.25 -7.80
N LYS I 181 23.57 40.53 -7.75
CA LYS I 181 24.04 41.85 -7.43
C LYS I 181 23.67 42.90 -8.50
N GLU I 182 23.93 42.58 -9.76
CA GLU I 182 23.50 43.39 -10.87
C GLU I 182 22.01 43.64 -10.89
N TYR I 183 21.23 42.63 -10.52
CA TYR I 183 19.81 42.78 -10.48
C TYR I 183 19.31 43.64 -9.34
N GLY I 184 20.09 43.83 -8.28
CA GLY I 184 19.66 44.53 -7.06
C GLY I 184 19.07 43.68 -5.96
N LEU I 185 19.12 42.35 -6.08
CA LEU I 185 18.71 41.44 -5.02
C LEU I 185 19.68 41.43 -3.83
N ILE I 186 20.96 41.65 -4.11
CA ILE I 186 21.99 41.82 -3.08
C ILE I 186 22.83 43.04 -3.43
N ASP I 187 23.65 43.48 -2.50
CA ASP I 187 24.57 44.63 -2.66
C ASP I 187 25.98 44.23 -3.00
N GLU I 188 26.45 43.12 -2.43
CA GLU I 188 27.81 42.67 -2.64
C GLU I 188 27.87 41.14 -2.70
N VAL I 189 28.81 40.70 -3.50
CA VAL I 189 29.22 39.33 -3.57
C VAL I 189 30.38 39.29 -2.55
N MET I 190 30.28 38.47 -1.51
CA MET I 190 31.39 38.34 -0.58
C MET I 190 32.50 37.57 -1.23
N VAL I 191 33.66 38.14 -1.25
CA VAL I 191 34.79 37.64 -2.02
C VAL I 191 35.79 37.13 -0.99
N PRO I 192 36.46 36.02 -1.36
CA PRO I 192 37.41 35.45 -0.41
C PRO I 192 38.74 36.26 -0.43
N GLU I 193 39.40 36.54 0.72
CA GLU I 193 40.84 37.18 0.76
C GLU I 193 41.94 36.07 0.83
N ILE J 4 25.77 6.65 19.53
CA ILE J 4 26.91 7.64 19.54
C ILE J 4 27.37 7.84 20.99
N PRO J 5 28.57 7.36 21.32
CA PRO J 5 28.99 7.44 22.74
C PRO J 5 29.45 8.88 23.16
N THR J 6 29.57 9.00 24.48
CA THR J 6 29.85 10.21 25.26
C THR J 6 31.24 10.05 25.96
N VAL J 7 32.00 11.17 26.04
CA VAL J 7 33.36 11.20 26.64
C VAL J 7 33.31 11.61 28.12
N TYR J 18 29.60 15.59 26.58
CA TYR J 18 30.35 15.69 25.35
C TYR J 18 30.16 14.44 24.46
N ASP J 19 29.36 14.48 23.41
CA ASP J 19 29.32 13.41 22.37
C ASP J 19 30.66 13.44 21.56
N ILE J 20 31.00 12.31 20.95
CA ILE J 20 32.29 12.09 20.31
C ILE J 20 32.63 13.18 19.24
N TYR J 21 31.61 13.57 18.47
CA TYR J 21 31.80 14.56 17.42
C TYR J 21 32.07 15.97 18.00
N SER J 22 31.35 16.32 19.05
CA SER J 22 31.61 17.54 19.78
C SER J 22 32.98 17.57 20.42
N ARG J 23 33.44 16.45 20.92
CA ARG J 23 34.78 16.36 21.47
C ARG J 23 35.83 16.60 20.34
N LEU J 24 35.60 16.02 19.17
CA LEU J 24 36.52 16.25 18.09
C LEU J 24 36.51 17.72 17.57
N LEU J 25 35.33 18.34 17.63
CA LEU J 25 35.18 19.72 17.24
C LEU J 25 36.00 20.67 18.12
N LYS J 26 36.16 20.33 19.38
CA LYS J 26 37.05 21.05 20.26
C LYS J 26 38.51 21.01 19.80
N ASP J 27 38.94 19.98 19.07
CA ASP J 27 40.26 19.91 18.44
C ASP J 27 40.26 20.38 17.01
N ARG J 28 39.18 21.04 16.58
CA ARG J 28 39.09 21.68 15.27
C ARG J 28 38.89 20.68 14.12
N ILE J 29 38.36 19.50 14.46
CA ILE J 29 38.02 18.49 13.50
C ILE J 29 36.53 18.55 13.22
N ILE J 30 36.18 18.66 11.96
CA ILE J 30 34.82 18.62 11.50
C ILE J 30 34.62 17.31 10.69
N MET J 31 33.56 16.59 11.02
CA MET J 31 33.25 15.37 10.33
C MET J 31 32.15 15.52 9.25
N LEU J 32 32.50 15.30 7.97
CA LEU J 32 31.54 15.20 6.90
C LEU J 32 31.39 13.74 6.54
N GLY J 33 30.44 13.08 7.22
CA GLY J 33 30.31 11.63 7.22
C GLY J 33 28.98 11.11 6.71
N SER J 34 28.29 11.87 5.88
CA SER J 34 27.00 11.45 5.36
C SER J 34 26.77 12.08 4.01
N GLN J 35 25.66 11.72 3.40
CA GLN J 35 25.13 12.42 2.27
C GLN J 35 25.04 13.93 2.55
N ILE J 36 25.39 14.74 1.59
CA ILE J 36 25.36 16.20 1.73
C ILE J 36 24.01 16.74 1.36
N ASP J 37 23.21 17.14 2.32
CA ASP J 37 21.95 17.81 2.10
C ASP J 37 22.06 19.18 2.78
N ASP J 38 21.01 19.96 2.76
CA ASP J 38 21.01 21.26 3.38
C ASP J 38 21.32 21.28 4.90
N ASN J 39 20.78 20.35 5.68
CA ASN J 39 21.06 20.28 7.12
C ASN J 39 22.54 20.05 7.40
N VAL J 40 23.17 19.14 6.65
CA VAL J 40 24.55 18.85 6.80
C VAL J 40 25.39 20.09 6.42
N ALA J 41 25.08 20.71 5.33
CA ALA J 41 25.79 21.90 4.92
C ALA J 41 25.65 23.04 5.90
N ASN J 42 24.45 23.25 6.44
CA ASN J 42 24.27 24.32 7.41
C ASN J 42 25.12 24.11 8.71
N SER J 43 25.16 22.85 9.14
CA SER J 43 25.92 22.45 10.27
C SER J 43 27.45 22.63 10.01
N ILE J 44 27.94 22.22 8.85
CA ILE J 44 29.36 22.29 8.58
C ILE J 44 29.78 23.76 8.42
N VAL J 45 28.95 24.55 7.73
CA VAL J 45 29.19 25.98 7.57
C VAL J 45 29.33 26.63 8.97
N SER J 46 28.37 26.33 9.84
CA SER J 46 28.34 26.89 11.14
C SER J 46 29.60 26.51 11.96
N GLN J 47 30.01 25.27 11.85
CA GLN J 47 31.17 24.75 12.50
C GLN J 47 32.44 25.48 11.99
N LEU J 48 32.56 25.63 10.68
CA LEU J 48 33.66 26.35 10.10
C LEU J 48 33.77 27.80 10.63
N LEU J 49 32.64 28.49 10.67
CA LEU J 49 32.61 29.87 11.12
C LEU J 49 32.94 30.01 12.62
N PHE J 50 32.41 29.06 13.39
CA PHE J 50 32.64 28.99 14.81
C PHE J 50 34.13 28.77 15.09
N LEU J 51 34.74 27.86 14.38
CA LEU J 51 36.16 27.61 14.53
C LEU J 51 37.02 28.81 14.14
N GLN J 52 36.69 29.47 13.06
CA GLN J 52 37.38 30.71 12.66
C GLN J 52 37.26 31.78 13.79
N ALA J 53 36.08 31.93 14.39
CA ALA J 53 35.89 32.87 15.49
C ALA J 53 36.70 32.51 16.75
N GLN J 54 36.89 31.22 17.02
CA GLN J 54 37.69 30.81 18.13
C GLN J 54 39.17 31.03 17.87
N ASP J 55 39.62 30.86 16.64
CA ASP J 55 41.00 31.06 16.29
C ASP J 55 41.12 31.19 14.77
N SER J 56 41.48 32.43 14.32
CA SER J 56 41.54 32.68 12.90
C SER J 56 42.81 32.16 12.21
N GLU J 57 43.85 31.86 12.98
CA GLU J 57 45.15 31.35 12.44
C GLU J 57 45.25 29.81 12.33
N LYS J 58 44.77 29.10 13.29
CA LYS J 58 44.92 27.63 13.32
C LYS J 58 44.16 26.82 12.29
N ASP J 59 44.81 25.79 11.79
CA ASP J 59 44.24 24.87 10.84
C ASP J 59 42.96 24.23 11.40
N ILE J 60 42.07 23.91 10.46
CA ILE J 60 40.87 23.15 10.68
C ILE J 60 41.03 21.87 9.88
N TYR J 61 40.43 20.78 10.35
CA TYR J 61 40.55 19.49 9.70
C TYR J 61 39.17 18.98 9.33
N LEU J 62 38.91 18.80 8.03
CA LEU J 62 37.67 18.29 7.52
C LEU J 62 37.86 16.85 7.06
N TYR J 63 37.29 15.92 7.82
CA TYR J 63 37.35 14.50 7.54
C TYR J 63 36.15 14.14 6.67
N ILE J 64 36.39 13.45 5.58
CA ILE J 64 35.36 13.22 4.58
C ILE J 64 35.17 11.75 4.36
N ASN J 65 33.94 11.30 4.59
CA ASN J 65 33.45 9.99 4.20
C ASN J 65 31.99 10.16 3.75
N SER J 66 31.84 10.50 2.47
CA SER J 66 30.59 10.95 1.93
C SER J 66 30.39 10.51 0.49
N PRO J 67 29.19 10.06 0.14
CA PRO J 67 28.84 9.79 -1.29
C PRO J 67 28.47 11.02 -2.06
N GLY J 68 28.54 12.20 -1.48
CA GLY J 68 28.11 13.41 -2.16
C GLY J 68 26.70 13.81 -1.78
N GLY J 69 26.01 14.47 -2.70
CA GLY J 69 24.62 14.91 -2.49
C GLY J 69 24.36 16.22 -3.23
N SER J 70 23.65 17.12 -2.59
CA SER J 70 23.21 18.37 -3.22
C SER J 70 24.42 19.27 -3.55
N VAL J 71 24.43 19.74 -4.79
CA VAL J 71 25.47 20.60 -5.30
C VAL J 71 25.44 21.99 -4.62
N THR J 72 24.27 22.55 -4.42
CA THR J 72 24.17 23.84 -3.78
C THR J 72 24.60 23.72 -2.30
N ALA J 73 24.25 22.63 -1.66
CA ALA J 73 24.69 22.40 -0.31
C ALA J 73 26.23 22.28 -0.23
N GLY J 74 26.78 21.55 -1.18
CA GLY J 74 28.21 21.44 -1.29
C GLY J 74 28.91 22.76 -1.55
N PHE J 75 28.29 23.61 -2.34
CA PHE J 75 28.88 24.91 -2.61
C PHE J 75 28.79 25.83 -1.41
N ALA J 76 27.79 25.69 -0.55
CA ALA J 76 27.77 26.44 0.69
C ALA J 76 29.04 26.13 1.53
N ILE J 77 29.39 24.86 1.58
CA ILE J 77 30.55 24.39 2.30
C ILE J 77 31.82 24.90 1.60
N TYR J 78 31.88 24.71 0.28
CA TYR J 78 33.01 25.14 -0.49
C TYR J 78 33.31 26.63 -0.30
N ASP J 79 32.30 27.46 -0.46
CA ASP J 79 32.49 28.89 -0.38
C ASP J 79 32.89 29.33 1.04
N THR J 80 32.39 28.62 2.04
CA THR J 80 32.73 28.93 3.41
C THR J 80 34.20 28.58 3.65
N ILE J 81 34.62 27.41 3.17
CA ILE J 81 36.01 27.07 3.24
C ILE J 81 36.90 28.16 2.63
N GLN J 82 36.58 28.62 1.44
CA GLN J 82 37.43 29.59 0.78
C GLN J 82 37.35 30.95 1.47
N HIS J 83 36.25 31.28 2.09
CA HIS J 83 36.10 32.56 2.70
C HIS J 83 36.91 32.79 3.98
N ILE J 84 36.98 31.78 4.83
CA ILE J 84 37.64 31.89 6.09
C ILE J 84 39.18 31.91 5.92
N LYS J 85 39.83 32.54 6.90
CA LYS J 85 41.28 32.76 6.87
C LYS J 85 42.10 31.44 7.12
N PRO J 86 41.73 30.67 8.09
CA PRO J 86 42.47 29.48 8.35
C PRO J 86 42.39 28.40 7.21
N ASP J 87 43.49 27.73 7.05
CA ASP J 87 43.59 26.60 6.20
C ASP J 87 42.64 25.46 6.68
N VAL J 88 41.91 24.86 5.74
CA VAL J 88 41.09 23.70 5.99
C VAL J 88 41.74 22.53 5.28
N GLN J 89 42.33 21.66 6.07
CA GLN J 89 42.85 20.41 5.59
C GLN J 89 41.66 19.48 5.29
N THR J 90 41.80 18.65 4.27
CA THR J 90 40.82 17.66 3.92
C THR J 90 41.47 16.30 3.96
N ILE J 91 40.75 15.36 4.57
CA ILE J 91 41.22 14.00 4.72
C ILE J 91 40.08 13.05 4.32
N CYS J 92 40.29 12.32 3.23
CA CYS J 92 39.34 11.34 2.80
C CYS J 92 39.60 10.01 3.52
N ILE J 93 38.66 9.57 4.29
CA ILE J 93 38.70 8.26 4.93
C ILE J 93 37.52 7.50 4.30
N GLY J 94 37.71 6.31 3.91
CA GLY J 94 36.60 5.58 3.24
C GLY J 94 36.25 5.98 1.79
N MET J 95 35.38 6.97 1.60
CA MET J 95 34.90 7.35 0.29
C MET J 95 34.66 8.83 0.16
N ALA J 96 35.04 9.38 -0.96
CA ALA J 96 34.65 10.73 -1.32
C ALA J 96 34.19 10.66 -2.75
N ALA J 97 32.90 10.71 -2.94
CA ALA J 97 32.27 10.65 -4.26
C ALA J 97 31.49 11.92 -4.57
N SER J 98 31.48 12.29 -5.87
CA SER J 98 30.72 13.45 -6.37
C SER J 98 31.16 14.71 -5.68
N MET J 99 30.23 15.39 -5.02
CA MET J 99 30.51 16.59 -4.27
C MET J 99 31.50 16.36 -3.11
N GLY J 100 31.50 15.17 -2.55
CA GLY J 100 32.47 14.79 -1.55
C GLY J 100 33.89 14.87 -2.10
N SER J 101 34.08 14.40 -3.31
CA SER J 101 35.41 14.51 -3.93
C SER J 101 35.75 15.93 -4.34
N PHE J 102 34.72 16.70 -4.70
CA PHE J 102 34.89 18.10 -5.01
C PHE J 102 35.39 18.84 -3.76
N LEU J 103 34.77 18.53 -2.62
CA LEU J 103 35.20 19.13 -1.36
C LEU J 103 36.57 18.65 -0.90
N LEU J 104 36.88 17.37 -1.11
CA LEU J 104 38.18 16.86 -0.84
C LEU J 104 39.28 17.73 -1.57
N ALA J 105 39.02 17.98 -2.87
CA ALA J 105 39.89 18.76 -3.70
C ALA J 105 39.99 20.26 -3.32
N ALA J 106 39.02 20.73 -2.55
CA ALA J 106 38.92 22.09 -2.17
C ALA J 106 39.73 22.46 -0.87
N GLY J 107 40.39 21.50 -0.26
CA GLY J 107 41.19 21.76 0.86
C GLY J 107 42.40 22.63 0.53
N ALA J 108 43.06 23.12 1.57
CA ALA J 108 44.21 23.98 1.37
C ALA J 108 45.32 23.21 0.61
N LYS J 109 45.94 23.89 -0.33
CA LYS J 109 46.94 23.29 -1.22
C LYS J 109 48.11 22.77 -0.35
N GLY J 110 48.51 21.55 -0.51
CA GLY J 110 49.48 20.88 0.32
C GLY J 110 48.89 20.10 1.49
N LYS J 111 47.60 20.28 1.81
CA LYS J 111 46.99 19.66 2.96
C LYS J 111 45.67 18.87 2.63
N ARG J 112 45.66 18.24 1.46
CA ARG J 112 44.61 17.37 1.02
C ARG J 112 45.19 15.96 1.01
N PHE J 113 44.54 15.08 1.78
CA PHE J 113 45.01 13.76 2.03
C PHE J 113 43.91 12.73 1.79
N ALA J 114 44.34 11.50 1.59
CA ALA J 114 43.50 10.35 1.70
C ALA J 114 44.26 9.22 2.29
N LEU J 115 43.53 8.38 3.01
CA LEU J 115 44.04 7.16 3.54
C LEU J 115 44.22 6.12 2.39
N PRO J 116 45.10 5.13 2.57
CA PRO J 116 45.54 4.33 1.40
C PRO J 116 44.47 3.56 0.66
N ASN J 117 43.46 3.11 1.39
CA ASN J 117 42.40 2.31 0.80
C ASN J 117 41.13 3.09 0.52
N ALA J 118 41.19 4.40 0.71
CA ALA J 118 40.07 5.26 0.43
C ALA J 118 39.77 5.31 -1.06
N GLU J 119 38.52 5.54 -1.35
CA GLU J 119 38.01 5.53 -2.71
C GLU J 119 37.55 6.97 -3.05
N VAL J 120 37.97 7.45 -4.19
CA VAL J 120 37.59 8.75 -4.68
C VAL J 120 36.86 8.55 -6.00
N MET J 121 35.70 9.18 -6.15
CA MET J 121 34.97 9.06 -7.40
C MET J 121 34.54 10.42 -7.94
N ILE J 122 34.76 10.61 -9.25
CA ILE J 122 34.38 11.85 -9.91
C ILE J 122 33.43 11.53 -11.05
N HIS J 123 32.43 12.40 -11.22
CA HIS J 123 31.42 12.21 -12.24
C HIS J 123 30.67 13.54 -12.51
N GLN J 124 29.78 13.53 -13.47
CA GLN J 124 29.00 14.69 -13.73
C GLN J 124 27.80 14.79 -12.80
N PRO J 125 27.31 16.02 -12.63
CA PRO J 125 26.09 16.22 -11.81
C PRO J 125 24.84 15.56 -12.35
N LEU J 126 23.98 15.17 -11.44
CA LEU J 126 22.73 14.44 -11.69
C LEU J 126 21.53 15.33 -11.39
N GLY J 127 20.41 15.14 -12.08
CA GLY J 127 19.19 15.88 -11.84
C GLY J 127 18.05 15.41 -12.66
N GLY J 128 17.07 16.26 -12.81
CA GLY J 128 15.81 15.85 -13.45
C GLY J 128 14.97 17.01 -13.80
N ALA J 129 14.00 16.82 -14.68
CA ALA J 129 13.06 17.88 -15.05
C ALA J 129 11.90 17.19 -15.72
N GLN J 130 10.72 17.68 -15.42
CA GLN J 130 9.50 17.20 -15.95
C GLN J 130 8.62 18.39 -16.30
N GLY J 131 7.93 18.38 -17.41
CA GLY J 131 7.02 19.47 -17.79
C GLY J 131 7.15 19.89 -19.25
N GLN J 132 6.87 21.17 -19.48
CA GLN J 132 6.88 21.74 -20.82
C GLN J 132 8.32 21.79 -21.40
N ALA J 133 8.42 21.73 -22.72
CA ALA J 133 9.69 21.87 -23.43
C ALA J 133 10.57 23.04 -22.93
N THR J 134 9.93 24.20 -22.79
CA THR J 134 10.56 25.35 -22.23
C THR J 134 11.12 25.16 -20.79
N GLU J 135 10.39 24.46 -19.97
CA GLU J 135 10.81 24.14 -18.61
C GLU J 135 11.99 23.19 -18.63
N ILE J 136 11.97 22.22 -19.53
CA ILE J 136 13.05 21.29 -19.64
C ILE J 136 14.33 22.00 -20.11
N GLU J 137 14.17 22.98 -21.01
CA GLU J 137 15.24 23.77 -21.49
C GLU J 137 15.93 24.55 -20.36
N ILE J 138 15.13 25.21 -19.54
CA ILE J 138 15.64 25.92 -18.38
C ILE J 138 16.41 25.02 -17.47
N ALA J 139 15.85 23.86 -17.14
CA ALA J 139 16.53 22.91 -16.26
C ALA J 139 17.84 22.40 -16.88
N ALA J 140 17.84 22.12 -18.17
CA ALA J 140 19.01 21.67 -18.86
C ALA J 140 20.13 22.74 -18.86
N ASN J 141 19.79 23.99 -19.24
CA ASN J 141 20.72 25.10 -19.17
C ASN J 141 21.32 25.26 -17.76
N HIS J 142 20.48 25.16 -16.74
CA HIS J 142 20.97 25.31 -15.42
C HIS J 142 21.94 24.19 -15.01
N ILE J 143 21.60 22.93 -15.29
CA ILE J 143 22.48 21.87 -14.88
C ILE J 143 23.82 21.91 -15.72
N LEU J 144 23.77 22.31 -16.99
CA LEU J 144 24.95 22.48 -17.78
C LEU J 144 25.87 23.58 -17.26
N LYS J 145 25.30 24.72 -16.84
CA LYS J 145 26.04 25.82 -16.24
C LYS J 145 26.69 25.35 -14.88
N THR J 146 25.96 24.54 -14.10
CA THR J 146 26.47 24.02 -12.87
C THR J 146 27.67 23.11 -13.16
N ARG J 147 27.58 22.28 -14.18
CA ARG J 147 28.67 21.43 -14.56
C ARG J 147 29.92 22.20 -14.99
N GLU J 148 29.74 23.24 -15.81
CA GLU J 148 30.86 24.07 -16.23
C GLU J 148 31.55 24.70 -15.03
N LYS J 149 30.77 25.16 -14.05
CA LYS J 149 31.29 25.78 -12.85
C LYS J 149 32.12 24.76 -12.02
N LEU J 150 31.58 23.55 -11.83
CA LEU J 150 32.29 22.51 -11.14
C LEU J 150 33.61 22.17 -11.85
N ASN J 151 33.53 21.98 -13.14
CA ASN J 151 34.69 21.63 -13.93
C ASN J 151 35.79 22.69 -13.93
N ARG J 152 35.38 23.94 -14.02
CA ARG J 152 36.31 25.01 -14.00
C ARG J 152 37.06 25.05 -12.68
N ILE J 153 36.34 24.93 -11.57
CA ILE J 153 36.96 24.94 -10.26
C ILE J 153 37.89 23.74 -10.10
N LEU J 154 37.45 22.57 -10.51
CA LEU J 154 38.26 21.39 -10.40
C LEU J 154 39.57 21.49 -11.23
N SER J 155 39.46 22.13 -12.37
CA SER J 155 40.61 22.45 -13.20
C SER J 155 41.66 23.26 -12.42
N GLU J 156 41.21 24.34 -11.82
CA GLU J 156 42.07 25.20 -11.03
C GLU J 156 42.69 24.45 -9.85
N ARG J 157 41.90 23.66 -9.17
CA ARG J 157 42.36 22.91 -8.00
C ARG J 157 43.23 21.72 -8.29
N THR J 158 43.05 21.05 -9.41
CA THR J 158 43.90 19.92 -9.77
C THR J 158 45.04 20.21 -10.74
N GLY J 159 45.04 21.33 -11.42
CA GLY J 159 45.98 21.54 -12.51
C GLY J 159 45.65 20.85 -13.80
N GLN J 160 44.59 20.10 -13.92
CA GLN J 160 44.20 19.48 -15.20
C GLN J 160 43.44 20.48 -16.05
N SER J 161 43.53 20.34 -17.37
CA SER J 161 42.70 21.17 -18.24
C SER J 161 41.17 20.89 -18.10
N ILE J 162 40.38 21.89 -18.44
CA ILE J 162 38.95 21.77 -18.43
C ILE J 162 38.46 20.64 -19.34
N GLU J 163 39.12 20.51 -20.48
CA GLU J 163 38.77 19.45 -21.45
C GLU J 163 39.01 18.07 -20.86
N LYS J 164 40.13 17.89 -20.18
CA LYS J 164 40.41 16.61 -19.56
C LYS J 164 39.40 16.28 -18.43
N ILE J 165 39.03 17.29 -17.62
CA ILE J 165 38.06 17.13 -16.55
C ILE J 165 36.69 16.69 -17.17
N GLN J 166 36.30 17.36 -18.25
CA GLN J 166 35.07 17.06 -18.95
C GLN J 166 35.00 15.61 -19.40
N LYS J 167 36.07 15.15 -20.04
CA LYS J 167 36.15 13.79 -20.50
C LYS J 167 36.16 12.76 -19.35
N ASP J 168 36.91 13.05 -18.31
CA ASP J 168 37.14 12.14 -17.21
C ASP J 168 35.95 12.08 -16.22
N THR J 169 35.06 13.06 -16.27
CA THR J 169 33.86 13.06 -15.43
C THR J 169 32.59 12.65 -16.19
N ASP J 170 32.75 12.25 -17.43
CA ASP J 170 31.61 11.95 -18.27
C ASP J 170 30.78 10.77 -17.73
N ARG J 171 31.47 9.78 -17.22
CA ARG J 171 30.94 8.67 -16.49
C ARG J 171 31.66 8.54 -15.16
N ASP J 172 31.12 7.72 -14.29
CA ASP J 172 31.69 7.40 -13.02
C ASP J 172 33.12 6.94 -13.20
N ASN J 173 34.02 7.59 -12.52
CA ASN J 173 35.42 7.35 -12.57
C ASN J 173 35.93 7.16 -11.13
N PHE J 174 36.23 5.94 -10.78
CA PHE J 174 36.77 5.53 -9.50
C PHE J 174 38.31 5.63 -9.50
N LEU J 175 38.87 6.39 -8.54
CA LEU J 175 40.27 6.51 -8.37
C LEU J 175 40.67 5.93 -7.02
N THR J 176 41.80 5.27 -7.00
CA THR J 176 42.50 4.98 -5.76
C THR J 176 43.08 6.26 -5.17
N ALA J 177 43.49 6.16 -3.91
CA ALA J 177 44.13 7.29 -3.22
C ALA J 177 45.41 7.75 -4.04
N GLU J 178 46.20 6.79 -4.46
CA GLU J 178 47.38 7.06 -5.23
C GLU J 178 47.05 7.77 -6.55
N GLU J 179 46.02 7.26 -7.20
CA GLU J 179 45.53 7.85 -8.44
C GLU J 179 44.99 9.26 -8.25
N ALA J 180 44.29 9.47 -7.18
CA ALA J 180 43.75 10.79 -6.85
C ALA J 180 44.92 11.81 -6.63
N LYS J 181 46.00 11.34 -6.05
CA LYS J 181 47.17 12.14 -5.90
C LYS J 181 47.84 12.51 -7.28
N GLU J 182 48.02 11.52 -8.11
CA GLU J 182 48.50 11.72 -9.46
C GLU J 182 47.62 12.69 -10.27
N TYR J 183 46.31 12.62 -10.06
CA TYR J 183 45.39 13.48 -10.70
C TYR J 183 45.46 14.95 -10.21
N GLY J 184 45.93 15.19 -8.99
CA GLY J 184 45.87 16.49 -8.37
C GLY J 184 44.62 16.79 -7.49
N LEU J 185 43.78 15.77 -7.23
CA LEU J 185 42.67 15.90 -6.32
C LEU J 185 43.11 15.96 -4.83
N ILE J 186 44.22 15.31 -4.50
CA ILE J 186 44.86 15.39 -3.20
C ILE J 186 46.34 15.58 -3.40
N ASP J 187 47.07 15.90 -2.32
CA ASP J 187 48.53 16.12 -2.31
C ASP J 187 49.31 14.92 -1.82
N GLU J 188 48.76 14.16 -0.87
CA GLU J 188 49.44 13.03 -0.28
C GLU J 188 48.50 11.91 0.11
N VAL J 189 48.99 10.71 0.03
CA VAL J 189 48.40 9.54 0.57
C VAL J 189 48.97 9.42 1.96
N MET J 190 48.15 9.44 3.00
CA MET J 190 48.66 9.25 4.37
C MET J 190 49.01 7.80 4.55
N VAL J 191 50.22 7.54 4.95
CA VAL J 191 50.79 6.21 5.03
C VAL J 191 50.93 5.90 6.50
N PRO J 192 50.74 4.62 6.88
CA PRO J 192 50.91 4.26 8.29
C PRO J 192 52.38 4.25 8.74
N GLU J 193 52.84 4.87 9.88
CA GLU J 193 54.24 4.61 10.56
C GLU J 193 54.35 3.32 11.39
N ILE K 4 19.06 0.44 27.08
CA ILE K 4 20.57 0.55 27.34
C ILE K 4 20.70 1.17 28.74
N PRO K 5 21.21 0.37 29.73
CA PRO K 5 21.27 0.90 31.10
C PRO K 5 22.45 1.88 31.33
N THR K 6 22.39 2.53 32.48
CA THR K 6 23.27 3.62 32.91
C THR K 6 24.08 3.13 34.15
N VAL K 7 25.34 3.58 34.27
CA VAL K 7 26.20 3.21 35.45
C VAL K 7 26.17 4.29 36.54
N TYR K 18 26.61 8.07 32.94
CA TYR K 18 27.27 7.31 31.80
C TYR K 18 26.39 6.14 31.22
N ASP K 19 26.08 6.05 29.91
CA ASP K 19 25.56 4.81 29.35
C ASP K 19 26.73 3.75 29.28
N ILE K 20 26.36 2.48 29.20
CA ILE K 20 27.30 1.37 29.38
C ILE K 20 28.45 1.41 28.34
N TYR K 21 28.13 1.77 27.12
CA TYR K 21 29.15 1.86 26.06
C TYR K 21 30.14 3.01 26.30
N SER K 22 29.66 4.15 26.77
CA SER K 22 30.52 5.23 27.18
C SER K 22 31.42 4.86 28.34
N ARG K 23 30.89 4.09 29.28
CA ARG K 23 31.72 3.60 30.38
C ARG K 23 32.84 2.67 29.84
N LEU K 24 32.51 1.81 28.90
CA LEU K 24 33.51 0.94 28.32
C LEU K 24 34.57 1.71 27.51
N LEU K 25 34.15 2.78 26.86
CA LEU K 25 35.05 3.62 26.10
C LEU K 25 36.12 4.29 26.97
N LYS K 26 35.78 4.60 28.21
CA LYS K 26 36.76 5.03 29.18
C LYS K 26 37.85 4.01 29.47
N ASP K 27 37.56 2.72 29.32
CA ASP K 27 38.56 1.65 29.41
C ASP K 27 39.15 1.26 28.07
N ARG K 28 38.91 2.07 27.04
CA ARG K 28 39.51 1.92 25.71
C ARG K 28 38.90 0.76 24.90
N ILE K 29 37.66 0.42 25.24
CA ILE K 29 36.89 -0.58 24.55
C ILE K 29 35.94 0.10 23.60
N ILE K 30 36.01 -0.29 22.33
CA ILE K 30 35.10 0.18 21.30
C ILE K 30 34.23 -1.02 20.87
N MET K 31 32.92 -0.80 20.82
CA MET K 31 32.01 -1.83 20.39
C MET K 31 31.57 -1.69 18.91
N LEU K 32 31.92 -2.67 18.09
CA LEU K 32 31.42 -2.80 16.72
C LEU K 32 30.35 -3.89 16.72
N GLY K 33 29.10 -3.46 16.99
CA GLY K 33 28.02 -4.36 17.31
C GLY K 33 26.82 -4.30 16.43
N SER K 34 26.98 -3.88 15.20
CA SER K 34 25.90 -3.72 14.25
C SER K 34 26.42 -3.83 12.84
N GLN K 35 25.52 -3.81 11.89
CA GLN K 35 25.84 -3.63 10.51
C GLN K 35 26.76 -2.41 10.32
N ILE K 36 27.75 -2.54 9.47
CA ILE K 36 28.70 -1.46 9.21
C ILE K 36 28.18 -0.58 8.08
N ASP K 37 27.70 0.60 8.38
CA ASP K 37 27.36 1.60 7.39
C ASP K 37 28.24 2.83 7.69
N ASP K 38 28.03 3.91 6.97
CA ASP K 38 28.78 5.11 7.17
C ASP K 38 28.72 5.74 8.61
N ASN K 39 27.55 5.77 9.24
CA ASN K 39 27.44 6.28 10.58
C ASN K 39 28.26 5.48 11.60
N VAL K 40 28.22 4.16 11.49
CA VAL K 40 28.99 3.31 12.34
C VAL K 40 30.47 3.51 12.12
N ALA K 41 30.88 3.55 10.89
CA ALA K 41 32.30 3.78 10.59
C ALA K 41 32.79 5.13 11.09
N ASN K 42 31.98 6.17 10.92
CA ASN K 42 32.39 7.48 11.38
C ASN K 42 32.59 7.54 12.93
N SER K 43 31.69 6.88 13.63
CA SER K 43 31.72 6.76 15.05
C SER K 43 32.96 5.95 15.51
N ILE K 44 33.25 4.83 14.86
CA ILE K 44 34.36 4.00 15.29
C ILE K 44 35.69 4.71 14.98
N VAL K 45 35.78 5.34 13.81
CA VAL K 45 36.95 6.13 13.44
C VAL K 45 37.21 7.21 14.50
N SER K 46 36.18 7.93 14.84
CA SER K 46 36.28 9.01 15.78
C SER K 46 36.74 8.51 17.17
N GLN K 47 36.21 7.38 17.59
CA GLN K 47 36.58 6.75 18.82
C GLN K 47 38.05 6.34 18.82
N LEU K 48 38.49 5.71 17.72
CA LEU K 48 39.87 5.33 17.58
C LEU K 48 40.83 6.53 17.69
N LEU K 49 40.50 7.63 17.01
CA LEU K 49 41.33 8.80 17.01
C LEU K 49 41.36 9.50 18.39
N PHE K 50 40.21 9.53 19.03
CA PHE K 50 40.03 10.09 20.35
C PHE K 50 40.89 9.29 21.35
N LEU K 51 40.85 7.98 21.29
CA LEU K 51 41.62 7.17 22.17
C LEU K 51 43.12 7.34 21.95
N GLN K 52 43.56 7.40 20.69
CA GLN K 52 44.95 7.67 20.39
C GLN K 52 45.39 9.05 20.98
N ALA K 53 44.55 10.07 20.87
CA ALA K 53 44.84 11.37 21.44
C ALA K 53 44.94 11.37 22.98
N GLN K 54 44.14 10.55 23.64
CA GLN K 54 44.24 10.41 25.07
C GLN K 54 45.49 9.67 25.51
N ASP K 55 45.89 8.67 24.74
CA ASP K 55 47.09 7.88 25.06
C ASP K 55 47.52 7.15 23.83
N SER K 56 48.66 7.53 23.30
CA SER K 56 49.16 6.93 22.03
C SER K 56 49.80 5.58 22.19
N GLU K 57 50.21 5.24 23.40
CA GLU K 57 50.89 3.93 23.68
C GLU K 57 49.99 2.77 24.07
N LYS K 58 48.96 3.00 24.84
CA LYS K 58 48.08 1.91 25.30
C LYS K 58 47.17 1.27 24.27
N ASP K 59 47.03 -0.03 24.42
CA ASP K 59 46.16 -0.85 23.60
C ASP K 59 44.72 -0.32 23.63
N ILE K 60 44.05 -0.53 22.48
CA ILE K 60 42.63 -0.31 22.30
C ILE K 60 42.02 -1.68 22.03
N TYR K 61 40.78 -1.86 22.42
CA TYR K 61 40.10 -3.14 22.28
C TYR K 61 38.84 -2.95 21.45
N LEU K 62 38.80 -3.61 20.28
CA LEU K 62 37.67 -3.56 19.39
C LEU K 62 36.90 -4.89 19.47
N TYR K 63 35.73 -4.83 20.09
CA TYR K 63 34.85 -5.98 20.27
C TYR K 63 33.92 -6.04 19.07
N ILE K 64 33.82 -7.21 18.44
CA ILE K 64 33.14 -7.32 17.18
C ILE K 64 32.02 -8.33 17.29
N ASN K 65 30.80 -7.87 17.02
CA ASN K 65 29.63 -8.70 16.80
C ASN K 65 28.82 -8.06 15.68
N SER K 66 29.19 -8.38 14.43
CA SER K 66 28.70 -7.68 13.30
C SER K 66 28.56 -8.59 12.09
N PRO K 67 27.47 -8.43 11.31
CA PRO K 67 27.32 -9.15 10.01
C PRO K 67 28.05 -8.53 8.89
N GLY K 68 28.82 -7.47 9.10
CA GLY K 68 29.46 -6.76 8.01
C GLY K 68 28.69 -5.59 7.53
N GLY K 69 28.84 -5.24 6.26
CA GLY K 69 28.14 -4.13 5.64
C GLY K 69 29.04 -3.48 4.57
N SER K 70 29.00 -2.16 4.52
CA SER K 70 29.64 -1.43 3.45
C SER K 70 31.18 -1.58 3.47
N VAL K 71 31.74 -1.90 2.34
CA VAL K 71 33.15 -2.10 2.19
C VAL K 71 33.95 -0.79 2.38
N THR K 72 33.46 0.30 1.84
CA THR K 72 34.15 1.56 1.99
C THR K 72 34.11 2.01 3.47
N ALA K 73 32.99 1.77 4.13
CA ALA K 73 32.90 2.07 5.54
C ALA K 73 33.87 1.22 6.35
N GLY K 74 33.93 -0.05 6.01
CA GLY K 74 34.90 -0.92 6.64
C GLY K 74 36.33 -0.54 6.41
N PHE K 75 36.63 -0.04 5.23
CA PHE K 75 37.98 0.41 4.95
C PHE K 75 38.33 1.68 5.69
N ALA K 76 37.37 2.56 5.96
CA ALA K 76 37.64 3.70 6.82
C ALA K 76 38.14 3.25 8.20
N ILE K 77 37.51 2.22 8.74
CA ILE K 77 37.87 1.65 10.01
C ILE K 77 39.24 0.98 9.90
N TYR K 78 39.41 0.16 8.88
CA TYR K 78 40.64 -0.55 8.64
C TYR K 78 41.83 0.41 8.58
N ASP K 79 41.73 1.44 7.75
CA ASP K 79 42.83 2.34 7.57
C ASP K 79 43.13 3.14 8.81
N THR K 80 42.10 3.43 9.61
CA THR K 80 42.29 4.15 10.83
C THR K 80 43.04 3.28 11.82
N ILE K 81 42.63 2.02 11.93
CA ILE K 81 43.35 1.08 12.75
C ILE K 81 44.84 1.04 12.38
N GLN K 82 45.16 0.91 11.10
CA GLN K 82 46.56 0.78 10.72
C GLN K 82 47.31 2.11 10.91
N HIS K 83 46.63 3.24 10.81
CA HIS K 83 47.28 4.50 10.93
C HIS K 83 47.77 4.88 12.35
N ILE K 84 46.97 4.59 13.35
CA ILE K 84 47.24 5.05 14.69
C ILE K 84 48.35 4.17 15.32
N LYS K 85 48.99 4.72 16.33
CA LYS K 85 50.12 4.09 17.01
C LYS K 85 49.73 2.94 17.92
N PRO K 86 48.71 3.11 18.76
CA PRO K 86 48.33 1.99 19.61
C PRO K 86 47.95 0.72 18.80
N ASP K 87 48.31 -0.40 19.37
CA ASP K 87 47.78 -1.67 18.96
C ASP K 87 46.25 -1.71 19.20
N VAL K 88 45.51 -2.21 18.21
CA VAL K 88 44.09 -2.48 18.32
C VAL K 88 43.88 -3.96 18.37
N GLN K 89 43.53 -4.46 19.54
CA GLN K 89 43.14 -5.83 19.71
C GLN K 89 41.73 -6.00 19.12
N THR K 90 41.47 -7.16 18.54
CA THR K 90 40.14 -7.48 18.07
C THR K 90 39.66 -8.73 18.76
N ILE K 91 38.41 -8.68 19.17
CA ILE K 91 37.77 -9.78 19.86
C ILE K 91 36.39 -10.05 19.27
N CYS K 92 36.26 -11.19 18.64
CA CYS K 92 34.98 -11.60 18.08
C CYS K 92 34.14 -12.27 19.13
N ILE K 93 33.03 -11.67 19.46
CA ILE K 93 32.03 -12.26 20.35
C ILE K 93 30.81 -12.49 19.48
N GLY K 94 30.23 -13.62 19.54
CA GLY K 94 29.05 -13.87 18.61
C GLY K 94 29.38 -14.13 17.13
N MET K 95 29.50 -13.08 16.31
CA MET K 95 29.62 -13.23 14.86
C MET K 95 30.50 -12.15 14.27
N ALA K 96 31.35 -12.54 13.34
CA ALA K 96 32.06 -11.61 12.51
C ALA K 96 31.96 -12.14 11.11
N ALA K 97 31.10 -11.49 10.33
CA ALA K 97 30.88 -11.90 8.94
C ALA K 97 31.26 -10.78 7.96
N SER K 98 31.73 -11.18 6.78
CA SER K 98 32.08 -10.26 5.69
C SER K 98 33.15 -9.27 6.15
N MET K 99 32.84 -7.99 6.08
CA MET K 99 33.70 -6.94 6.53
C MET K 99 34.04 -7.02 8.05
N GLY K 100 33.12 -7.55 8.83
CA GLY K 100 33.37 -7.84 10.23
C GLY K 100 34.51 -8.79 10.41
N SER K 101 34.54 -9.82 9.61
CA SER K 101 35.68 -10.79 9.70
C SER K 101 36.96 -10.20 9.13
N PHE K 102 36.83 -9.31 8.15
CA PHE K 102 37.97 -8.61 7.60
C PHE K 102 38.60 -7.73 8.70
N LEU K 103 37.74 -7.04 9.43
CA LEU K 103 38.21 -6.22 10.54
C LEU K 103 38.76 -7.03 11.72
N LEU K 104 38.14 -8.17 12.01
CA LEU K 104 38.66 -9.07 13.00
C LEU K 104 40.16 -9.44 12.67
N ALA K 105 40.38 -9.78 11.41
CA ALA K 105 41.70 -10.15 10.92
C ALA K 105 42.72 -9.00 10.88
N ALA K 106 42.23 -7.78 10.96
CA ALA K 106 43.02 -6.60 10.87
C ALA K 106 43.59 -6.12 12.25
N GLY K 107 43.27 -6.80 13.33
CA GLY K 107 43.79 -6.46 14.61
C GLY K 107 45.31 -6.66 14.69
N ALA K 108 45.92 -6.12 15.72
CA ALA K 108 47.34 -6.29 15.92
C ALA K 108 47.74 -7.74 16.01
N LYS K 109 48.83 -8.08 15.33
CA LYS K 109 49.30 -9.48 15.20
C LYS K 109 49.60 -9.99 16.63
N GLY K 110 49.08 -11.13 17.01
CA GLY K 110 49.15 -11.66 18.34
C GLY K 110 47.98 -11.29 19.25
N LYS K 111 47.14 -10.34 18.85
CA LYS K 111 46.06 -9.84 19.68
C LYS K 111 44.66 -9.86 18.98
N ARG K 112 44.43 -10.89 18.16
CA ARG K 112 43.18 -11.15 17.52
C ARG K 112 42.62 -12.42 18.16
N PHE K 113 41.43 -12.29 18.72
CA PHE K 113 40.79 -13.31 19.48
C PHE K 113 39.36 -13.56 19.03
N ALA K 114 38.87 -14.73 19.37
CA ALA K 114 37.46 -15.00 19.33
C ALA K 114 37.12 -15.89 20.49
N LEU K 115 35.90 -15.72 20.96
CA LEU K 115 35.32 -16.57 21.95
C LEU K 115 34.95 -17.93 21.34
N PRO K 116 34.87 -18.99 22.16
CA PRO K 116 34.85 -20.36 21.58
C PRO K 116 33.71 -20.69 20.64
N ASN K 117 32.55 -20.10 20.90
CA ASN K 117 31.38 -20.39 20.14
C ASN K 117 31.05 -19.32 19.10
N ALA K 118 31.93 -18.36 18.93
CA ALA K 118 31.79 -17.35 17.94
C ALA K 118 31.88 -17.90 16.54
N GLU K 119 31.21 -17.22 15.64
CA GLU K 119 31.12 -17.62 14.25
C GLU K 119 31.86 -16.59 13.39
N VAL K 120 32.70 -17.05 12.49
CA VAL K 120 33.40 -16.22 11.56
C VAL K 120 33.00 -16.63 10.15
N MET K 121 32.66 -15.67 9.32
CA MET K 121 32.28 -15.97 7.95
C MET K 121 33.00 -15.07 6.95
N ILE K 122 33.53 -15.68 5.90
CA ILE K 122 34.21 -14.99 4.83
C ILE K 122 33.53 -15.23 3.51
N HIS K 123 33.46 -14.18 2.69
CA HIS K 123 32.86 -14.29 1.36
C HIS K 123 33.27 -13.15 0.44
N GLN K 124 32.86 -13.15 -0.77
CA GLN K 124 33.20 -12.09 -1.69
C GLN K 124 32.23 -10.89 -1.50
N PRO K 125 32.69 -9.72 -1.90
CA PRO K 125 31.82 -8.56 -1.88
C PRO K 125 30.60 -8.61 -2.75
N LEU K 126 29.54 -7.92 -2.29
CA LEU K 126 28.25 -7.85 -2.93
C LEU K 126 28.01 -6.45 -3.52
N GLY K 127 27.27 -6.36 -4.61
CA GLY K 127 26.89 -5.10 -5.20
C GLY K 127 25.92 -5.21 -6.31
N GLY K 128 25.85 -4.13 -7.04
CA GLY K 128 24.77 -3.93 -8.02
C GLY K 128 25.22 -2.93 -9.06
N ALA K 129 24.57 -2.97 -10.20
CA ALA K 129 24.87 -2.11 -11.34
C ALA K 129 23.65 -2.21 -12.25
N GLN K 130 23.25 -1.08 -12.76
CA GLN K 130 22.08 -0.89 -13.52
C GLN K 130 22.45 0.12 -14.60
N GLY K 131 21.96 -0.04 -15.84
CA GLY K 131 22.15 0.98 -16.85
C GLY K 131 22.66 0.49 -18.20
N GLN K 132 23.39 1.37 -18.86
CA GLN K 132 24.05 1.06 -20.11
C GLN K 132 25.18 0.04 -19.92
N ALA K 133 25.46 -0.74 -20.96
CA ALA K 133 26.60 -1.67 -21.00
C ALA K 133 27.91 -1.08 -20.43
N THR K 134 28.23 0.11 -20.88
CA THR K 134 29.36 0.86 -20.41
C THR K 134 29.33 1.12 -18.87
N GLU K 135 28.18 1.45 -18.33
CA GLU K 135 28.02 1.67 -16.92
C GLU K 135 28.21 0.37 -16.15
N ILE K 136 27.68 -0.73 -16.69
CA ILE K 136 27.82 -1.97 -16.05
C ILE K 136 29.29 -2.44 -16.02
N GLU K 137 30.01 -2.14 -17.09
CA GLU K 137 31.38 -2.44 -17.19
C GLU K 137 32.22 -1.71 -16.10
N ILE K 138 31.97 -0.42 -15.96
CA ILE K 138 32.60 0.38 -14.92
C ILE K 138 32.33 -0.21 -13.53
N ALA K 139 31.07 -0.52 -13.25
CA ALA K 139 30.72 -1.08 -11.96
C ALA K 139 31.39 -2.47 -11.71
N ALA K 140 31.42 -3.30 -12.75
CA ALA K 140 32.08 -4.58 -12.68
C ALA K 140 33.59 -4.46 -12.40
N ASN K 141 34.28 -3.62 -13.17
CA ASN K 141 35.69 -3.32 -12.94
C ASN K 141 35.95 -2.84 -11.52
N HIS K 142 35.11 -1.95 -11.02
CA HIS K 142 35.30 -1.44 -9.71
C HIS K 142 35.13 -2.54 -8.63
N ILE K 143 34.06 -3.34 -8.72
CA ILE K 143 33.85 -4.32 -7.69
C ILE K 143 34.97 -5.44 -7.77
N LEU K 144 35.45 -5.79 -8.98
CA LEU K 144 36.53 -6.73 -9.13
C LEU K 144 37.86 -6.23 -8.49
N LYS K 145 38.16 -4.95 -8.69
CA LYS K 145 39.30 -4.34 -8.07
C LYS K 145 39.18 -4.28 -6.51
N THR K 146 37.97 -4.02 -6.01
CA THR K 146 37.70 -4.02 -4.60
C THR K 146 37.98 -5.44 -4.04
N ARG K 147 37.53 -6.47 -4.76
CA ARG K 147 37.75 -7.81 -4.31
C ARG K 147 39.25 -8.20 -4.27
N GLU K 148 39.98 -7.81 -5.31
CA GLU K 148 41.41 -8.08 -5.32
C GLU K 148 42.14 -7.41 -4.12
N LYS K 149 41.73 -6.20 -3.81
CA LYS K 149 42.27 -5.45 -2.69
C LYS K 149 41.97 -6.16 -1.33
N LEU K 150 40.74 -6.59 -1.13
CA LEU K 150 40.36 -7.32 0.05
C LEU K 150 41.18 -8.62 0.18
N ASN K 151 41.25 -9.37 -0.92
CA ASN K 151 41.95 -10.61 -0.93
C ASN K 151 43.44 -10.49 -0.65
N ARG K 152 44.05 -9.47 -1.23
CA ARG K 152 45.44 -9.24 -1.01
C ARG K 152 45.73 -8.96 0.46
N ILE K 153 44.94 -8.09 1.06
CA ILE K 153 45.12 -7.76 2.46
C ILE K 153 44.90 -9.00 3.36
N LEU K 154 43.85 -9.76 3.06
CA LEU K 154 43.59 -10.94 3.82
C LEU K 154 44.73 -11.99 3.75
N SER K 155 45.30 -12.08 2.56
CA SER K 155 46.48 -12.91 2.32
C SER K 155 47.65 -12.51 3.28
N GLU K 156 47.98 -11.24 3.30
CA GLU K 156 49.03 -10.74 4.13
C GLU K 156 48.77 -10.96 5.62
N ARG K 157 47.53 -10.73 6.03
CA ARG K 157 47.16 -10.90 7.42
C ARG K 157 46.99 -12.30 7.90
N THR K 158 46.59 -13.21 7.04
CA THR K 158 46.44 -14.61 7.42
C THR K 158 47.63 -15.54 7.08
N GLY K 159 48.55 -15.13 6.21
CA GLY K 159 49.55 -16.00 5.69
C GLY K 159 49.08 -16.96 4.63
N GLN K 160 47.83 -16.96 4.22
CA GLN K 160 47.37 -17.83 3.12
C GLN K 160 47.67 -17.18 1.79
N SER K 161 47.86 -17.99 0.76
CA SER K 161 47.98 -17.43 -0.59
C SER K 161 46.72 -16.74 -1.09
N ILE K 162 46.91 -15.78 -2.00
CA ILE K 162 45.83 -15.09 -2.62
C ILE K 162 44.90 -16.06 -3.37
N GLU K 163 45.46 -17.05 -3.99
CA GLU K 163 44.66 -18.06 -4.72
C GLU K 163 43.76 -18.85 -3.74
N LYS K 164 44.29 -19.23 -2.61
CA LYS K 164 43.51 -19.93 -1.63
C LYS K 164 42.35 -19.02 -1.04
N ILE K 165 42.66 -17.75 -0.78
CA ILE K 165 41.70 -16.79 -0.30
C ILE K 165 40.53 -16.64 -1.35
N GLN K 166 40.92 -16.52 -2.60
CA GLN K 166 39.99 -16.37 -3.72
C GLN K 166 39.00 -17.57 -3.76
N LYS K 167 39.54 -18.76 -3.70
CA LYS K 167 38.74 -19.94 -3.69
C LYS K 167 37.82 -20.08 -2.44
N ASP K 168 38.36 -19.76 -1.28
CA ASP K 168 37.71 -19.93 -0.02
C ASP K 168 36.65 -18.81 0.25
N THR K 169 36.69 -17.71 -0.46
CA THR K 169 35.72 -16.66 -0.36
C THR K 169 34.69 -16.63 -1.51
N ASP K 170 34.77 -17.61 -2.36
CA ASP K 170 33.93 -17.65 -3.55
C ASP K 170 32.44 -17.69 -3.23
N ARG K 171 32.12 -18.48 -2.20
CA ARG K 171 30.82 -18.51 -1.56
C ARG K 171 31.00 -18.38 -0.09
N ASP K 172 29.91 -18.22 0.62
CA ASP K 172 29.84 -18.12 2.06
C ASP K 172 30.58 -19.30 2.68
N ASN K 173 31.55 -18.99 3.51
CA ASN K 173 32.36 -19.92 4.18
C ASN K 173 32.37 -19.62 5.68
N PHE K 174 31.69 -20.48 6.42
CA PHE K 174 31.56 -20.39 7.88
C PHE K 174 32.69 -21.11 8.58
N LEU K 175 33.39 -20.42 9.47
CA LEU K 175 34.49 -21.00 10.25
C LEU K 175 34.12 -20.94 11.72
N THR K 176 34.46 -21.98 12.43
CA THR K 176 34.51 -21.95 13.88
C THR K 176 35.66 -21.08 14.37
N ALA K 177 35.63 -20.73 15.65
CA ALA K 177 36.73 -19.97 16.24
C ALA K 177 38.10 -20.72 16.06
N GLU K 178 38.08 -22.02 16.32
CA GLU K 178 39.25 -22.84 16.17
C GLU K 178 39.73 -22.85 14.73
N GLU K 179 38.80 -23.00 13.81
CA GLU K 179 39.11 -22.96 12.40
C GLU K 179 39.67 -21.60 11.94
N ALA K 180 39.10 -20.53 12.47
CA ALA K 180 39.57 -19.20 12.18
C ALA K 180 41.04 -19.00 12.63
N LYS K 181 41.36 -19.61 13.77
CA LYS K 181 42.71 -19.60 14.24
C LYS K 181 43.68 -20.40 13.34
N GLU K 182 43.30 -21.62 12.98
CA GLU K 182 44.03 -22.38 12.01
C GLU K 182 44.21 -21.67 10.68
N TYR K 183 43.22 -20.93 10.26
CA TYR K 183 43.30 -20.20 9.03
C TYR K 183 44.24 -18.99 9.08
N GLY K 184 44.49 -18.44 10.28
CA GLY K 184 45.23 -17.19 10.44
C GLY K 184 44.39 -15.92 10.51
N LEU K 185 43.06 -16.02 10.59
CA LEU K 185 42.18 -14.88 10.80
C LEU K 185 42.27 -14.31 12.24
N ILE K 186 42.53 -15.16 13.21
CA ILE K 186 42.79 -14.78 14.58
C ILE K 186 44.02 -15.53 15.09
N ASP K 187 44.54 -15.13 16.25
CA ASP K 187 45.70 -15.76 16.90
C ASP K 187 45.33 -16.74 17.99
N GLU K 188 44.25 -16.49 18.72
CA GLU K 188 43.87 -17.31 19.84
C GLU K 188 42.35 -17.35 20.01
N VAL K 189 41.89 -18.50 20.49
CA VAL K 189 40.58 -18.72 20.92
C VAL K 189 40.62 -18.41 22.40
N MET K 190 39.83 -17.48 22.89
CA MET K 190 39.78 -17.23 24.35
C MET K 190 39.12 -18.35 25.07
N VAL K 191 39.80 -18.91 26.04
CA VAL K 191 39.34 -20.08 26.79
C VAL K 191 38.87 -19.56 28.15
N PRO K 192 37.77 -20.16 28.67
CA PRO K 192 37.19 -19.64 29.90
C PRO K 192 38.07 -19.90 31.13
N ILE L 4 8.71 2.93 32.08
CA ILE L 4 9.73 2.47 33.12
C ILE L 4 9.83 3.57 34.14
N PRO L 5 9.41 3.32 35.40
CA PRO L 5 9.46 4.40 36.42
C PRO L 5 10.90 4.65 36.95
N THR L 6 10.98 5.73 37.72
CA THR L 6 12.22 6.28 38.31
C THR L 6 12.23 6.09 39.86
N VAL L 7 13.41 5.76 40.42
CA VAL L 7 13.48 5.43 41.89
C VAL L 7 13.86 6.66 42.76
N TYR L 18 17.55 7.55 38.94
CA TYR L 18 17.78 6.20 38.31
C TYR L 18 16.47 5.57 37.67
N ASP L 19 16.48 5.06 36.42
CA ASP L 19 15.43 4.14 35.97
C ASP L 19 15.60 2.77 36.66
N ILE L 20 14.49 2.01 36.69
CA ILE L 20 14.42 0.80 37.58
C ILE L 20 15.46 -0.23 37.18
N TYR L 21 15.75 -0.38 35.90
CA TYR L 21 16.74 -1.35 35.44
C TYR L 21 18.17 -0.95 35.85
N SER L 22 18.50 0.33 35.76
CA SER L 22 19.75 0.81 36.26
C SER L 22 19.90 0.62 37.77
N ARG L 23 18.82 0.81 38.51
CA ARG L 23 18.86 0.57 39.94
C ARG L 23 19.12 -0.93 40.21
N LEU L 24 18.50 -1.82 39.45
CA LEU L 24 18.75 -3.23 39.65
C LEU L 24 20.18 -3.65 39.26
N LEU L 25 20.73 -2.99 38.26
CA LEU L 25 22.10 -3.25 37.82
C LEU L 25 23.13 -2.92 38.91
N LYS L 26 22.83 -1.92 39.72
CA LYS L 26 23.63 -1.63 40.91
C LYS L 26 23.65 -2.79 41.91
N ASP L 27 22.60 -3.61 41.96
CA ASP L 27 22.59 -4.84 42.76
C ASP L 27 23.01 -6.07 41.99
N ARG L 28 23.60 -5.89 40.81
CA ARG L 28 24.17 -6.95 40.00
C ARG L 28 23.10 -7.84 39.32
N ILE L 29 21.93 -7.29 39.12
CA ILE L 29 20.85 -7.92 38.41
C ILE L 29 20.82 -7.38 36.97
N ILE L 30 20.86 -8.29 36.02
CA ILE L 30 20.73 -8.01 34.62
C ILE L 30 19.39 -8.57 34.13
N MET L 31 18.63 -7.75 33.41
CA MET L 31 17.35 -8.18 32.86
C MET L 31 17.46 -8.58 31.37
N LEU L 32 17.19 -9.85 31.07
CA LEU L 32 17.02 -10.33 29.70
C LEU L 32 15.53 -10.52 29.50
N GLY L 33 14.87 -9.44 29.07
CA GLY L 33 13.40 -9.36 29.05
C GLY L 33 12.80 -9.12 27.70
N SER L 34 13.49 -9.50 26.63
CA SER L 34 12.99 -9.29 25.28
C SER L 34 13.57 -10.32 24.35
N GLN L 35 13.12 -10.27 23.13
CA GLN L 35 13.73 -11.00 22.03
C GLN L 35 15.24 -10.72 21.99
N ILE L 36 16.02 -11.75 21.75
CA ILE L 36 17.48 -11.62 21.72
C ILE L 36 17.95 -11.28 20.32
N ASP L 37 18.37 -10.05 20.10
CA ASP L 37 18.99 -9.64 18.87
C ASP L 37 20.38 -9.12 19.22
N ASP L 38 21.11 -8.61 18.27
CA ASP L 38 22.44 -8.10 18.50
C ASP L 38 22.54 -6.93 19.54
N ASN L 39 21.63 -5.99 19.53
CA ASN L 39 21.61 -4.91 20.49
C ASN L 39 21.45 -5.41 21.93
N VAL L 40 20.54 -6.36 22.13
CA VAL L 40 20.32 -6.94 23.42
C VAL L 40 21.60 -7.71 23.88
N ALA L 41 22.16 -8.49 23.01
CA ALA L 41 23.37 -9.19 23.33
C ALA L 41 24.55 -8.29 23.65
N ASN L 42 24.70 -7.22 22.89
CA ASN L 42 25.80 -6.29 23.17
C ASN L 42 25.67 -5.62 24.56
N SER L 43 24.43 -5.26 24.91
CA SER L 43 24.12 -4.67 26.17
C SER L 43 24.37 -5.67 27.31
N ILE L 44 23.94 -6.92 27.17
CA ILE L 44 24.07 -7.89 28.25
C ILE L 44 25.57 -8.23 28.43
N VAL L 45 26.28 -8.41 27.33
CA VAL L 45 27.70 -8.67 27.35
C VAL L 45 28.43 -7.53 28.14
N SER L 46 28.11 -6.31 27.78
CA SER L 46 28.71 -5.17 28.38
C SER L 46 28.44 -5.09 29.89
N GLN L 47 27.20 -5.40 30.27
CA GLN L 47 26.79 -5.42 31.64
C GLN L 47 27.55 -6.50 32.42
N LEU L 48 27.66 -7.68 31.84
CA LEU L 48 28.41 -8.74 32.47
C LEU L 48 29.88 -8.37 32.74
N LEU L 49 30.53 -7.77 31.74
CA LEU L 49 31.91 -7.37 31.86
C LEU L 49 32.13 -6.24 32.88
N PHE L 50 31.19 -5.31 32.88
CA PHE L 50 31.19 -4.19 33.77
C PHE L 50 31.06 -4.69 35.22
N LEU L 51 30.14 -5.61 35.46
CA LEU L 51 29.95 -6.16 36.77
C LEU L 51 31.19 -6.92 37.25
N GLN L 52 31.79 -7.74 36.38
CA GLN L 52 33.02 -8.42 36.72
C GLN L 52 34.13 -7.42 37.10
N ALA L 53 34.27 -6.31 36.35
CA ALA L 53 35.27 -5.30 36.67
C ALA L 53 35.01 -4.60 38.01
N GLN L 54 33.77 -4.41 38.40
CA GLN L 54 33.46 -3.85 39.69
C GLN L 54 33.76 -4.82 40.83
N ASP L 55 33.52 -6.10 40.61
CA ASP L 55 33.76 -7.13 41.63
C ASP L 55 33.78 -8.49 40.95
N SER L 56 34.92 -9.14 40.95
CA SER L 56 35.11 -10.39 40.27
C SER L 56 34.65 -11.60 41.08
N GLU L 57 34.28 -11.44 42.34
CA GLU L 57 33.86 -12.55 43.19
C GLU L 57 32.36 -12.64 43.45
N LYS L 58 31.64 -11.52 43.56
CA LYS L 58 30.20 -11.60 43.84
C LYS L 58 29.36 -12.08 42.66
N ASP L 59 28.35 -12.87 42.98
CA ASP L 59 27.42 -13.41 42.04
C ASP L 59 26.73 -12.27 41.26
N ILE L 60 26.36 -12.61 40.03
CA ILE L 60 25.53 -11.81 39.14
C ILE L 60 24.23 -12.57 38.95
N TYR L 61 23.14 -11.87 38.73
CA TYR L 61 21.83 -12.47 38.59
C TYR L 61 21.24 -12.07 37.24
N LEU L 62 21.01 -13.06 36.36
CA LEU L 62 20.39 -12.88 35.09
C LEU L 62 18.91 -13.35 35.13
N TYR L 63 18.02 -12.39 35.09
CA TYR L 63 16.58 -12.65 35.10
C TYR L 63 16.10 -12.79 33.64
N ILE L 64 15.39 -13.85 33.34
CA ILE L 64 15.07 -14.16 31.98
C ILE L 64 13.58 -14.24 31.79
N ASN L 65 13.09 -13.40 30.87
CA ASN L 65 11.74 -13.48 30.32
C ASN L 65 11.83 -13.15 28.84
N SER L 66 12.10 -14.17 28.02
CA SER L 66 12.46 -14.00 26.66
C SER L 66 11.97 -15.13 25.78
N PRO L 67 11.45 -14.83 24.58
CA PRO L 67 11.11 -15.86 23.58
C PRO L 67 12.28 -16.37 22.80
N GLY L 68 13.50 -15.94 23.09
CA GLY L 68 14.65 -16.31 22.29
C GLY L 68 14.99 -15.30 21.25
N GLY L 69 15.63 -15.76 20.20
CA GLY L 69 15.99 -14.89 19.05
C GLY L 69 17.28 -15.43 18.40
N SER L 70 18.15 -14.52 18.03
CA SER L 70 19.34 -14.84 17.23
C SER L 70 20.30 -15.77 18.04
N VAL L 71 20.71 -16.83 17.40
CA VAL L 71 21.59 -17.81 17.94
C VAL L 71 23.02 -17.22 18.20
N THR L 72 23.53 -16.46 17.25
CA THR L 72 24.82 -15.88 17.40
C THR L 72 24.82 -14.82 18.53
N ALA L 73 23.71 -14.07 18.64
CA ALA L 73 23.59 -13.14 19.70
C ALA L 73 23.54 -13.85 21.06
N GLY L 74 22.80 -14.95 21.11
CA GLY L 74 22.75 -15.74 22.31
C GLY L 74 24.09 -16.34 22.68
N PHE L 75 24.89 -16.72 21.69
CA PHE L 75 26.17 -17.27 21.99
C PHE L 75 27.16 -16.20 22.48
N ALA L 76 27.02 -14.94 22.05
CA ALA L 76 27.81 -13.88 22.61
C ALA L 76 27.60 -13.78 24.14
N ILE L 77 26.34 -13.90 24.55
CA ILE L 77 25.99 -13.87 25.95
C ILE L 77 26.50 -15.12 26.65
N TYR L 78 26.27 -16.28 26.06
CA TYR L 78 26.72 -17.52 26.60
C TYR L 78 28.21 -17.52 26.87
N ASP L 79 29.00 -17.17 25.87
CA ASP L 79 30.43 -17.20 26.01
C ASP L 79 30.95 -16.20 27.04
N THR L 80 30.27 -15.08 27.16
CA THR L 80 30.64 -14.07 28.10
C THR L 80 30.36 -14.58 29.52
N ILE L 81 29.19 -15.19 29.71
CA ILE L 81 28.90 -15.82 30.97
C ILE L 81 29.99 -16.81 31.37
N GLN L 82 30.40 -17.69 30.45
CA GLN L 82 31.38 -18.71 30.83
C GLN L 82 32.76 -18.08 31.04
N HIS L 83 33.07 -16.99 30.37
CA HIS L 83 34.36 -16.41 30.46
C HIS L 83 34.69 -15.72 31.82
N ILE L 84 33.73 -15.01 32.36
CA ILE L 84 33.94 -14.20 33.54
C ILE L 84 34.01 -15.10 34.80
N LYS L 85 34.66 -14.57 35.83
CA LYS L 85 34.90 -15.30 37.07
C LYS L 85 33.62 -15.43 37.95
N PRO L 86 32.86 -14.35 38.15
CA PRO L 86 31.66 -14.54 38.92
C PRO L 86 30.68 -15.57 38.41
N ASP L 87 30.06 -16.30 39.33
CA ASP L 87 28.92 -17.09 39.01
C ASP L 87 27.75 -16.19 38.53
N VAL L 88 27.09 -16.61 37.45
CA VAL L 88 25.89 -16.01 36.94
C VAL L 88 24.73 -16.90 37.22
N GLN L 89 23.90 -16.50 38.18
CA GLN L 89 22.67 -17.17 38.45
C GLN L 89 21.67 -16.84 37.35
N THR L 90 20.81 -17.78 37.00
CA THR L 90 19.74 -17.54 36.05
C THR L 90 18.42 -17.83 36.72
N ILE L 91 17.49 -16.94 36.47
CA ILE L 91 16.14 -17.03 37.02
C ILE L 91 15.11 -16.80 35.91
N CYS L 92 14.36 -17.83 35.58
CA CYS L 92 13.29 -17.70 34.62
C CYS L 92 12.02 -17.23 35.26
N ILE L 93 11.56 -16.06 34.88
CA ILE L 93 10.28 -15.52 35.31
C ILE L 93 9.42 -15.49 34.07
N GLY L 94 8.22 -15.92 34.11
CA GLY L 94 7.44 -15.90 32.80
C GLY L 94 7.80 -16.96 31.75
N MET L 95 8.77 -16.68 30.87
CA MET L 95 9.06 -17.55 29.73
C MET L 95 10.52 -17.58 29.39
N ALA L 96 11.04 -18.74 29.09
CA ALA L 96 12.35 -18.87 28.49
C ALA L 96 12.19 -19.87 27.37
N ALA L 97 12.16 -19.36 26.14
CA ALA L 97 12.02 -20.18 24.94
C ALA L 97 13.21 -20.08 24.03
N SER L 98 13.52 -21.17 23.34
CA SER L 98 14.62 -21.26 22.33
C SER L 98 15.93 -20.91 22.98
N MET L 99 16.59 -19.89 22.47
CA MET L 99 17.83 -19.40 23.00
C MET L 99 17.73 -18.89 24.47
N GLY L 100 16.55 -18.39 24.84
CA GLY L 100 16.26 -18.04 26.21
C GLY L 100 16.39 -19.21 27.15
N SER L 101 15.89 -20.36 26.73
CA SER L 101 16.03 -21.57 27.56
C SER L 101 17.47 -22.10 27.55
N PHE L 102 18.16 -21.89 26.43
CA PHE L 102 19.55 -22.26 26.35
C PHE L 102 20.37 -21.43 27.38
N LEU L 103 20.06 -20.15 27.42
CA LEU L 103 20.72 -19.27 28.39
C LEU L 103 20.32 -19.54 29.82
N LEU L 104 19.07 -19.89 30.07
CA LEU L 104 18.64 -20.31 31.38
C LEU L 104 19.53 -21.47 31.86
N ALA L 105 19.74 -22.45 30.99
CA ALA L 105 20.54 -23.62 31.28
C ALA L 105 22.04 -23.34 31.46
N ALA L 106 22.48 -22.19 31.00
CA ALA L 106 23.84 -21.79 31.01
C ALA L 106 24.31 -21.10 32.33
N GLY L 107 23.40 -20.91 33.27
CA GLY L 107 23.76 -20.35 34.53
C GLY L 107 24.68 -21.28 35.33
N ALA L 108 25.28 -20.75 36.38
CA ALA L 108 26.14 -21.54 37.23
C ALA L 108 25.39 -22.73 37.84
N LYS L 109 26.03 -23.88 37.82
CA LYS L 109 25.43 -25.15 38.25
C LYS L 109 25.07 -24.98 39.74
N GLY L 110 23.86 -25.31 40.11
CA GLY L 110 23.28 -25.06 41.42
C GLY L 110 22.53 -23.77 41.57
N LYS L 111 22.65 -22.84 40.60
CA LYS L 111 22.04 -21.52 40.70
C LYS L 111 21.18 -21.14 39.48
N ARG L 112 20.50 -22.13 38.90
CA ARG L 112 19.55 -21.95 37.84
C ARG L 112 18.17 -22.24 38.40
N PHE L 113 17.29 -21.27 38.30
CA PHE L 113 15.99 -21.29 38.91
C PHE L 113 14.89 -20.93 37.92
N ALA L 114 13.68 -21.31 38.27
CA ALA L 114 12.50 -20.79 37.66
C ALA L 114 11.42 -20.68 38.68
N LEU L 115 10.55 -19.71 38.46
CA LEU L 115 9.36 -19.52 39.22
C LEU L 115 8.32 -20.58 38.83
N PRO L 116 7.38 -20.92 39.74
CA PRO L 116 6.59 -22.15 39.55
C PRO L 116 5.74 -22.22 38.29
N ASN L 117 5.26 -21.09 37.84
CA ASN L 117 4.39 -21.05 36.68
C ASN L 117 5.09 -20.56 35.42
N ALA L 118 6.39 -20.44 35.48
CA ALA L 118 7.18 -20.09 34.34
C ALA L 118 7.15 -21.20 33.29
N GLU L 119 7.30 -20.79 32.06
CA GLU L 119 7.22 -21.70 30.92
C GLU L 119 8.61 -21.78 30.26
N VAL L 120 9.05 -22.99 30.01
CA VAL L 120 10.32 -23.24 29.37
C VAL L 120 10.05 -23.99 28.08
N MET L 121 10.63 -23.54 26.98
CA MET L 121 10.43 -24.22 25.72
C MET L 121 11.73 -24.45 24.98
N ILE L 122 11.90 -25.65 24.44
CA ILE L 122 13.06 -26.02 23.65
C ILE L 122 12.59 -26.50 22.29
N HIS L 123 13.38 -26.20 21.28
CA HIS L 123 13.12 -26.57 19.90
C HIS L 123 14.37 -26.43 19.04
N GLN L 124 14.31 -26.80 17.79
CA GLN L 124 15.49 -26.71 16.96
C GLN L 124 15.55 -25.27 16.37
N PRO L 125 16.76 -24.87 15.97
CA PRO L 125 16.92 -23.59 15.33
C PRO L 125 16.18 -23.38 14.04
N LEU L 126 15.79 -22.13 13.79
CA LEU L 126 15.03 -21.73 12.63
C LEU L 126 15.89 -20.91 11.66
N GLY L 127 15.62 -20.99 10.37
CA GLY L 127 16.32 -20.15 9.39
C GLY L 127 15.71 -20.27 8.01
N GLY L 128 16.55 -19.94 7.07
CA GLY L 128 16.13 -19.77 5.71
C GLY L 128 17.33 -19.84 4.78
N ALA L 129 17.05 -20.06 3.50
CA ALA L 129 18.06 -20.13 2.48
C ALA L 129 17.33 -19.95 1.17
N GLN L 130 17.93 -19.15 0.30
CA GLN L 130 17.35 -18.82 -0.96
C GLN L 130 18.48 -18.84 -1.98
N GLY L 131 18.28 -19.35 -3.18
CA GLY L 131 19.28 -19.24 -4.22
C GLY L 131 19.60 -20.47 -5.02
N GLN L 132 20.84 -20.55 -5.44
CA GLN L 132 21.36 -21.72 -6.15
C GLN L 132 21.44 -22.93 -5.21
N ALA L 133 21.37 -24.12 -5.78
CA ALA L 133 21.51 -25.39 -5.07
C ALA L 133 22.71 -25.41 -4.10
N THR L 134 23.85 -24.99 -4.62
CA THR L 134 25.05 -24.83 -3.85
C THR L 134 24.90 -23.87 -2.62
N GLU L 135 24.20 -22.78 -2.80
CA GLU L 135 23.95 -21.84 -1.73
C GLU L 135 23.04 -22.46 -0.69
N ILE L 136 22.04 -23.18 -1.12
CA ILE L 136 21.15 -23.82 -0.20
C ILE L 136 21.88 -24.90 0.62
N GLU L 137 22.81 -25.60 -0.02
CA GLU L 137 23.59 -26.58 0.61
C GLU L 137 24.45 -25.98 1.74
N ILE L 138 25.14 -24.88 1.44
CA ILE L 138 25.90 -24.17 2.42
C ILE L 138 25.06 -23.73 3.59
N ALA L 139 23.92 -23.14 3.33
CA ALA L 139 23.01 -22.70 4.40
C ALA L 139 22.51 -23.89 5.25
N ALA L 140 22.17 -24.99 4.61
CA ALA L 140 21.75 -26.18 5.31
C ALA L 140 22.84 -26.76 6.21
N ASN L 141 24.05 -26.93 5.66
CA ASN L 141 25.23 -27.35 6.44
C ASN L 141 25.47 -26.44 7.62
N HIS L 142 25.37 -25.16 7.43
CA HIS L 142 25.60 -24.24 8.52
C HIS L 142 24.54 -24.37 9.61
N ILE L 143 23.26 -24.42 9.26
CA ILE L 143 22.27 -24.51 10.28
C ILE L 143 22.34 -25.89 11.02
N LEU L 144 22.68 -26.97 10.31
CA LEU L 144 22.87 -28.27 10.94
C LEU L 144 24.05 -28.28 11.93
N LYS L 145 25.16 -27.65 11.56
CA LYS L 145 26.31 -27.49 12.43
C LYS L 145 25.95 -26.62 13.68
N THR L 146 25.15 -25.59 13.51
CA THR L 146 24.69 -24.74 14.59
C THR L 146 23.86 -25.61 15.55
N ARG L 147 22.97 -26.44 15.01
CA ARG L 147 22.18 -27.30 15.84
C ARG L 147 23.02 -28.32 16.64
N GLU L 148 24.00 -28.92 16.02
CA GLU L 148 24.90 -29.83 16.69
C GLU L 148 25.65 -29.13 17.85
N LYS L 149 26.08 -27.89 17.63
CA LYS L 149 26.74 -27.12 18.64
C LYS L 149 25.82 -26.82 19.84
N LEU L 150 24.59 -26.40 19.57
CA LEU L 150 23.61 -26.17 20.60
C LEU L 150 23.35 -27.45 21.38
N ASN L 151 23.12 -28.55 20.69
CA ASN L 151 22.81 -29.81 21.32
C ASN L 151 23.96 -30.32 22.19
N ARG L 152 25.17 -30.19 21.71
CA ARG L 152 26.30 -30.64 22.46
C ARG L 152 26.43 -29.86 23.78
N ILE L 153 26.30 -28.54 23.70
CA ILE L 153 26.38 -27.73 24.89
C ILE L 153 25.25 -28.02 25.85
N LEU L 154 24.05 -28.16 25.35
CA LEU L 154 22.90 -28.48 26.19
C LEU L 154 23.06 -29.83 26.89
N SER L 155 23.66 -30.77 26.18
CA SER L 155 24.02 -32.04 26.75
C SER L 155 24.90 -31.91 27.99
N GLU L 156 25.98 -31.17 27.84
CA GLU L 156 26.88 -30.91 28.94
C GLU L 156 26.22 -30.19 30.11
N ARG L 157 25.42 -29.21 29.80
CA ARG L 157 24.74 -28.42 30.83
C ARG L 157 23.57 -29.13 31.53
N THR L 158 22.85 -30.00 30.84
CA THR L 158 21.76 -30.73 31.46
C THR L 158 22.05 -32.16 31.92
N GLY L 159 23.15 -32.75 31.51
CA GLY L 159 23.37 -34.16 31.72
C GLY L 159 22.63 -35.11 30.82
N GLN L 160 21.83 -34.64 29.90
CA GLN L 160 21.12 -35.53 28.94
C GLN L 160 22.00 -35.83 27.78
N SER L 161 21.81 -36.97 27.15
CA SER L 161 22.52 -37.33 25.94
C SER L 161 22.17 -36.35 24.73
N ILE L 162 23.11 -36.23 23.82
CA ILE L 162 22.90 -35.51 22.62
C ILE L 162 21.70 -36.08 21.81
N GLU L 163 21.59 -37.40 21.79
CA GLU L 163 20.52 -38.08 21.09
C GLU L 163 19.15 -37.73 21.69
N LYS L 164 19.06 -37.70 23.02
CA LYS L 164 17.82 -37.32 23.65
C LYS L 164 17.45 -35.85 23.36
N ILE L 165 18.43 -34.96 23.39
CA ILE L 165 18.24 -33.55 23.08
C ILE L 165 17.69 -33.40 21.62
N GLN L 166 18.32 -34.12 20.71
CA GLN L 166 17.95 -34.13 19.30
C GLN L 166 16.45 -34.51 19.12
N LYS L 167 16.06 -35.59 19.75
CA LYS L 167 14.71 -36.03 19.68
C LYS L 167 13.69 -35.06 20.35
N ASP L 168 14.06 -34.53 21.50
CA ASP L 168 13.20 -33.71 22.29
C ASP L 168 13.07 -32.26 21.74
N THR L 169 13.98 -31.85 20.89
CA THR L 169 13.95 -30.54 20.27
C THR L 169 13.43 -30.55 18.83
N ASP L 170 13.00 -31.69 18.36
CA ASP L 170 12.61 -31.87 16.99
C ASP L 170 11.41 -30.95 16.61
N ARG L 171 10.48 -30.83 17.53
CA ARG L 171 9.39 -29.89 17.50
C ARG L 171 9.34 -29.15 18.82
N ASP L 172 8.53 -28.11 18.86
CA ASP L 172 8.29 -27.31 20.04
C ASP L 172 7.92 -28.21 21.22
N ASN L 173 8.68 -28.08 22.28
CA ASN L 173 8.51 -28.86 23.47
C ASN L 173 8.44 -27.90 24.68
N PHE L 174 7.25 -27.78 25.21
CA PHE L 174 6.92 -26.95 26.35
C PHE L 174 7.11 -27.71 27.67
N LEU L 175 7.88 -27.15 28.57
CA LEU L 175 8.11 -27.74 29.89
C LEU L 175 7.61 -26.83 30.95
N THR L 176 6.99 -27.42 31.96
CA THR L 176 6.74 -26.73 33.22
C THR L 176 8.09 -26.52 33.94
N ALA L 177 8.05 -25.63 34.93
CA ALA L 177 9.25 -25.38 35.74
C ALA L 177 9.77 -26.69 36.39
N GLU L 178 8.84 -27.47 36.92
CA GLU L 178 9.18 -28.74 37.53
C GLU L 178 9.82 -29.69 36.52
N GLU L 179 9.24 -29.75 35.34
CA GLU L 179 9.78 -30.55 34.25
C GLU L 179 11.17 -30.10 33.80
N ALA L 180 11.38 -28.77 33.75
CA ALA L 180 12.67 -28.22 33.41
C ALA L 180 13.75 -28.63 34.42
N LYS L 181 13.35 -28.71 35.68
CA LYS L 181 14.22 -29.20 36.71
C LYS L 181 14.58 -30.70 36.55
N GLU L 182 13.56 -31.52 36.33
CA GLU L 182 13.76 -32.92 36.01
C GLU L 182 14.66 -33.12 34.79
N TYR L 183 14.53 -32.27 33.81
CA TYR L 183 15.33 -32.37 32.62
C TYR L 183 16.83 -31.98 32.87
N GLY L 184 17.12 -31.18 33.88
CA GLY L 184 18.44 -30.61 34.08
C GLY L 184 18.70 -29.22 33.48
N LEU L 185 17.65 -28.56 32.96
CA LEU L 185 17.76 -27.19 32.49
C LEU L 185 17.89 -26.16 33.62
N ILE L 186 17.29 -26.46 34.77
CA ILE L 186 17.42 -25.67 35.98
C ILE L 186 17.70 -26.62 37.14
N ASP L 187 18.09 -26.05 38.29
CA ASP L 187 18.36 -26.82 39.53
C ASP L 187 17.22 -26.80 40.50
N GLU L 188 16.47 -25.69 40.59
CA GLU L 188 15.38 -25.57 41.53
C GLU L 188 14.24 -24.73 41.00
N VAL L 189 13.06 -25.05 41.46
CA VAL L 189 11.88 -24.27 41.32
C VAL L 189 11.87 -23.39 42.54
N MET L 190 11.85 -22.06 42.38
CA MET L 190 11.77 -21.19 43.54
C MET L 190 10.35 -21.22 44.06
N VAL L 191 10.18 -21.65 45.30
CA VAL L 191 8.87 -21.78 45.87
C VAL L 191 8.63 -20.54 46.76
N PRO L 192 7.36 -20.12 46.93
CA PRO L 192 7.05 -18.88 47.52
C PRO L 192 7.39 -18.78 49.00
N ILE M 4 2.07 12.81 30.58
CA ILE M 4 2.20 12.45 32.06
C ILE M 4 2.82 13.67 32.74
N PRO M 5 2.10 14.35 33.63
CA PRO M 5 2.70 15.53 34.32
C PRO M 5 3.69 15.13 35.45
N THR M 6 4.41 16.15 35.90
CA THR M 6 5.54 16.02 36.87
C THR M 6 5.14 16.72 38.22
N VAL M 7 5.45 16.06 39.36
CA VAL M 7 5.07 16.63 40.69
C VAL M 7 6.14 17.52 41.34
N ASP M 19 8.03 11.97 37.65
CA ASP M 19 6.65 11.86 37.10
C ASP M 19 5.67 11.33 38.15
N ILE M 20 4.38 11.41 37.80
CA ILE M 20 3.27 11.05 38.72
C ILE M 20 3.39 9.59 39.16
N TYR M 21 3.75 8.68 38.23
CA TYR M 21 3.87 7.27 38.58
C TYR M 21 5.05 7.00 39.51
N SER M 22 6.17 7.65 39.31
CA SER M 22 7.27 7.61 40.25
C SER M 22 6.93 8.11 41.62
N ARG M 23 6.14 9.18 41.68
CA ARG M 23 5.68 9.67 43.00
C ARG M 23 4.80 8.62 43.66
N LEU M 24 3.92 7.96 42.91
CA LEU M 24 3.08 6.95 43.50
C LEU M 24 3.87 5.71 43.96
N LEU M 25 4.93 5.39 43.22
CA LEU M 25 5.78 4.28 43.57
C LEU M 25 6.50 4.48 44.91
N LYS M 26 6.81 5.71 45.24
CA LYS M 26 7.32 6.06 46.56
C LYS M 26 6.35 5.73 47.68
N ASP M 27 5.03 5.74 47.42
CA ASP M 27 4.01 5.29 48.37
C ASP M 27 3.64 3.83 48.20
N ARG M 28 4.41 3.08 47.43
CA ARG M 28 4.24 1.64 47.25
C ARG M 28 3.05 1.26 46.38
N ILE M 29 2.65 2.19 45.51
CA ILE M 29 1.62 1.98 44.54
C ILE M 29 2.23 1.66 43.19
N ILE M 30 1.84 0.55 42.61
CA ILE M 30 2.25 0.15 41.29
C ILE M 30 1.02 0.22 40.35
N MET M 31 1.18 0.84 39.19
CA MET M 31 0.14 0.96 38.22
C MET M 31 0.23 -0.10 37.10
N LEU M 32 -0.77 -0.98 37.01
CA LEU M 32 -0.92 -1.88 35.87
C LEU M 32 -2.07 -1.32 35.04
N GLY M 33 -1.73 -0.41 34.12
CA GLY M 33 -2.69 0.39 33.42
C GLY M 33 -2.69 0.26 31.91
N SER M 34 -2.26 -0.89 31.39
CA SER M 34 -2.18 -1.12 29.99
C SER M 34 -2.30 -2.59 29.67
N GLN M 35 -2.31 -2.90 28.40
CA GLN M 35 -2.16 -4.26 27.92
C GLN M 35 -0.91 -4.89 28.55
N ILE M 36 -1.02 -6.14 28.94
CA ILE M 36 0.09 -6.86 29.56
C ILE M 36 0.96 -7.52 28.51
N ASP M 37 2.14 -6.98 28.24
CA ASP M 37 3.11 -7.61 27.37
C ASP M 37 4.36 -7.83 28.23
N ASP M 38 5.43 -8.32 27.64
CA ASP M 38 6.66 -8.55 28.36
C ASP M 38 7.31 -7.32 29.01
N ASN M 39 7.32 -6.17 28.35
CA ASN M 39 7.87 -4.93 28.92
C ASN M 39 7.12 -4.52 30.20
N VAL M 40 5.79 -4.61 30.18
CA VAL M 40 4.99 -4.27 31.29
C VAL M 40 5.26 -5.25 32.44
N ALA M 41 5.28 -6.53 32.14
CA ALA M 41 5.58 -7.50 33.16
C ALA M 41 6.97 -7.35 33.77
N ASN M 42 7.96 -7.06 32.96
CA ASN M 42 9.30 -6.88 33.50
C ASN M 42 9.41 -5.67 34.47
N SER M 43 8.71 -4.60 34.09
CA SER M 43 8.64 -3.40 34.87
C SER M 43 7.91 -3.67 36.20
N ILE M 44 6.77 -4.37 36.17
CA ILE M 44 5.99 -4.59 37.38
C ILE M 44 6.77 -5.55 38.31
N VAL M 45 7.38 -6.58 37.75
CA VAL M 45 8.19 -7.52 38.51
C VAL M 45 9.31 -6.74 39.24
N SER M 46 9.99 -5.90 38.51
CA SER M 46 11.07 -5.16 39.04
C SER M 46 10.62 -4.21 40.20
N GLN M 47 9.47 -3.57 40.01
CA GLN M 47 8.89 -2.71 40.97
C GLN M 47 8.52 -3.49 42.25
N LEU M 48 7.90 -4.67 42.08
CA LEU M 48 7.57 -5.49 43.20
C LEU M 48 8.80 -5.88 44.04
N LEU M 49 9.88 -6.29 43.36
CA LEU M 49 11.08 -6.70 44.04
C LEU M 49 11.79 -5.54 44.75
N PHE M 50 11.78 -4.39 44.08
CA PHE M 50 12.37 -3.18 44.59
C PHE M 50 11.64 -2.76 45.88
N LEU M 51 10.31 -2.78 45.85
CA LEU M 51 9.56 -2.44 47.02
C LEU M 51 9.78 -3.40 48.18
N GLN M 52 9.84 -4.69 47.91
CA GLN M 52 10.19 -5.69 48.93
C GLN M 52 11.58 -5.40 49.53
N ALA M 53 12.56 -5.05 48.73
CA ALA M 53 13.90 -4.73 49.21
C ALA M 53 13.91 -3.45 50.10
N GLN M 54 13.07 -2.46 49.80
CA GLN M 54 12.96 -1.31 50.63
C GLN M 54 12.28 -1.60 51.97
N ASP M 55 11.27 -2.48 51.96
CA ASP M 55 10.55 -2.83 53.16
C ASP M 55 9.78 -4.12 52.90
N SER M 56 10.17 -5.20 53.59
CA SER M 56 9.58 -6.50 53.36
C SER M 56 8.25 -6.71 54.11
N GLU M 57 7.83 -5.79 54.96
CA GLU M 57 6.61 -5.96 55.74
C GLU M 57 5.44 -5.08 55.27
N LYS M 58 5.68 -3.85 54.81
CA LYS M 58 4.59 -3.01 54.37
C LYS M 58 3.87 -3.43 53.10
N ASP M 59 2.54 -3.25 53.11
CA ASP M 59 1.73 -3.59 51.97
C ASP M 59 2.19 -2.83 50.73
N ILE M 60 1.92 -3.47 49.59
CA ILE M 60 2.09 -2.88 48.26
C ILE M 60 0.69 -2.81 47.66
N TYR M 61 0.47 -1.84 46.80
CA TYR M 61 -0.85 -1.63 46.20
C TYR M 61 -0.72 -1.68 44.69
N LEU M 62 -1.39 -2.65 44.06
CA LEU M 62 -1.43 -2.81 42.63
C LEU M 62 -2.77 -2.36 42.08
N TYR M 63 -2.75 -1.22 41.39
CA TYR M 63 -3.93 -0.63 40.78
C TYR M 63 -4.05 -1.17 39.36
N ILE M 64 -5.23 -1.68 39.01
CA ILE M 64 -5.39 -2.41 37.78
C ILE M 64 -6.45 -1.77 36.93
N ASN M 65 -6.04 -1.37 35.72
CA ASN M 65 -6.93 -0.95 34.65
C ASN M 65 -6.35 -1.47 33.35
N SER M 66 -6.70 -2.72 33.01
CA SER M 66 -6.05 -3.46 31.96
C SER M 66 -6.98 -4.40 31.26
N PRO M 67 -6.89 -4.49 29.91
CA PRO M 67 -7.67 -5.51 29.15
C PRO M 67 -7.02 -6.86 29.16
N GLY M 68 -5.92 -7.07 29.87
CA GLY M 68 -5.21 -8.33 29.81
C GLY M 68 -4.06 -8.30 28.82
N GLY M 69 -3.71 -9.46 28.33
CA GLY M 69 -2.63 -9.63 27.37
C GLY M 69 -1.95 -10.97 27.51
N SER M 70 -0.65 -10.99 27.40
CA SER M 70 0.12 -12.24 27.37
C SER M 70 0.02 -12.99 28.70
N VAL M 71 -0.29 -14.27 28.60
CA VAL M 71 -0.41 -15.14 29.74
C VAL M 71 0.92 -15.38 30.44
N THR M 72 1.99 -15.57 29.69
CA THR M 72 3.28 -15.79 30.31
C THR M 72 3.74 -14.50 31.02
N ALA M 73 3.45 -13.36 30.43
CA ALA M 73 3.80 -12.11 31.06
C ALA M 73 2.99 -11.93 32.36
N GLY M 74 1.72 -12.27 32.31
CA GLY M 74 0.91 -12.22 33.48
C GLY M 74 1.36 -13.17 34.57
N PHE M 75 1.86 -14.34 34.18
CA PHE M 75 2.33 -15.27 35.17
C PHE M 75 3.65 -14.81 35.80
N ALA M 76 4.49 -14.07 35.08
CA ALA M 76 5.65 -13.48 35.69
C ALA M 76 5.25 -12.57 36.88
N ILE M 77 4.20 -11.78 36.67
CA ILE M 77 3.68 -10.89 37.67
C ILE M 77 3.06 -11.71 38.80
N TYR M 78 2.22 -12.67 38.45
CA TYR M 78 1.57 -13.51 39.41
C TYR M 78 2.57 -14.18 40.35
N ASP M 79 3.57 -14.84 39.78
CA ASP M 79 4.52 -15.58 40.57
C ASP M 79 5.36 -14.65 41.48
N THR M 80 5.62 -13.44 41.00
CA THR M 80 6.38 -12.50 41.75
C THR M 80 5.54 -12.02 42.94
N ILE M 81 4.27 -11.72 42.70
CA ILE M 81 3.39 -11.39 43.78
C ILE M 81 3.40 -12.48 44.87
N GLN M 82 3.27 -13.74 44.48
CA GLN M 82 3.19 -14.79 45.49
C GLN M 82 4.55 -15.01 46.17
N HIS M 83 5.64 -14.73 45.50
CA HIS M 83 6.94 -14.96 46.06
C HIS M 83 7.37 -14.02 47.17
N ILE M 84 7.06 -12.74 47.03
CA ILE M 84 7.52 -11.72 47.95
C ILE M 84 6.70 -11.79 49.27
N LYS M 85 7.31 -11.26 50.33
CA LYS M 85 6.71 -11.31 51.66
C LYS M 85 5.54 -10.30 51.85
N PRO M 86 5.69 -9.05 51.42
CA PRO M 86 4.58 -8.17 51.59
C PRO M 86 3.27 -8.62 50.91
N ASP M 87 2.16 -8.35 51.56
CA ASP M 87 0.89 -8.44 50.95
C ASP M 87 0.77 -7.43 49.77
N VAL M 88 0.23 -7.90 48.64
CA VAL M 88 -0.06 -7.04 47.52
C VAL M 88 -1.57 -6.92 47.41
N GLN M 89 -2.07 -5.74 47.74
CA GLN M 89 -3.45 -5.43 47.55
C GLN M 89 -3.68 -5.20 46.06
N THR M 90 -4.87 -5.57 45.57
CA THR M 90 -5.24 -5.28 44.21
C THR M 90 -6.51 -4.45 44.20
N ILE M 91 -6.50 -3.44 43.35
CA ILE M 91 -7.62 -2.53 43.23
C ILE M 91 -7.95 -2.34 41.76
N CYS M 92 -9.13 -2.82 41.34
CA CYS M 92 -9.57 -2.65 40.00
C CYS M 92 -10.29 -1.33 39.86
N ILE M 93 -9.73 -0.45 39.05
CA ILE M 93 -10.36 0.83 38.72
C ILE M 93 -10.65 0.71 37.21
N GLY M 94 -11.82 1.05 36.81
CA GLY M 94 -12.09 0.87 35.35
C GLY M 94 -12.37 -0.56 34.84
N MET M 95 -11.33 -1.29 34.45
CA MET M 95 -11.50 -2.60 33.79
C MET M 95 -10.42 -3.57 34.20
N ALA M 96 -10.80 -4.80 34.47
CA ALA M 96 -9.86 -5.88 34.60
C ALA M 96 -10.40 -7.03 33.80
N ALA M 97 -9.82 -7.25 32.63
CA ALA M 97 -10.25 -8.33 31.74
C ALA M 97 -9.15 -9.35 31.52
N SER M 98 -9.54 -10.60 31.33
CA SER M 98 -8.61 -11.73 31.02
C SER M 98 -7.58 -11.86 32.10
N MET M 99 -6.31 -11.75 31.74
CA MET M 99 -5.21 -11.79 32.68
C MET M 99 -5.25 -10.70 33.74
N GLY M 100 -5.82 -9.54 33.39
CA GLY M 100 -6.05 -8.47 34.33
C GLY M 100 -6.96 -8.92 35.47
N SER M 101 -8.02 -9.64 35.14
CA SER M 101 -8.90 -10.15 36.18
C SER M 101 -8.25 -11.30 36.96
N PHE M 102 -7.40 -12.06 36.32
CA PHE M 102 -6.65 -13.11 36.96
C PHE M 102 -5.72 -12.49 38.02
N LEU M 103 -5.06 -11.39 37.64
CA LEU M 103 -4.20 -10.68 38.56
C LEU M 103 -4.98 -9.98 39.69
N LEU M 104 -6.14 -9.42 39.37
CA LEU M 104 -6.99 -8.87 40.38
C LEU M 104 -7.27 -9.91 41.48
N ALA M 105 -7.63 -11.13 41.04
CA ALA M 105 -7.92 -12.22 41.93
C ALA M 105 -6.75 -12.75 42.73
N ALA M 106 -5.54 -12.41 42.30
CA ALA M 106 -4.31 -12.88 42.86
C ALA M 106 -3.80 -12.01 44.04
N GLY M 107 -4.49 -10.94 44.37
CA GLY M 107 -4.11 -10.13 45.48
C GLY M 107 -4.26 -10.85 46.80
N ALA M 108 -3.69 -10.28 47.85
CA ALA M 108 -3.75 -10.88 49.16
C ALA M 108 -5.21 -11.02 49.62
N LYS M 109 -5.53 -12.17 50.19
CA LYS M 109 -6.88 -12.52 50.61
C LYS M 109 -7.37 -11.48 51.60
N GLY M 110 -8.54 -10.91 51.39
CA GLY M 110 -9.05 -9.81 52.19
C GLY M 110 -8.73 -8.43 51.66
N LYS M 111 -7.81 -8.30 50.67
CA LYS M 111 -7.36 -7.01 50.18
C LYS M 111 -7.44 -6.88 48.65
N ARG M 112 -8.49 -7.48 48.06
CA ARG M 112 -8.79 -7.37 46.66
C ARG M 112 -10.08 -6.55 46.56
N PHE M 113 -9.99 -5.44 45.83
CA PHE M 113 -11.04 -4.47 45.75
C PHE M 113 -11.37 -4.11 44.31
N ALA M 114 -12.55 -3.58 44.11
CA ALA M 114 -12.89 -2.88 42.91
C ALA M 114 -13.78 -1.71 43.26
N LEU M 115 -13.66 -0.68 42.42
CA LEU M 115 -14.53 0.45 42.46
C LEU M 115 -15.91 0.10 41.90
N PRO M 116 -16.96 0.84 42.32
CA PRO M 116 -18.33 0.34 42.08
C PRO M 116 -18.73 0.14 40.63
N ASN M 117 -18.18 0.94 39.73
CA ASN M 117 -18.53 0.90 38.34
C ASN M 117 -17.49 0.19 37.48
N ALA M 118 -16.52 -0.42 38.11
CA ALA M 118 -15.51 -1.16 37.43
C ALA M 118 -16.07 -2.40 36.78
N GLU M 119 -15.44 -2.78 35.70
CA GLU M 119 -15.86 -3.94 34.90
C GLU M 119 -14.81 -5.05 35.02
N VAL M 120 -15.26 -6.25 35.30
CA VAL M 120 -14.41 -7.41 35.43
C VAL M 120 -14.87 -8.40 34.37
N MET M 121 -13.94 -8.94 33.59
CA MET M 121 -14.29 -9.92 32.58
C MET M 121 -13.37 -11.14 32.65
N ILE M 122 -14.02 -12.32 32.58
CA ILE M 122 -13.31 -13.59 32.58
C ILE M 122 -13.65 -14.35 31.31
N HIS M 123 -12.64 -15.01 30.75
CA HIS M 123 -12.82 -15.81 29.54
C HIS M 123 -11.67 -16.80 29.36
N GLN M 124 -11.72 -17.63 28.36
CA GLN M 124 -10.64 -18.57 28.14
C GLN M 124 -9.49 -17.89 27.36
N PRO M 125 -8.31 -18.44 27.48
CA PRO M 125 -7.18 -17.96 26.66
C PRO M 125 -7.36 -18.08 25.17
N LEU M 126 -6.73 -17.15 24.46
CA LEU M 126 -6.78 -17.01 23.00
C LEU M 126 -5.40 -17.34 22.43
N GLY M 127 -5.34 -17.87 21.21
CA GLY M 127 -4.14 -18.17 20.49
C GLY M 127 -4.37 -18.60 19.10
N GLY M 128 -3.36 -19.20 18.53
CA GLY M 128 -3.33 -19.56 17.12
C GLY M 128 -2.32 -20.68 16.90
N ALA M 129 -2.36 -21.26 15.72
CA ALA M 129 -1.48 -22.38 15.36
C ALA M 129 -1.57 -22.58 13.88
N GLN M 130 -0.46 -22.78 13.27
CA GLN M 130 -0.38 -22.79 11.80
C GLN M 130 0.61 -23.86 11.41
N GLY M 131 0.29 -24.70 10.44
CA GLY M 131 1.33 -25.69 9.95
C GLY M 131 0.80 -27.11 9.80
N GLN M 132 1.68 -28.04 10.04
CA GLN M 132 1.34 -29.48 9.98
C GLN M 132 0.38 -29.88 11.10
N ALA M 133 -0.39 -30.91 10.85
CA ALA M 133 -1.28 -31.54 11.86
C ALA M 133 -0.62 -31.74 13.24
N THR M 134 0.55 -32.31 13.22
CA THR M 134 1.36 -32.49 14.39
C THR M 134 1.70 -31.17 15.13
N GLU M 135 2.00 -30.10 14.38
CA GLU M 135 2.27 -28.82 14.96
C GLU M 135 1.02 -28.25 15.59
N ILE M 136 -0.12 -28.42 14.94
CA ILE M 136 -1.34 -27.93 15.46
C ILE M 136 -1.71 -28.66 16.76
N GLU M 137 -1.42 -29.95 16.81
CA GLU M 137 -1.66 -30.75 17.96
C GLU M 137 -0.86 -30.24 19.17
N ILE M 138 0.42 -30.00 18.96
CA ILE M 138 1.28 -29.46 19.99
C ILE M 138 0.75 -28.11 20.51
N ALA M 139 0.38 -27.22 19.61
CA ALA M 139 -0.13 -25.93 20.00
C ALA M 139 -1.48 -26.06 20.79
N ALA M 140 -2.35 -26.96 20.34
CA ALA M 140 -3.58 -27.21 21.01
C ALA M 140 -3.40 -27.76 22.44
N ASN M 141 -2.54 -28.78 22.58
CA ASN M 141 -2.17 -29.32 23.88
C ASN M 141 -1.62 -28.25 24.80
N HIS M 142 -0.75 -27.39 24.29
CA HIS M 142 -0.17 -26.36 25.10
C HIS M 142 -1.25 -25.35 25.58
N ILE M 143 -2.12 -24.88 24.67
CA ILE M 143 -3.06 -23.90 25.10
C ILE M 143 -4.11 -24.54 26.10
N LEU M 144 -4.47 -25.82 25.89
CA LEU M 144 -5.35 -26.51 26.82
C LEU M 144 -4.72 -26.66 28.24
N LYS M 145 -3.43 -26.99 28.30
CA LYS M 145 -2.71 -27.08 29.55
C LYS M 145 -2.63 -25.68 30.25
N THR M 146 -2.43 -24.61 29.47
CA THR M 146 -2.41 -23.27 29.99
C THR M 146 -3.78 -22.96 30.60
N ARG M 147 -4.85 -23.32 29.93
CA ARG M 147 -6.17 -23.08 30.44
C ARG M 147 -6.45 -23.83 31.75
N GLU M 148 -6.06 -25.10 31.82
CA GLU M 148 -6.22 -25.87 33.04
C GLU M 148 -5.47 -25.22 34.22
N LYS M 149 -4.27 -24.72 33.96
CA LYS M 149 -3.49 -24.04 34.97
C LYS M 149 -4.17 -22.76 35.47
N LEU M 150 -4.67 -21.94 34.55
CA LEU M 150 -5.39 -20.74 34.89
C LEU M 150 -6.62 -21.08 35.75
N ASN M 151 -7.40 -22.06 35.29
CA ASN M 151 -8.60 -22.45 35.94
C ASN M 151 -8.37 -23.00 37.35
N ARG M 152 -7.32 -23.80 37.51
CA ARG M 152 -7.01 -24.37 38.78
C ARG M 152 -6.68 -23.27 39.78
N ILE M 153 -5.84 -22.30 39.37
CA ILE M 153 -5.49 -21.23 40.25
C ILE M 153 -6.71 -20.37 40.60
N LEU M 154 -7.52 -20.07 39.62
CA LEU M 154 -8.71 -19.27 39.86
C LEU M 154 -9.69 -19.96 40.82
N SER M 155 -9.77 -21.28 40.71
CA SER M 155 -10.55 -22.09 41.62
C SER M 155 -10.10 -21.89 43.07
N GLU M 156 -8.80 -22.03 43.30
CA GLU M 156 -8.26 -21.86 44.63
C GLU M 156 -8.47 -20.46 45.18
N ARG M 157 -8.26 -19.47 44.32
CA ARG M 157 -8.42 -18.07 44.73
C ARG M 157 -9.84 -17.59 44.91
N THR M 158 -10.79 -18.12 44.16
CA THR M 158 -12.19 -17.71 44.30
C THR M 158 -13.08 -18.64 45.15
N GLY M 159 -12.63 -19.86 45.46
CA GLY M 159 -13.48 -20.82 46.08
C GLY M 159 -14.47 -21.51 45.18
N GLN M 160 -14.52 -21.20 43.89
CA GLN M 160 -15.45 -21.90 42.99
C GLN M 160 -14.78 -23.19 42.51
N SER M 161 -15.59 -24.19 42.17
CA SER M 161 -15.07 -25.40 41.59
C SER M 161 -14.44 -25.18 40.18
N ILE M 162 -13.52 -26.07 39.82
CA ILE M 162 -12.91 -26.07 38.54
C ILE M 162 -13.95 -26.17 37.41
N GLU M 163 -14.95 -27.01 37.62
CA GLU M 163 -16.02 -27.18 36.63
C GLU M 163 -16.82 -25.91 36.43
N LYS M 164 -17.12 -25.21 37.49
CA LYS M 164 -17.85 -23.95 37.38
C LYS M 164 -16.99 -22.87 36.64
N ILE M 165 -15.70 -22.80 36.95
CA ILE M 165 -14.79 -21.88 36.29
C ILE M 165 -14.74 -22.19 34.76
N GLN M 166 -14.64 -23.46 34.44
CA GLN M 166 -14.61 -23.95 33.05
C GLN M 166 -15.85 -23.46 32.28
N LYS M 167 -17.01 -23.68 32.86
CA LYS M 167 -18.24 -23.27 32.25
C LYS M 167 -18.39 -21.75 32.13
N ASP M 168 -18.00 -21.01 33.17
CA ASP M 168 -18.20 -19.60 33.27
C ASP M 168 -17.14 -18.82 32.44
N THR M 169 -16.04 -19.44 32.04
CA THR M 169 -15.05 -18.82 31.19
C THR M 169 -15.12 -19.25 29.73
N ASP M 170 -16.10 -20.05 29.40
CA ASP M 170 -16.20 -20.62 28.06
C ASP M 170 -16.35 -19.54 26.99
N ARG M 171 -17.11 -18.52 27.30
CA ARG M 171 -17.24 -17.29 26.54
C ARG M 171 -17.02 -16.12 27.45
N ASP M 172 -16.89 -14.96 26.84
CA ASP M 172 -16.74 -13.69 27.52
C ASP M 172 -17.85 -13.53 28.55
N ASN M 173 -17.47 -13.31 29.78
CA ASN M 173 -18.37 -13.18 30.88
C ASN M 173 -18.00 -11.89 31.65
N PHE M 174 -18.86 -10.90 31.50
CA PHE M 174 -18.75 -9.59 32.13
C PHE M 174 -19.40 -9.58 33.51
N LEU M 175 -18.64 -9.17 34.52
CA LEU M 175 -19.15 -9.07 35.89
C LEU M 175 -19.10 -7.63 36.33
N THR M 176 -20.16 -7.20 37.02
CA THR M 176 -20.10 -5.99 37.80
C THR M 176 -19.17 -6.20 39.02
N ALA M 177 -18.80 -5.10 39.65
CA ALA M 177 -17.99 -5.16 40.82
C ALA M 177 -18.64 -6.03 41.94
N GLU M 178 -19.94 -5.80 42.14
CA GLU M 178 -20.70 -6.60 43.10
C GLU M 178 -20.69 -8.07 42.76
N GLU M 179 -20.89 -8.36 41.49
CA GLU M 179 -20.85 -9.73 41.01
C GLU M 179 -19.47 -10.38 41.17
N ALA M 180 -18.43 -9.62 40.93
CA ALA M 180 -17.07 -10.10 41.11
C ALA M 180 -16.79 -10.47 42.57
N LYS M 181 -17.38 -9.69 43.48
CA LYS M 181 -17.31 -10.01 44.88
C LYS M 181 -18.06 -11.31 45.25
N GLU M 182 -19.30 -11.42 44.79
CA GLU M 182 -20.07 -12.65 44.94
C GLU M 182 -19.34 -13.86 44.37
N TYR M 183 -18.65 -13.69 43.26
CA TYR M 183 -17.94 -14.76 42.65
C TYR M 183 -16.68 -15.19 43.43
N GLY M 184 -16.12 -14.29 44.26
CA GLY M 184 -14.85 -14.55 44.92
C GLY M 184 -13.61 -14.02 44.21
N LEU M 185 -13.75 -13.26 43.13
CA LEU M 185 -12.63 -12.60 42.47
C LEU M 185 -12.05 -11.43 43.26
N ILE M 186 -12.90 -10.75 44.03
CA ILE M 186 -12.48 -9.69 44.95
C ILE M 186 -13.18 -9.91 46.29
N ASP M 187 -12.76 -9.19 47.32
CA ASP M 187 -13.32 -9.27 48.68
C ASP M 187 -14.31 -8.16 48.99
N GLU M 188 -14.09 -6.95 48.44
CA GLU M 188 -14.95 -5.83 48.71
C GLU M 188 -15.06 -4.90 47.52
N VAL M 189 -16.23 -4.28 47.43
CA VAL M 189 -16.50 -3.26 46.48
C VAL M 189 -16.21 -1.99 47.32
N MET M 190 -15.29 -1.13 46.89
CA MET M 190 -15.04 0.09 47.61
C MET M 190 -16.22 1.05 47.49
N VAL M 191 -16.68 1.54 48.60
CA VAL M 191 -17.81 2.43 48.66
C VAL M 191 -17.26 3.85 48.93
N PRO M 192 -17.89 4.86 48.31
CA PRO M 192 -17.30 6.21 48.41
C PRO M 192 -17.40 6.84 49.78
N ILE N 4 4.24 22.62 24.28
CA ILE N 4 3.84 23.00 25.72
C ILE N 4 5.04 23.78 26.28
N PRO N 5 4.89 25.09 26.55
CA PRO N 5 6.01 25.84 27.14
C PRO N 5 6.23 25.55 28.66
N THR N 6 7.37 26.05 29.12
CA THR N 6 7.93 25.86 30.46
C THR N 6 7.92 27.20 31.28
N TYR N 18 8.88 24.21 35.29
CA TYR N 18 8.19 23.00 34.84
C TYR N 18 7.19 23.27 33.69
N ASP N 19 6.60 22.25 33.11
CA ASP N 19 5.64 22.43 31.99
C ASP N 19 4.32 23.05 32.58
N ILE N 20 3.57 23.71 31.68
CA ILE N 20 2.40 24.48 32.08
C ILE N 20 1.35 23.65 32.87
N TYR N 21 1.16 22.41 32.46
CA TYR N 21 0.17 21.54 33.14
C TYR N 21 0.62 21.14 34.55
N SER N 22 1.92 20.87 34.74
CA SER N 22 2.44 20.66 36.09
C SER N 22 2.33 21.89 36.97
N ARG N 23 2.51 23.07 36.39
CA ARG N 23 2.33 24.28 37.14
C ARG N 23 0.82 24.42 37.57
N LEU N 24 -0.10 24.09 36.69
CA LEU N 24 -1.48 24.17 37.05
C LEU N 24 -1.90 23.12 38.10
N LEU N 25 -1.25 21.95 38.05
CA LEU N 25 -1.50 20.91 39.02
C LEU N 25 -1.12 21.31 40.44
N LYS N 26 -0.10 22.16 40.58
CA LYS N 26 0.22 22.76 41.85
C LYS N 26 -0.91 23.62 42.41
N ASP N 27 -1.77 24.20 41.57
CA ASP N 27 -2.98 24.93 42.01
C ASP N 27 -4.22 24.03 42.02
N ARG N 28 -4.03 22.72 41.93
CA ARG N 28 -5.10 21.73 42.05
C ARG N 28 -6.03 21.68 40.81
N ILE N 29 -5.48 22.09 39.67
CA ILE N 29 -6.17 22.03 38.42
C ILE N 29 -5.67 20.82 37.65
N ILE N 30 -6.61 19.98 37.23
CA ILE N 30 -6.34 18.85 36.38
C ILE N 30 -6.97 19.09 35.02
N MET N 31 -6.19 18.89 33.97
CA MET N 31 -6.69 19.10 32.59
C MET N 31 -7.06 17.79 31.91
N LEU N 32 -8.35 17.64 31.55
CA LEU N 32 -8.83 16.56 30.69
C LEU N 32 -9.09 17.16 29.33
N GLY N 33 -8.03 17.14 28.49
CA GLY N 33 -7.99 17.90 27.24
C GLY N 33 -7.79 17.05 25.99
N SER N 34 -8.16 15.77 26.04
CA SER N 34 -7.99 14.89 24.93
C SER N 34 -9.03 13.80 24.96
N GLN N 35 -9.01 12.97 23.92
CA GLN N 35 -9.73 11.73 23.92
C GLN N 35 -9.43 10.92 25.18
N ILE N 36 -10.44 10.31 25.75
CA ILE N 36 -10.29 9.49 26.95
C ILE N 36 -9.92 8.09 26.63
N ASP N 37 -8.69 7.70 26.87
CA ASP N 37 -8.26 6.30 26.71
C ASP N 37 -7.72 5.89 28.09
N ASP N 38 -7.20 4.69 28.19
CA ASP N 38 -6.64 4.21 29.44
C ASP N 38 -5.46 5.04 30.02
N ASN N 39 -4.53 5.50 29.18
CA ASN N 39 -3.44 6.36 29.67
C ASN N 39 -3.93 7.65 30.26
N VAL N 40 -4.89 8.29 29.62
CA VAL N 40 -5.46 9.54 30.10
C VAL N 40 -6.17 9.26 31.45
N ALA N 41 -6.96 8.22 31.53
CA ALA N 41 -7.62 7.89 32.76
C ALA N 41 -6.69 7.55 33.89
N ASN N 42 -5.63 6.82 33.61
CA ASN N 42 -4.67 6.49 34.66
C ASN N 42 -3.96 7.73 35.24
N SER N 43 -3.64 8.66 34.35
CA SER N 43 -3.02 9.90 34.69
C SER N 43 -4.00 10.76 35.55
N ILE N 44 -5.26 10.87 35.15
CA ILE N 44 -6.19 11.72 35.86
C ILE N 44 -6.49 11.10 37.24
N VAL N 45 -6.67 9.78 37.29
CA VAL N 45 -6.90 9.08 38.53
C VAL N 45 -5.74 9.36 39.52
N SER N 46 -4.53 9.22 39.02
CA SER N 46 -3.37 9.40 39.83
C SER N 46 -3.27 10.84 40.37
N GLN N 47 -3.60 11.81 39.51
CA GLN N 47 -3.59 13.19 39.87
C GLN N 47 -4.65 13.47 40.96
N LEU N 48 -5.85 12.92 40.80
CA LEU N 48 -6.88 13.07 41.80
C LEU N 48 -6.44 12.53 43.18
N LEU N 49 -5.84 11.36 43.18
CA LEU N 49 -5.43 10.73 44.43
C LEU N 49 -4.26 11.51 45.10
N PHE N 50 -3.34 11.98 44.27
CA PHE N 50 -2.22 12.76 44.70
C PHE N 50 -2.70 14.07 45.34
N LEU N 51 -3.64 14.74 44.71
CA LEU N 51 -4.18 15.95 45.27
C LEU N 51 -4.91 15.73 46.58
N GLN N 52 -5.70 14.68 46.67
CA GLN N 52 -6.34 14.31 47.94
C GLN N 52 -5.30 14.07 49.04
N ALA N 53 -4.20 13.38 48.73
CA ALA N 53 -3.13 13.14 49.71
C ALA N 53 -2.43 14.44 50.15
N GLN N 54 -2.29 15.43 49.27
CA GLN N 54 -1.72 16.69 49.63
C GLN N 54 -2.67 17.50 50.53
N ASP N 55 -3.98 17.42 50.27
CA ASP N 55 -4.97 18.16 51.04
C ASP N 55 -6.33 17.55 50.78
N SER N 56 -6.90 16.92 51.80
CA SER N 56 -8.18 16.24 51.62
C SER N 56 -9.40 17.17 51.66
N GLU N 57 -9.25 18.40 52.21
CA GLU N 57 -10.36 19.37 52.27
C GLU N 57 -10.53 20.30 51.04
N LYS N 58 -9.46 20.75 50.45
CA LYS N 58 -9.57 21.75 49.36
C LYS N 58 -10.09 21.21 48.03
N ASP N 59 -10.88 22.04 47.37
CA ASP N 59 -11.46 21.72 46.09
C ASP N 59 -10.34 21.42 45.06
N ILE N 60 -10.73 20.57 44.10
CA ILE N 60 -9.94 20.25 42.91
C ILE N 60 -10.74 20.76 41.73
N TYR N 61 -10.06 21.14 40.66
CA TYR N 61 -10.71 21.70 39.49
C TYR N 61 -10.35 20.86 38.26
N LEU N 62 -11.36 20.25 37.64
CA LEU N 62 -11.21 19.45 36.46
C LEU N 62 -11.72 20.23 35.24
N TYR N 63 -10.78 20.66 34.41
CA TYR N 63 -11.08 21.40 33.19
C TYR N 63 -11.26 20.42 32.04
N ILE N 64 -12.36 20.53 31.30
CA ILE N 64 -12.73 19.54 30.33
C ILE N 64 -12.83 20.14 28.96
N ASN N 65 -12.03 19.61 28.04
CA ASN N 65 -12.16 19.84 26.60
C ASN N 65 -11.84 18.54 25.90
N SER N 66 -12.87 17.70 25.75
CA SER N 66 -12.73 16.32 25.36
C SER N 66 -13.87 15.86 24.48
N PRO N 67 -13.61 15.10 23.42
CA PRO N 67 -14.67 14.43 22.62
C PRO N 67 -15.14 13.15 23.23
N GLY N 68 -14.66 12.76 24.39
CA GLY N 68 -15.02 11.47 24.98
C GLY N 68 -14.01 10.40 24.68
N GLY N 69 -14.46 9.16 24.66
CA GLY N 69 -13.62 8.00 24.45
C GLY N 69 -14.11 6.79 25.20
N SER N 70 -13.19 6.02 25.74
CA SER N 70 -13.50 4.73 26.37
C SER N 70 -14.38 4.92 27.63
N VAL N 71 -15.44 4.16 27.69
CA VAL N 71 -16.38 4.19 28.77
C VAL N 71 -15.75 3.66 30.07
N THR N 72 -14.99 2.58 29.99
CA THR N 72 -14.36 2.03 31.18
C THR N 72 -13.30 3.01 31.71
N ALA N 73 -12.58 3.67 30.79
CA ALA N 73 -11.61 4.64 31.21
C ALA N 73 -12.31 5.83 31.89
N GLY N 74 -13.43 6.26 31.31
CA GLY N 74 -14.20 7.30 31.91
C GLY N 74 -14.77 6.93 33.29
N PHE N 75 -15.14 5.68 33.46
CA PHE N 75 -15.64 5.27 34.74
C PHE N 75 -14.54 5.17 35.79
N ALA N 76 -13.31 4.87 35.41
CA ALA N 76 -12.20 4.96 36.34
C ALA N 76 -12.09 6.38 36.95
N ILE N 77 -12.25 7.38 36.09
CA ILE N 77 -12.20 8.76 36.51
C ILE N 77 -13.42 9.08 37.35
N TYR N 78 -14.60 8.69 36.88
CA TYR N 78 -15.82 8.93 37.58
C TYR N 78 -15.78 8.38 39.00
N ASP N 79 -15.41 7.12 39.14
CA ASP N 79 -15.42 6.49 40.44
C ASP N 79 -14.38 7.10 41.38
N THR N 80 -13.27 7.56 40.82
CA THR N 80 -12.25 8.19 41.60
C THR N 80 -12.75 9.52 42.12
N ILE N 81 -13.38 10.29 41.24
CA ILE N 81 -14.01 11.54 41.67
C ILE N 81 -14.96 11.29 42.86
N GLN N 82 -15.85 10.30 42.76
CA GLN N 82 -16.83 10.10 43.81
C GLN N 82 -16.16 9.54 45.08
N HIS N 83 -15.06 8.82 44.95
CA HIS N 83 -14.43 8.23 46.09
C HIS N 83 -13.71 9.21 47.03
N ILE N 84 -13.03 10.20 46.47
CA ILE N 84 -12.18 11.08 47.23
C ILE N 84 -13.07 12.11 48.00
N LYS N 85 -12.50 12.66 49.07
CA LYS N 85 -13.19 13.61 49.93
C LYS N 85 -13.34 15.00 49.30
N PRO N 86 -12.29 15.57 48.71
CA PRO N 86 -12.51 16.87 48.13
C PRO N 86 -13.58 16.94 47.04
N ASP N 87 -14.31 18.03 47.01
CA ASP N 87 -15.15 18.35 45.91
C ASP N 87 -14.29 18.54 44.62
N VAL N 88 -14.78 17.96 43.50
CA VAL N 88 -14.19 18.18 42.21
C VAL N 88 -15.10 19.03 41.38
N GLN N 89 -14.70 20.26 41.16
CA GLN N 89 -15.41 21.16 40.28
C GLN N 89 -15.11 20.72 38.84
N THR N 90 -16.08 20.87 37.95
CA THR N 90 -15.88 20.61 36.55
C THR N 90 -16.18 21.86 35.75
N ILE N 91 -15.31 22.14 34.80
CA ILE N 91 -15.44 23.31 33.96
C ILE N 91 -15.23 22.92 32.49
N CYS N 92 -16.28 23.04 31.69
CA CYS N 92 -16.22 22.74 30.30
C CYS N 92 -15.76 23.95 29.52
N ILE N 93 -14.61 23.84 28.89
CA ILE N 93 -14.09 24.87 28.00
C ILE N 93 -14.10 24.26 26.63
N GLY N 94 -14.54 24.95 25.61
CA GLY N 94 -14.60 24.24 24.28
C GLY N 94 -15.71 23.15 24.10
N MET N 95 -15.41 21.90 24.43
CA MET N 95 -16.30 20.79 24.11
C MET N 95 -16.27 19.72 25.20
N ALA N 96 -17.42 19.20 25.52
CA ALA N 96 -17.53 18.00 26.32
C ALA N 96 -18.55 17.12 25.66
N ALA N 97 -18.06 16.09 24.98
CA ALA N 97 -18.92 15.14 24.28
C ALA N 97 -18.80 13.74 24.81
N SER N 98 -19.90 12.99 24.76
CA SER N 98 -19.96 11.57 25.19
C SER N 98 -19.55 11.44 26.64
N MET N 99 -18.52 10.68 26.90
CA MET N 99 -17.97 10.50 28.23
C MET N 99 -17.46 11.80 28.87
N GLY N 100 -16.98 12.72 28.03
CA GLY N 100 -16.61 14.05 28.48
C GLY N 100 -17.78 14.78 29.12
N SER N 101 -18.94 14.67 28.50
CA SER N 101 -20.14 15.31 29.09
C SER N 101 -20.63 14.57 30.32
N PHE N 102 -20.42 13.24 30.34
CA PHE N 102 -20.75 12.44 31.49
C PHE N 102 -19.90 12.90 32.69
N LEU N 103 -18.62 13.10 32.43
CA LEU N 103 -17.71 13.58 33.47
C LEU N 103 -17.99 15.02 33.89
N LEU N 104 -18.36 15.88 32.94
CA LEU N 104 -18.75 17.22 33.25
C LEU N 104 -19.92 17.19 34.29
N ALA N 105 -20.90 16.34 34.04
CA ALA N 105 -22.03 16.17 34.90
C ALA N 105 -21.75 15.55 36.27
N ALA N 106 -20.60 14.92 36.38
CA ALA N 106 -20.14 14.22 37.54
C ALA N 106 -19.43 15.09 38.60
N GLY N 107 -19.24 16.37 38.30
CA GLY N 107 -18.65 17.26 39.25
C GLY N 107 -19.53 17.48 40.47
N ALA N 108 -18.98 18.09 41.48
CA ALA N 108 -19.72 18.35 42.71
C ALA N 108 -20.92 19.25 42.42
N LYS N 109 -22.07 18.91 43.00
CA LYS N 109 -23.34 19.57 42.73
C LYS N 109 -23.17 21.03 43.20
N GLY N 110 -23.52 21.99 42.37
CA GLY N 110 -23.27 23.39 42.56
C GLY N 110 -21.98 23.91 41.97
N LYS N 111 -21.07 23.04 41.54
CA LYS N 111 -19.75 23.44 41.03
C LYS N 111 -19.40 22.82 39.64
N ARG N 112 -20.42 22.71 38.79
CA ARG N 112 -20.28 22.28 37.42
C ARG N 112 -20.59 23.48 36.55
N PHE N 113 -19.61 23.85 35.73
CA PHE N 113 -19.65 25.05 34.94
C PHE N 113 -19.32 24.77 33.47
N ALA N 114 -19.75 25.68 32.63
CA ALA N 114 -19.25 25.78 31.29
C ALA N 114 -19.12 27.24 30.92
N LEU N 115 -18.17 27.47 30.04
CA LEU N 115 -17.98 28.75 29.41
C LEU N 115 -19.08 29.00 28.37
N PRO N 116 -19.37 30.25 28.05
CA PRO N 116 -20.61 30.56 27.30
C PRO N 116 -20.76 29.95 25.95
N ASN N 117 -19.64 29.75 25.25
CA ASN N 117 -19.71 29.21 23.91
C ASN N 117 -19.34 27.74 23.83
N ALA N 118 -19.17 27.11 24.98
CA ALA N 118 -18.80 25.73 25.03
C ALA N 118 -19.91 24.84 24.55
N GLU N 119 -19.55 23.72 24.02
CA GLU N 119 -20.47 22.79 23.38
C GLU N 119 -20.51 21.50 24.20
N VAL N 120 -21.72 21.04 24.51
CA VAL N 120 -21.94 19.83 25.26
C VAL N 120 -22.71 18.89 24.36
N MET N 121 -22.27 17.63 24.26
CA MET N 121 -22.98 16.66 23.49
C MET N 121 -23.20 15.36 24.23
N ILE N 122 -24.43 14.84 24.14
CA ILE N 122 -24.78 13.56 24.74
C ILE N 122 -25.31 12.62 23.68
N HIS N 123 -25.02 11.34 23.84
CA HIS N 123 -25.43 10.29 22.94
C HIS N 123 -25.28 8.91 23.54
N GLN N 124 -25.69 7.88 22.86
CA GLN N 124 -25.55 6.54 23.36
C GLN N 124 -24.14 6.02 23.07
N PRO N 125 -23.69 5.05 23.88
CA PRO N 125 -22.41 4.41 23.63
C PRO N 125 -22.30 3.66 22.31
N LEU N 126 -21.06 3.64 21.79
CA LEU N 126 -20.71 3.04 20.52
C LEU N 126 -19.89 1.77 20.71
N GLY N 127 -19.96 0.81 19.82
CA GLY N 127 -19.15 -0.40 19.89
C GLY N 127 -19.30 -1.30 18.72
N GLY N 128 -19.06 -2.57 18.94
CA GLY N 128 -18.92 -3.48 17.83
C GLY N 128 -18.92 -4.90 18.31
N ALA N 129 -19.15 -5.84 17.38
CA ALA N 129 -19.16 -7.25 17.70
C ALA N 129 -19.05 -7.96 16.38
N GLN N 130 -18.27 -9.02 16.36
CA GLN N 130 -18.06 -9.84 15.21
C GLN N 130 -18.09 -11.29 15.68
N GLY N 131 -18.70 -12.21 14.96
CA GLY N 131 -18.54 -13.63 15.30
C GLY N 131 -19.80 -14.45 15.23
N GLN N 132 -19.86 -15.46 16.07
CA GLN N 132 -21.02 -16.34 16.19
C GLN N 132 -22.22 -15.56 16.81
N ALA N 133 -23.43 -16.00 16.47
CA ALA N 133 -24.66 -15.43 17.05
C ALA N 133 -24.61 -15.22 18.57
N THR N 134 -24.17 -16.25 19.26
CA THR N 134 -23.95 -16.21 20.69
C THR N 134 -22.96 -15.14 21.15
N GLU N 135 -21.88 -14.93 20.41
CA GLU N 135 -20.91 -13.88 20.74
C GLU N 135 -21.53 -12.53 20.53
N ILE N 136 -22.32 -12.37 19.47
CA ILE N 136 -22.94 -11.10 19.23
C ILE N 136 -23.97 -10.77 20.31
N GLU N 137 -24.66 -11.79 20.80
CA GLU N 137 -25.61 -11.67 21.84
C GLU N 137 -24.94 -11.15 23.14
N ILE N 138 -23.82 -11.78 23.51
CA ILE N 138 -23.06 -11.35 24.66
C ILE N 138 -22.63 -9.90 24.54
N ALA N 139 -22.08 -9.53 23.39
CA ALA N 139 -21.66 -8.16 23.18
C ALA N 139 -22.83 -7.16 23.23
N ALA N 140 -23.95 -7.53 22.65
CA ALA N 140 -25.15 -6.69 22.69
C ALA N 140 -25.66 -6.48 24.12
N ASN N 141 -25.81 -7.58 24.88
CA ASN N 141 -26.18 -7.50 26.29
C ASN N 141 -25.23 -6.60 27.09
N HIS N 142 -23.94 -6.74 26.86
CA HIS N 142 -22.99 -5.93 27.57
C HIS N 142 -23.13 -4.43 27.24
N ILE N 143 -23.23 -4.10 25.94
CA ILE N 143 -23.29 -2.70 25.62
C ILE N 143 -24.67 -2.08 26.11
N LEU N 144 -25.75 -2.86 26.07
CA LEU N 144 -27.01 -2.40 26.62
C LEU N 144 -26.98 -2.16 28.12
N LYS N 145 -26.33 -3.05 28.87
CA LYS N 145 -26.12 -2.89 30.30
C LYS N 145 -25.24 -1.62 30.60
N THR N 146 -24.23 -1.37 29.78
CA THR N 146 -23.39 -0.21 29.91
C THR N 146 -24.25 1.05 29.72
N ARG N 147 -25.12 1.03 28.72
CA ARG N 147 -25.98 2.15 28.47
C ARG N 147 -26.95 2.42 29.62
N GLU N 148 -27.55 1.38 30.18
CA GLU N 148 -28.44 1.53 31.32
C GLU N 148 -27.71 2.16 32.50
N LYS N 149 -26.48 1.74 32.74
CA LYS N 149 -25.67 2.26 33.84
C LYS N 149 -25.37 3.76 33.62
N LEU N 150 -24.97 4.15 32.40
CA LEU N 150 -24.72 5.54 32.11
C LEU N 150 -25.98 6.37 32.31
N ASN N 151 -27.09 5.89 31.76
CA ASN N 151 -28.34 6.61 31.82
C ASN N 151 -28.86 6.78 33.24
N ARG N 152 -28.71 5.75 34.05
CA ARG N 152 -29.15 5.82 35.41
C ARG N 152 -28.39 6.89 36.15
N ILE N 153 -27.05 6.90 36.00
CA ILE N 153 -26.25 7.90 36.67
C ILE N 153 -26.57 9.30 36.18
N LEU N 154 -26.72 9.45 34.90
CA LEU N 154 -27.05 10.77 34.32
C LEU N 154 -28.42 11.30 34.83
N SER N 155 -29.35 10.38 35.01
CA SER N 155 -30.64 10.69 35.59
C SER N 155 -30.45 11.32 37.02
N GLU N 156 -29.68 10.64 37.87
CA GLU N 156 -29.41 11.12 39.17
C GLU N 156 -28.68 12.46 39.18
N ARG N 157 -27.72 12.61 38.30
CA ARG N 157 -26.93 13.82 38.22
C ARG N 157 -27.66 15.01 37.61
N THR N 158 -28.58 14.80 36.67
CA THR N 158 -29.30 15.88 36.07
C THR N 158 -30.70 16.17 36.63
N GLY N 159 -31.29 15.24 37.38
CA GLY N 159 -32.68 15.35 37.72
C GLY N 159 -33.66 15.00 36.65
N GLN N 160 -33.25 14.61 35.46
CA GLN N 160 -34.20 14.17 34.41
C GLN N 160 -34.53 12.71 34.64
N SER N 161 -35.72 12.31 34.20
CA SER N 161 -36.07 10.89 34.28
C SER N 161 -35.18 10.01 33.29
N ILE N 162 -35.07 8.75 33.63
CA ILE N 162 -34.38 7.81 32.83
C ILE N 162 -34.96 7.70 31.41
N GLU N 163 -36.26 7.76 31.32
CA GLU N 163 -36.96 7.73 30.02
C GLU N 163 -36.60 8.93 29.16
N LYS N 164 -36.55 10.11 29.77
CA LYS N 164 -36.17 11.30 29.03
C LYS N 164 -34.68 11.21 28.55
N ILE N 165 -33.79 10.70 29.40
CA ILE N 165 -32.39 10.54 29.07
C ILE N 165 -32.26 9.54 27.88
N GLN N 166 -32.98 8.45 27.94
CA GLN N 166 -32.99 7.42 26.92
C GLN N 166 -33.38 8.03 25.54
N LYS N 167 -34.45 8.77 25.52
CA LYS N 167 -34.89 9.42 24.33
C LYS N 167 -33.91 10.50 23.80
N ASP N 168 -33.37 11.30 24.69
CA ASP N 168 -32.56 12.43 24.35
C ASP N 168 -31.11 11.99 23.99
N THR N 169 -30.69 10.77 24.32
CA THR N 169 -29.40 10.25 23.95
C THR N 169 -29.43 9.27 22.78
N ASP N 170 -30.59 9.10 22.19
CA ASP N 170 -30.78 8.11 21.15
C ASP N 170 -29.91 8.39 19.92
N ARG N 171 -29.78 9.64 19.58
CA ARG N 171 -28.86 10.17 18.61
C ARG N 171 -28.08 11.32 19.21
N ASP N 172 -27.07 11.77 18.51
CA ASP N 172 -26.27 12.89 18.87
C ASP N 172 -27.13 14.09 19.19
N ASN N 173 -26.97 14.63 20.38
CA ASN N 173 -27.72 15.75 20.86
C ASN N 173 -26.74 16.84 21.38
N PHE N 174 -26.64 17.90 20.59
CA PHE N 174 -25.79 19.04 20.87
C PHE N 174 -26.49 20.08 21.71
N LEU N 175 -25.90 20.46 22.83
CA LEU N 175 -26.45 21.49 23.72
C LEU N 175 -25.53 22.66 23.80
N THR N 176 -26.13 23.86 23.78
CA THR N 176 -25.40 25.04 24.21
C THR N 176 -25.14 25.00 25.72
N ALA N 177 -24.27 25.85 26.18
CA ALA N 177 -23.96 25.93 27.62
C ALA N 177 -25.25 26.24 28.43
N GLU N 178 -26.03 27.20 27.92
CA GLU N 178 -27.28 27.54 28.57
C GLU N 178 -28.24 26.36 28.60
N GLU N 179 -28.31 25.64 27.48
CA GLU N 179 -29.12 24.44 27.42
C GLU N 179 -28.67 23.33 28.34
N ALA N 180 -27.36 23.17 28.47
CA ALA N 180 -26.79 22.18 29.37
C ALA N 180 -27.15 22.50 30.83
N LYS N 181 -27.20 23.80 31.15
CA LYS N 181 -27.66 24.21 32.45
C LYS N 181 -29.14 23.91 32.70
N GLU N 182 -29.99 24.28 31.75
CA GLU N 182 -31.40 23.91 31.77
C GLU N 182 -31.62 22.42 31.90
N TYR N 183 -30.79 21.64 31.25
CA TYR N 183 -30.90 20.21 31.32
C TYR N 183 -30.49 19.61 32.67
N GLY N 184 -29.66 20.32 33.43
CA GLY N 184 -29.06 19.80 34.67
C GLY N 184 -27.69 19.13 34.52
N LEU N 185 -27.06 19.21 33.36
CA LEU N 185 -25.70 18.73 33.19
C LEU N 185 -24.64 19.61 33.87
N ILE N 186 -24.92 20.91 33.96
CA ILE N 186 -24.09 21.84 34.72
C ILE N 186 -25.00 22.70 35.59
N ASP N 187 -24.41 23.46 36.51
CA ASP N 187 -25.14 24.39 37.40
C ASP N 187 -25.10 25.81 36.95
N GLU N 188 -24.01 26.26 36.34
CA GLU N 188 -23.89 27.66 35.92
C GLU N 188 -23.09 27.78 34.62
N VAL N 189 -23.43 28.77 33.86
CA VAL N 189 -22.65 29.25 32.76
C VAL N 189 -21.75 30.31 33.36
N MET N 190 -20.43 30.18 33.25
CA MET N 190 -19.53 31.21 33.79
C MET N 190 -19.58 32.39 32.83
N VAL N 191 -20.03 33.53 33.27
CA VAL N 191 -20.15 34.68 32.45
C VAL N 191 -18.94 35.59 32.80
N PRO N 192 -18.45 36.38 31.80
CA PRO N 192 -17.16 36.98 31.93
C PRO N 192 -17.12 38.12 32.92
N PHE O 2 -42.08 -19.49 -10.51
CA PHE O 2 -42.87 -20.08 -9.44
C PHE O 2 -44.34 -20.15 -9.92
N SER O 3 -44.71 -21.14 -10.75
CA SER O 3 -46.09 -21.23 -11.31
C SER O 3 -46.86 -22.43 -10.78
N PRO O 4 -48.11 -22.26 -10.34
CA PRO O 4 -48.81 -20.97 -10.34
C PRO O 4 -48.49 -19.99 -9.18
N ALA O 6 -46.66 -17.10 -10.83
CA ALA O 6 -45.74 -16.09 -11.24
C ALA O 6 -44.50 -16.66 -11.98
N PHE P 2 -24.18 -39.91 -10.27
CA PHE P 2 -23.94 -41.09 -9.45
C PHE P 2 -25.12 -42.10 -9.60
N SER P 3 -25.26 -42.82 -10.72
CA SER P 3 -26.43 -43.67 -10.99
C SER P 3 -26.10 -45.16 -11.01
N PRO P 4 -26.87 -46.00 -10.28
CA PRO P 4 -28.06 -45.57 -9.50
C PRO P 4 -27.84 -44.99 -8.06
N ALA P 6 -28.79 -41.34 -8.49
CA ALA P 6 -28.87 -39.87 -8.53
C ALA P 6 -28.08 -39.21 -9.68
N PHE Q 2 -0.42 -41.49 -23.42
CA PHE Q 2 0.79 -42.31 -23.39
C PHE Q 2 0.38 -43.79 -23.72
N SER Q 3 0.18 -44.13 -24.99
CA SER Q 3 -0.30 -45.44 -25.45
C SER Q 3 0.74 -46.23 -26.24
N PRO Q 4 1.00 -47.47 -25.86
CA PRO Q 4 0.26 -48.19 -24.79
C PRO Q 4 0.74 -47.98 -23.37
N ALA Q 6 -2.10 -46.03 -21.71
CA ALA Q 6 -3.00 -45.12 -21.04
C ALA Q 6 -3.31 -43.83 -21.84
N PHE R 2 10.92 -23.14 -39.92
CA PHE R 2 12.25 -22.89 -40.47
C PHE R 2 12.59 -24.06 -41.43
N SER R 3 12.09 -24.06 -42.68
CA SER R 3 12.19 -25.23 -43.57
C SER R 3 12.96 -24.93 -44.87
N PRO R 4 13.93 -25.75 -45.26
CA PRO R 4 14.30 -26.98 -44.55
C PRO R 4 15.24 -26.84 -43.34
N ALA R 6 13.08 -27.76 -40.38
CA ALA R 6 12.24 -27.85 -39.20
C ALA R 6 10.98 -27.03 -39.20
N PHE S 2 1.46 1.07 -47.54
CA PHE S 2 1.95 2.30 -48.13
C PHE S 2 2.31 1.95 -49.61
N SER S 3 1.33 1.80 -50.48
CA SER S 3 1.61 1.37 -51.85
C SER S 3 1.37 2.42 -52.91
N PRO S 4 2.29 2.53 -53.92
CA PRO S 4 3.62 1.84 -53.95
C PRO S 4 4.76 2.32 -53.02
N ALA S 6 5.04 -0.65 -50.59
CA ALA S 6 5.20 -1.53 -49.44
C ALA S 6 3.89 -1.77 -48.73
N PHE T 2 -21.70 13.42 -40.34
CA PHE T 2 -22.27 14.78 -40.34
C PHE T 2 -22.44 15.22 -41.81
N SER T 3 -23.40 14.65 -42.55
CA SER T 3 -23.60 14.89 -43.99
C SER T 3 -24.82 15.75 -44.30
N PRO T 4 -24.69 16.78 -45.16
CA PRO T 4 -23.43 17.12 -45.88
C PRO T 4 -22.42 18.01 -45.11
N ALA T 6 -19.57 15.51 -44.48
CA ALA T 6 -18.50 14.68 -43.94
C ALA T 6 -19.02 13.45 -43.23
N PHE U 2 -41.17 4.31 -23.85
CA PHE U 2 -42.32 4.85 -23.14
C PHE U 2 -43.33 5.34 -24.19
N SER U 3 -44.15 4.45 -24.82
CA SER U 3 -45.05 4.84 -25.93
C SER U 3 -46.52 4.67 -25.57
N PRO U 4 -47.36 5.66 -25.87
CA PRO U 4 -46.96 6.94 -26.50
C PRO U 4 -46.33 8.02 -25.57
N ALA U 6 -42.71 8.20 -26.80
CA ALA U 6 -41.26 8.22 -26.96
C ALA U 6 -40.61 6.81 -26.87
N PHE V 2 6.49 43.22 19.27
CA PHE V 2 6.40 44.38 18.40
C PHE V 2 6.08 45.60 19.28
N SER V 3 7.10 46.21 19.94
CA SER V 3 6.92 47.32 20.88
C SER V 3 7.59 48.61 20.33
N PRO V 4 6.83 49.75 20.33
CA PRO V 4 5.45 49.86 20.88
C PRO V 4 4.29 49.45 19.93
N ALA V 6 2.96 46.21 21.57
CA ALA V 6 2.43 44.90 21.87
C ALA V 6 3.54 43.87 22.03
N PHE W 2 30.46 35.36 8.98
CA PHE W 2 31.34 35.79 7.89
C PHE W 2 31.86 37.21 8.23
N SER W 3 32.87 37.32 9.10
CA SER W 3 33.30 38.64 9.57
C SER W 3 34.73 38.91 9.13
N PRO W 4 34.99 40.14 8.65
CA PRO W 4 33.97 41.24 8.47
C PRO W 4 33.15 41.16 7.19
N ALA W 6 29.66 40.34 8.63
CA ALA W 6 28.34 39.81 8.97
C ALA W 6 28.38 38.57 9.86
N PHE X 2 44.21 12.27 12.73
CA PHE X 2 45.33 11.56 12.13
C PHE X 2 46.59 12.41 12.26
N SER X 3 47.25 12.43 13.42
CA SER X 3 48.38 13.33 13.69
C SER X 3 49.66 12.52 13.89
N PRO X 4 50.81 12.98 13.28
CA PRO X 4 50.84 14.20 12.41
C PRO X 4 50.36 13.96 10.97
N ALA X 6 47.17 15.94 10.66
CA ALA X 6 45.82 16.46 10.55
C ALA X 6 44.86 16.05 11.65
N PHE Y 2 37.23 -8.53 28.51
CA PHE Y 2 37.56 -9.94 28.70
C PHE Y 2 39.02 -9.85 29.14
N SER Y 3 39.28 -9.61 30.43
CA SER Y 3 40.63 -9.48 30.99
C SER Y 3 40.98 -10.56 32.01
N PRO Y 4 42.15 -11.20 31.90
CA PRO Y 4 43.15 -10.91 30.83
C PRO Y 4 42.94 -11.53 29.44
N ALA Y 6 42.12 -8.56 27.27
CA ALA Y 6 41.61 -7.58 26.32
C ALA Y 6 40.46 -6.75 26.87
N PHE Z 2 14.91 -11.75 43.80
CA PHE Z 2 14.20 -12.86 44.46
C PHE Z 2 15.13 -13.36 45.54
N SER Z 3 15.20 -12.68 46.70
CA SER Z 3 16.18 -13.01 47.73
C SER Z 3 15.48 -13.51 49.04
N PRO Z 4 15.98 -14.63 49.64
CA PRO Z 4 17.12 -15.45 49.14
C PRO Z 4 16.83 -16.44 48.01
N ALA Z 6 18.65 -14.92 45.07
CA ALA Z 6 19.04 -14.39 43.77
C ALA Z 6 18.60 -12.94 43.54
N PHE AA 2 -6.28 5.12 47.24
CA PHE AA 2 -7.66 5.06 47.70
C PHE AA 2 -7.59 4.73 49.19
N SER AA 3 -7.17 5.69 50.03
CA SER AA 3 -7.01 5.46 51.46
C SER AA 3 -8.11 6.13 52.33
N PRO AA 4 -8.69 5.39 53.29
CA PRO AA 4 -8.34 4.01 53.62
C PRO AA 4 -9.04 2.94 52.76
N ALA AA 6 -6.07 1.50 50.75
CA ALA AA 6 -5.14 0.99 49.75
C ALA AA 6 -4.45 2.13 49.02
N PHE BA 2 -9.98 29.70 36.16
CA PHE BA 2 -11.08 30.64 35.96
C PHE BA 2 -11.57 31.14 37.32
N SER BA 3 -10.81 32.02 37.99
CA SER BA 3 -11.13 32.49 39.34
C SER BA 3 -11.63 33.96 39.40
N PRO BA 4 -12.77 34.21 40.10
CA PRO BA 4 -13.54 33.23 40.89
C PRO BA 4 -14.59 32.41 40.10
N ALA BA 6 -13.10 28.83 40.17
CA ALA BA 6 -12.58 27.51 39.89
C ALA BA 6 -11.16 27.53 39.34
#